data_6M5V
#
_entry.id   6M5V
#
loop_
_entity.id
_entity.type
_entity.pdbx_description
1 polymer 'Tripartite terminase subunit 3'
2 polymer 'Tripartite terminase subunit 1'
3 polymer 'Tripartite terminase subunit 2'
4 non-polymer "ADENOSINE-5'-DIPHOSPHATE"
5 non-polymer 'BERYLLIUM TRIFLUORIDE ION'
6 non-polymer 'MAGNESIUM ION'
7 non-polymer 'ZINC ION'
#
loop_
_entity_poly.entity_id
_entity_poly.type
_entity_poly.pdbx_seq_one_letter_code
_entity_poly.pdbx_strand_id
1 'polypeptide(L)'
;GDALRVPFLDFATATPKRHQTVVPGVGTLHDCCEHSPLFSAVARRLLFNSLVPAQLKGRDFGGDHTAKLEFLAPELVRAV
ARLRFKECAPADVVPQRNAYYSVLNTFQALHRSEAFRQLVHFVRDFAQLLKTSFRASSLTETTGPPKKRAKVDVATHGRT
YGTLELFQKMILMHATYFLAAVLLGDHAEQVNTFLRLVFEIPLFSDAAVRHFRQRATVFLVPRRHGKTWFLVPLIALSLA
SFRGIKIGYTAHIRKATEPVFEEIDACLRGWFGSARVDHVKGETISFSFPDGSRSTIVFASSHNTNGIRGQDFNLLFVDE
ANFIRPDAVQTIMGFLNQANCKIIFVSSTNTGKASTSFLYNLRGAADELLNVVTYICDDHMPRVVTHTNATACSCYILNK
PVFITMDGAVRRTADLFLADSFMQEIIGGQARETGDDRPVLTKSAGERFLLYRPSTTTNSGLMAPDLYVYVDPAFTANTR
ASGTGVAVVGRYRDDYIIFALEHFFLRALTGSAPADIARCVVHSLTQVLALHPGAFRGVRVAVEGNSSQDSAVAIATHVH
TEMHRLLASEGADAGSGPELLFYHCEPPGSAVLYPFFLLNKQKTPAFEHFIKKFNSGGVMASQEIVSATVRLQTDPVEYL
LEQLNNLTETVSPNTDVRTYSGKRNGASDDLMVAVIMAIYLAAQAGPPHT
;
A
2 'polypeptide(L)'
;AAPVSEPTVARQKLLALLGQVQTYVFQIELLRRCDPHIGRGKLPQLKLNALQVRALRRRLRPGLEAQAGAFLTPLSVTLE
LLLEYAWREGERLLGSLETFATAGDVAAFFTETMGLARPCPYHQRVRLDTYGGTVHMELCFLHDVENFLKQLNYCHLITP
SRGATAALERVREFMVGAVGSGLIVPPELSDPSHPCAVCFEELCVTANQGATIASRLADRICNHVTQQAQVRLDANELRR
YLPHAAGLSDADRARALSVLDHALARTAGGDGQPHPSPENDSVRKEADALLEAHDVFQATTPGLYAISELQFWLASGDRA
GQTTMDAFASNLTALARRELQQETAAVAVELALFGRRAEHFDRAFGSHLAALDMVDALIIGGQATSPDDQIEALIRACYD
HHLTTPLLRRLVSPEQCDEEALRRVLARMGAGGAADAPKGGAGPDDDGDRVAVEEGARGLGAPGGGGEDEDRRRGPGGQG
PETWGDIATQAAADVRERRRLYADRLTKRSLASLGRCVREQRGELEKMLRVSVHGEVLPATFAAVANGFAARARFCALTA
GAGTVIDNRSAPGVFDAHRFMRASLLRHQVDPALLPSITHRFFELVNGPLFDHSTHSFAQPPNTALYYSVENVGLLPHLK
EELARFIMGAGGSGADWAVSEFQRFYCFDGISGITPTQRAAWRYIRELIIATTLFASVYRCGELELRRPDCSRPTSEGRY
RYPPGVYLTYDSDCPLVAIVESAPDGCIGPRSVVVYDRDVFSILYSVLQHL
;
B
3 'polypeptide(L)'
;LRDTIPDCALRSQTLESLDARYVSRDGAHDAAVWFEDMTPAELEVVFPTTDAKLNYLSRTQRLASLLTYAGPIKAPDDAA
APQTPDTACVHGELLARKRERFAAVINRFLDLHQILR
;
C
#
# COMPACT_ATOMS: atom_id res chain seq x y z
N GLY A 1 24.13 13.84 -14.59
CA GLY A 1 23.50 15.01 -14.00
C GLY A 1 23.10 16.05 -15.02
N ASP A 2 21.80 16.12 -15.31
CA ASP A 2 21.27 17.08 -16.28
C ASP A 2 20.27 18.06 -15.66
N ALA A 3 19.33 17.58 -14.85
CA ALA A 3 18.30 18.45 -14.30
C ALA A 3 18.80 19.37 -13.19
N LEU A 4 20.06 19.20 -12.75
CA LEU A 4 20.60 20.07 -11.72
C LEU A 4 21.19 21.36 -12.28
N ARG A 5 21.39 21.44 -13.60
CA ARG A 5 22.02 22.58 -14.24
C ARG A 5 21.01 23.44 -15.00
N VAL A 6 19.81 23.61 -14.45
CA VAL A 6 18.73 24.31 -15.15
C VAL A 6 18.72 25.78 -14.74
N PRO A 7 18.46 26.71 -15.68
CA PRO A 7 18.43 28.13 -15.31
C PRO A 7 17.22 28.52 -14.48
N PHE A 8 17.04 29.82 -14.25
CA PHE A 8 16.16 30.29 -13.18
C PHE A 8 14.69 30.00 -13.47
N LEU A 9 14.24 30.21 -14.71
CA LEU A 9 12.81 30.14 -15.01
C LEU A 9 12.05 31.16 -14.18
N ASP A 10 12.14 32.44 -14.58
CA ASP A 10 11.69 33.58 -13.78
C ASP A 10 10.41 33.30 -12.99
N PHE A 11 9.30 33.02 -13.68
CA PHE A 11 8.14 32.38 -13.07
C PHE A 11 7.61 33.19 -11.88
N ALA A 12 7.05 34.34 -12.20
CA ALA A 12 6.42 35.17 -11.17
C ALA A 12 5.12 34.53 -10.68
N THR A 13 4.72 34.90 -9.47
CA THR A 13 3.55 34.32 -8.83
C THR A 13 2.96 35.32 -7.85
N ALA A 14 1.70 35.09 -7.46
CA ALA A 14 0.95 36.05 -6.67
C ALA A 14 0.92 35.74 -5.17
N THR A 15 1.36 34.56 -4.77
CA THR A 15 1.24 34.17 -3.37
C THR A 15 2.21 34.99 -2.52
N PRO A 16 1.82 35.36 -1.29
CA PRO A 16 2.71 36.15 -0.44
C PRO A 16 3.91 35.32 0.02
N LYS A 17 4.99 36.04 0.35
CA LYS A 17 6.21 35.35 0.80
C LYS A 17 5.99 34.60 2.10
N ARG A 18 5.03 35.06 2.92
CA ARG A 18 4.76 34.38 4.18
C ARG A 18 4.27 32.95 3.97
N HIS A 19 3.95 32.56 2.75
CA HIS A 19 3.48 31.22 2.43
C HIS A 19 4.38 30.46 1.48
N GLN A 20 4.96 31.13 0.49
CA GLN A 20 5.64 30.43 -0.60
C GLN A 20 6.83 29.63 -0.08
N THR A 21 7.14 28.54 -0.79
CA THR A 21 8.27 27.69 -0.49
C THR A 21 9.10 27.52 -1.75
N VAL A 22 10.30 26.97 -1.58
CA VAL A 22 11.25 26.80 -2.67
C VAL A 22 11.43 25.31 -2.91
N VAL A 23 10.84 24.80 -3.99
CA VAL A 23 11.08 23.43 -4.41
C VAL A 23 12.30 23.43 -5.32
N PRO A 24 13.17 22.42 -5.25
CA PRO A 24 14.36 22.43 -6.10
C PRO A 24 14.00 22.21 -7.56
N GLY A 25 14.87 22.71 -8.43
CA GLY A 25 14.67 22.58 -9.87
C GLY A 25 13.72 23.59 -10.44
N VAL A 26 12.66 23.91 -9.69
CA VAL A 26 11.64 24.85 -10.11
C VAL A 26 11.77 26.09 -9.24
N GLY A 27 10.97 27.12 -9.52
CA GLY A 27 11.06 28.35 -8.77
C GLY A 27 10.41 28.27 -7.41
N THR A 28 9.70 29.33 -7.02
CA THR A 28 9.07 29.42 -5.71
C THR A 28 7.57 29.24 -5.86
N LEU A 29 7.01 28.28 -5.11
CA LEU A 29 5.61 27.92 -5.22
C LEU A 29 4.93 28.06 -3.86
N HIS A 30 3.60 28.15 -3.91
CA HIS A 30 2.80 28.24 -2.69
C HIS A 30 3.04 27.02 -1.81
N ASP A 31 2.75 27.18 -0.53
CA ASP A 31 3.08 26.14 0.45
C ASP A 31 2.27 24.87 0.25
N CYS A 32 1.06 24.97 -0.32
CA CYS A 32 0.25 23.78 -0.54
C CYS A 32 0.96 22.77 -1.44
N CYS A 33 1.75 23.25 -2.40
CA CYS A 33 2.49 22.37 -3.28
C CYS A 33 3.55 21.56 -2.55
N GLU A 34 3.77 21.79 -1.26
CA GLU A 34 4.68 20.97 -0.49
C GLU A 34 3.95 19.96 0.38
N HIS A 35 2.63 20.07 0.48
CA HIS A 35 1.85 19.13 1.27
C HIS A 35 1.23 18.02 0.44
N SER A 36 1.07 18.22 -0.87
CA SER A 36 0.41 17.25 -1.72
C SER A 36 1.44 16.31 -2.31
N PRO A 37 1.47 15.02 -1.93
CA PRO A 37 2.42 14.09 -2.54
C PRO A 37 2.16 13.81 -4.01
N LEU A 38 1.08 14.36 -4.58
CA LEU A 38 0.83 14.19 -6.01
C LEU A 38 1.84 14.98 -6.83
N PHE A 39 2.14 16.21 -6.39
CA PHE A 39 3.11 17.05 -7.09
C PHE A 39 4.48 16.99 -6.44
N SER A 40 4.53 16.82 -5.13
CA SER A 40 5.82 16.75 -4.42
C SER A 40 6.65 15.57 -4.90
N ALA A 41 6.05 14.39 -4.94
CA ALA A 41 6.77 13.18 -5.36
C ALA A 41 7.09 13.17 -6.85
N VAL A 42 6.61 14.15 -7.61
CA VAL A 42 7.01 14.28 -9.01
C VAL A 42 8.13 15.29 -9.16
N ALA A 43 7.99 16.46 -8.51
CA ALA A 43 9.07 17.45 -8.52
C ALA A 43 10.29 16.98 -7.75
N ARG A 44 10.18 15.90 -6.97
CA ARG A 44 11.31 15.35 -6.24
C ARG A 44 12.00 14.23 -6.99
N ARG A 45 11.28 13.53 -7.87
CA ARG A 45 11.85 12.42 -8.63
C ARG A 45 12.46 12.87 -9.95
N LEU A 46 11.85 13.84 -10.63
CA LEU A 46 12.44 14.34 -11.87
C LEU A 46 13.78 15.01 -11.66
N LEU A 47 14.15 15.31 -10.42
CA LEU A 47 15.45 15.87 -10.09
C LEU A 47 16.45 14.77 -9.74
N PHE A 48 16.11 13.93 -8.75
CA PHE A 48 16.97 12.80 -8.41
C PHE A 48 17.13 11.82 -9.55
N ASN A 49 16.35 11.94 -10.62
CA ASN A 49 16.53 11.13 -11.80
C ASN A 49 17.76 11.52 -12.59
N SER A 50 18.46 12.58 -12.18
CA SER A 50 19.70 13.01 -12.81
C SER A 50 20.93 12.54 -12.07
N LEU A 51 20.84 12.36 -10.75
CA LEU A 51 21.97 11.83 -10.00
C LEU A 51 22.20 10.36 -10.32
N VAL A 52 21.13 9.62 -10.61
CA VAL A 52 21.23 8.21 -10.98
C VAL A 52 22.03 8.10 -12.27
N PRO A 53 23.13 7.34 -12.28
CA PRO A 53 23.95 7.24 -13.50
C PRO A 53 23.23 6.56 -14.65
N ALA A 54 23.88 6.49 -15.81
CA ALA A 54 23.26 5.93 -16.99
C ALA A 54 23.27 4.41 -17.02
N GLN A 55 23.98 3.76 -16.10
CA GLN A 55 24.02 2.31 -16.03
C GLN A 55 23.02 1.75 -15.04
N LEU A 56 22.14 2.58 -14.49
CA LEU A 56 21.15 2.15 -13.51
C LEU A 56 19.73 2.55 -13.90
N LYS A 57 19.53 2.91 -15.17
CA LYS A 57 18.19 3.22 -15.64
C LYS A 57 17.43 1.94 -16.00
N GLY A 58 18.14 0.91 -16.43
CA GLY A 58 17.52 -0.36 -16.74
C GLY A 58 18.16 -0.97 -17.98
N ARG A 59 17.53 -2.04 -18.46
CA ARG A 59 17.97 -2.65 -19.70
C ARG A 59 17.50 -1.84 -20.91
N ASP A 60 16.20 -1.60 -20.99
CA ASP A 60 15.61 -0.74 -22.01
C ASP A 60 14.92 0.41 -21.29
N PHE A 61 15.51 1.61 -21.39
CA PHE A 61 15.01 2.78 -20.68
C PHE A 61 14.78 3.98 -21.58
N GLY A 62 15.20 3.93 -22.83
CA GLY A 62 15.22 5.09 -23.71
C GLY A 62 16.63 5.42 -24.14
N GLY A 63 16.72 6.42 -25.02
CA GLY A 63 18.00 6.81 -25.56
C GLY A 63 18.93 7.40 -24.52
N ASP A 64 18.60 8.57 -24.00
CA ASP A 64 19.44 9.27 -23.05
C ASP A 64 18.62 9.88 -21.92
N HIS A 65 17.65 9.13 -21.41
CA HIS A 65 16.84 9.56 -20.29
C HIS A 65 16.03 8.39 -19.78
N THR A 66 15.49 8.53 -18.56
CA THR A 66 14.55 7.56 -18.02
C THR A 66 13.17 7.88 -18.60
N ALA A 67 12.94 7.38 -19.81
CA ALA A 67 11.80 7.80 -20.62
C ALA A 67 10.46 7.64 -19.90
N LYS A 68 10.41 6.83 -18.84
CA LYS A 68 9.16 6.69 -18.10
C LYS A 68 9.05 7.68 -16.96
N LEU A 69 9.93 8.67 -16.88
CA LEU A 69 9.78 9.74 -15.91
C LEU A 69 9.88 11.10 -16.58
N GLU A 70 10.78 11.23 -17.56
CA GLU A 70 11.03 12.49 -18.24
C GLU A 70 10.92 12.27 -19.76
N PHE A 71 9.69 12.38 -20.26
CA PHE A 71 9.46 12.29 -21.70
C PHE A 71 8.33 13.23 -22.06
N LEU A 72 8.61 14.18 -22.95
CA LEU A 72 7.62 15.10 -23.46
C LEU A 72 7.49 14.89 -24.96
N ALA A 73 6.24 14.77 -25.43
CA ALA A 73 5.98 14.48 -26.83
C ALA A 73 6.56 15.59 -27.70
N PRO A 74 6.96 15.26 -28.94
CA PRO A 74 7.53 16.28 -29.83
C PRO A 74 6.57 17.39 -30.20
N GLU A 75 5.29 17.28 -29.80
CA GLU A 75 4.34 18.37 -29.98
C GLU A 75 4.05 19.11 -28.68
N LEU A 76 4.09 18.43 -27.55
CA LEU A 76 3.86 19.11 -26.27
C LEU A 76 5.04 19.99 -25.88
N VAL A 77 6.27 19.60 -26.26
CA VAL A 77 7.42 20.45 -25.95
C VAL A 77 7.40 21.72 -26.78
N ARG A 78 6.97 21.62 -28.04
CA ARG A 78 6.88 22.80 -28.90
C ARG A 78 5.70 23.69 -28.51
N ALA A 79 4.65 23.11 -27.93
CA ALA A 79 3.53 23.91 -27.44
C ALA A 79 3.78 24.46 -26.04
N VAL A 80 4.75 23.91 -25.32
CA VAL A 80 5.10 24.40 -24.00
C VAL A 80 6.17 25.48 -24.08
N ALA A 81 7.10 25.36 -25.03
CA ALA A 81 8.14 26.36 -25.19
C ALA A 81 7.59 27.73 -25.57
N ARG A 82 6.30 27.83 -25.88
CA ARG A 82 5.65 29.10 -26.15
C ARG A 82 4.81 29.59 -24.98
N LEU A 83 5.05 29.05 -23.79
CA LEU A 83 4.39 29.52 -22.57
C LEU A 83 5.32 30.47 -21.83
N ARG A 84 4.79 31.61 -21.40
CA ARG A 84 5.58 32.62 -20.72
C ARG A 84 4.79 33.16 -19.53
N PHE A 85 5.44 33.26 -18.39
CA PHE A 85 4.79 33.68 -17.16
C PHE A 85 4.86 35.22 -17.04
N LYS A 86 4.58 35.72 -15.83
CA LYS A 86 4.62 37.18 -15.51
C LYS A 86 6.09 37.66 -15.54
N GLU A 87 6.99 36.71 -15.28
CA GLU A 87 8.44 36.76 -15.38
C GLU A 87 9.13 37.60 -14.32
N CYS A 88 8.41 38.37 -13.50
CA CYS A 88 9.16 39.28 -12.64
C CYS A 88 8.35 40.04 -11.61
N ALA A 89 9.05 40.47 -10.56
CA ALA A 89 8.79 41.53 -9.62
C ALA A 89 10.12 42.16 -9.26
N PRO A 90 10.45 43.33 -9.82
CA PRO A 90 11.83 43.83 -9.75
C PRO A 90 12.38 43.91 -8.33
N ALA A 91 11.53 44.18 -7.34
CA ALA A 91 12.00 44.22 -5.95
C ALA A 91 12.06 42.83 -5.35
N ASP A 92 11.50 41.83 -6.04
CA ASP A 92 11.37 40.49 -5.50
C ASP A 92 12.04 39.43 -6.36
N VAL A 93 12.69 39.81 -7.47
CA VAL A 93 13.30 38.81 -8.35
C VAL A 93 14.58 38.27 -7.73
N VAL A 94 15.42 39.13 -7.20
CA VAL A 94 16.73 38.74 -6.69
C VAL A 94 16.63 37.76 -5.53
N PRO A 95 15.78 37.99 -4.51
CA PRO A 95 15.70 36.99 -3.42
C PRO A 95 15.24 35.62 -3.88
N GLN A 96 14.27 35.56 -4.79
CA GLN A 96 13.81 34.26 -5.27
C GLN A 96 14.90 33.54 -6.06
N ARG A 97 15.59 34.27 -6.92
CA ARG A 97 16.71 33.68 -7.64
C ARG A 97 17.78 33.16 -6.69
N ASN A 98 18.11 33.96 -5.66
CA ASN A 98 19.09 33.53 -4.69
C ASN A 98 18.66 32.25 -3.98
N ALA A 99 17.40 32.18 -3.55
CA ALA A 99 16.93 30.99 -2.84
C ALA A 99 16.96 29.76 -3.74
N TYR A 100 16.46 29.89 -4.98
CA TYR A 100 16.45 28.76 -5.89
C TYR A 100 17.86 28.27 -6.18
N TYR A 101 18.76 29.19 -6.53
CA TYR A 101 20.13 28.79 -6.84
C TYR A 101 20.85 28.27 -5.61
N SER A 102 20.44 28.70 -4.42
CA SER A 102 21.07 28.18 -3.21
C SER A 102 20.65 26.74 -2.95
N VAL A 103 19.38 26.42 -3.15
CA VAL A 103 18.95 25.03 -3.01
C VAL A 103 19.61 24.15 -4.07
N LEU A 104 19.69 24.66 -5.30
CA LEU A 104 20.33 23.87 -6.36
C LEU A 104 21.83 23.73 -6.11
N ASN A 105 22.44 24.72 -5.44
CA ASN A 105 23.84 24.60 -5.11
C ASN A 105 24.06 23.59 -4.00
N THR A 106 23.13 23.52 -3.05
CA THR A 106 23.16 22.43 -2.08
C THR A 106 23.14 21.07 -2.79
N PHE A 107 22.25 20.93 -3.77
CA PHE A 107 22.18 19.66 -4.51
C PHE A 107 23.48 19.38 -5.25
N GLN A 108 23.99 20.37 -6.00
CA GLN A 108 25.23 20.16 -6.74
C GLN A 108 26.39 19.82 -5.80
N ALA A 109 26.43 20.44 -4.62
CA ALA A 109 27.47 20.11 -3.65
C ALA A 109 27.30 18.69 -3.14
N LEU A 110 26.06 18.21 -3.06
CA LEU A 110 25.84 16.81 -2.75
C LEU A 110 26.37 15.92 -3.87
N HIS A 111 26.30 16.39 -5.11
CA HIS A 111 26.74 15.58 -6.24
C HIS A 111 28.25 15.34 -6.20
N ARG A 112 29.00 16.23 -5.58
CA ARG A 112 30.46 16.19 -5.63
C ARG A 112 31.09 15.56 -4.39
N SER A 113 30.31 15.07 -3.45
CA SER A 113 30.84 14.50 -2.22
C SER A 113 31.59 13.21 -2.55
N GLU A 114 32.83 13.11 -2.07
CA GLU A 114 33.63 11.90 -2.31
C GLU A 114 32.92 10.66 -1.79
N ALA A 115 32.31 10.76 -0.62
CA ALA A 115 31.57 9.63 -0.06
C ALA A 115 30.38 9.24 -0.94
N PHE A 116 29.82 10.19 -1.68
CA PHE A 116 28.78 9.87 -2.65
C PHE A 116 29.37 9.30 -3.94
N ARG A 117 30.54 9.79 -4.36
CA ARG A 117 31.22 9.17 -5.48
C ARG A 117 31.52 7.71 -5.20
N GLN A 118 31.83 7.37 -3.96
CA GLN A 118 32.07 5.96 -3.62
C GLN A 118 30.79 5.14 -3.71
N LEU A 119 29.68 5.66 -3.19
CA LEU A 119 28.42 4.94 -3.29
C LEU A 119 27.99 4.75 -4.74
N VAL A 120 28.22 5.75 -5.59
CA VAL A 120 27.96 5.58 -7.01
C VAL A 120 28.86 4.51 -7.60
N HIS A 121 30.17 4.63 -7.39
CA HIS A 121 31.14 3.65 -7.87
C HIS A 121 30.82 2.25 -7.36
N PHE A 122 29.99 2.16 -6.32
CA PHE A 122 29.52 0.88 -5.83
C PHE A 122 28.29 0.39 -6.57
N VAL A 123 27.20 1.17 -6.58
CA VAL A 123 25.96 0.67 -7.16
C VAL A 123 26.08 0.54 -8.68
N ARG A 124 26.71 1.51 -9.34
CA ARG A 124 26.91 1.42 -10.79
C ARG A 124 27.79 0.23 -11.15
N ASP A 125 28.91 0.06 -10.45
CA ASP A 125 29.78 -1.08 -10.72
C ASP A 125 29.07 -2.40 -10.45
N PHE A 126 28.16 -2.42 -9.48
CA PHE A 126 27.42 -3.66 -9.20
C PHE A 126 26.43 -3.97 -10.32
N ALA A 127 25.65 -2.98 -10.73
CA ALA A 127 24.70 -3.19 -11.82
C ALA A 127 25.41 -3.43 -13.15
N GLN A 128 26.68 -3.05 -13.27
CA GLN A 128 27.44 -3.32 -14.48
C GLN A 128 28.06 -4.71 -14.47
N LEU A 129 28.67 -5.10 -13.34
CA LEU A 129 29.21 -6.45 -13.21
C LEU A 129 28.11 -7.50 -13.30
N LEU A 130 26.90 -7.16 -12.84
CA LEU A 130 25.79 -8.11 -12.88
C LEU A 130 25.32 -8.39 -14.30
N LYS A 131 25.63 -7.50 -15.24
CA LYS A 131 25.23 -7.72 -16.63
C LYS A 131 25.86 -9.01 -17.18
N THR A 132 27.05 -9.35 -16.73
CA THR A 132 27.75 -10.56 -17.15
C THR A 132 27.57 -11.70 -16.16
N SER A 133 26.66 -11.56 -15.20
CA SER A 133 26.39 -12.59 -14.19
C SER A 133 27.64 -12.87 -13.34
N PHE A 134 28.42 -11.83 -13.10
CA PHE A 134 29.56 -11.86 -12.18
C PHE A 134 30.67 -12.78 -12.70
N ARG A 135 30.93 -12.74 -14.00
CA ARG A 135 32.06 -13.46 -14.56
C ARG A 135 33.36 -12.75 -14.18
N ALA A 136 34.46 -13.27 -14.72
CA ALA A 136 35.78 -12.73 -14.40
C ALA A 136 36.18 -11.62 -15.37
N SER A 137 35.18 -10.97 -15.98
CA SER A 137 35.47 -9.87 -16.90
C SER A 137 36.23 -8.76 -16.19
N SER A 138 37.23 -8.20 -16.87
CA SER A 138 38.14 -7.26 -16.23
C SER A 138 37.42 -5.97 -15.83
N LEU A 139 36.34 -5.63 -16.53
CA LEU A 139 35.58 -4.41 -16.30
C LEU A 139 36.43 -3.15 -16.55
N THR A 160 20.03 -14.66 -20.51
CA THR A 160 21.45 -14.52 -20.78
C THR A 160 22.14 -13.61 -19.76
N TYR A 161 21.33 -12.87 -19.00
CA TYR A 161 21.83 -11.96 -17.98
C TYR A 161 21.88 -12.67 -16.63
N GLY A 162 22.24 -11.90 -15.60
CA GLY A 162 22.50 -12.45 -14.28
C GLY A 162 21.51 -12.01 -13.21
N THR A 163 20.22 -12.03 -13.54
CA THR A 163 19.16 -11.56 -12.66
C THR A 163 19.34 -12.03 -11.22
N LEU A 164 19.13 -11.11 -10.28
CA LEU A 164 19.19 -11.45 -8.86
C LEU A 164 17.89 -12.11 -8.41
N GLU A 165 18.02 -13.10 -7.54
CA GLU A 165 16.85 -13.62 -6.84
C GLU A 165 16.36 -12.57 -5.84
N LEU A 166 15.24 -12.83 -5.17
CA LEU A 166 14.65 -11.84 -4.29
C LEU A 166 15.55 -11.56 -3.09
N PHE A 167 15.92 -12.62 -2.35
CA PHE A 167 16.77 -12.44 -1.19
C PHE A 167 18.16 -11.94 -1.58
N GLN A 168 18.63 -12.30 -2.78
CA GLN A 168 19.89 -11.76 -3.27
C GLN A 168 19.79 -10.28 -3.58
N LYS A 169 18.58 -9.72 -3.55
CA LYS A 169 18.41 -8.28 -3.63
C LYS A 169 18.13 -7.66 -2.27
N MET A 170 17.47 -8.40 -1.39
CA MET A 170 17.27 -7.91 -0.03
C MET A 170 18.59 -7.77 0.71
N ILE A 171 19.52 -8.70 0.51
CA ILE A 171 20.83 -8.59 1.13
C ILE A 171 21.55 -7.34 0.64
N LEU A 172 21.46 -7.09 -0.68
CA LEU A 172 22.10 -5.90 -1.23
C LEU A 172 21.49 -4.64 -0.67
N MET A 173 20.16 -4.61 -0.56
CA MET A 173 19.51 -3.43 0.03
C MET A 173 19.92 -3.24 1.48
N HIS A 174 19.99 -4.32 2.24
CA HIS A 174 20.39 -4.25 3.64
C HIS A 174 21.81 -3.74 3.80
N ALA A 175 22.71 -4.12 2.90
CA ALA A 175 24.08 -3.60 2.95
C ALA A 175 24.19 -2.16 2.48
N THR A 176 23.52 -1.82 1.38
CA THR A 176 23.68 -0.48 0.80
C THR A 176 22.98 0.58 1.62
N TYR A 177 21.74 0.34 2.06
CA TYR A 177 21.06 1.34 2.88
C TYR A 177 21.75 1.57 4.21
N PHE A 178 22.53 0.59 4.68
CA PHE A 178 23.28 0.77 5.92
C PHE A 178 24.55 1.57 5.65
N LEU A 179 25.37 1.12 4.71
CA LEU A 179 26.61 1.82 4.41
C LEU A 179 26.36 3.23 3.91
N ALA A 180 25.16 3.49 3.37
CA ALA A 180 24.82 4.85 2.96
C ALA A 180 24.60 5.73 4.18
N ALA A 181 23.86 5.24 5.16
CA ALA A 181 23.62 6.01 6.38
C ALA A 181 24.88 6.14 7.23
N VAL A 182 25.83 5.23 7.07
CA VAL A 182 27.05 5.28 7.87
C VAL A 182 28.12 6.17 7.22
N LEU A 183 28.32 6.02 5.91
CA LEU A 183 29.34 6.83 5.24
C LEU A 183 28.82 8.22 4.91
N LEU A 184 27.53 8.33 4.59
CA LEU A 184 26.92 9.60 4.21
C LEU A 184 25.80 9.89 5.21
N GLY A 185 26.15 10.55 6.32
CA GLY A 185 25.16 10.86 7.33
C GLY A 185 24.54 12.23 7.16
N ASP A 186 25.29 13.17 6.59
CA ASP A 186 24.83 14.53 6.39
C ASP A 186 23.86 14.67 5.22
N HIS A 187 23.50 13.58 4.57
CA HIS A 187 22.60 13.61 3.42
C HIS A 187 21.54 12.52 3.54
N ALA A 188 20.91 12.42 4.72
CA ALA A 188 19.99 11.33 4.98
C ALA A 188 18.84 11.29 3.98
N GLU A 189 18.13 12.40 3.83
CA GLU A 189 16.94 12.42 2.97
C GLU A 189 17.31 12.26 1.50
N GLN A 190 18.32 13.00 1.05
CA GLN A 190 18.68 12.97 -0.37
C GLN A 190 19.22 11.60 -0.77
N VAL A 191 20.07 11.00 0.06
CA VAL A 191 20.60 9.69 -0.29
C VAL A 191 19.54 8.62 -0.15
N ASN A 192 18.62 8.79 0.82
CA ASN A 192 17.48 7.88 0.90
C ASN A 192 16.69 7.88 -0.39
N THR A 193 16.38 9.07 -0.92
CA THR A 193 15.62 9.14 -2.16
C THR A 193 16.43 8.61 -3.34
N PHE A 194 17.73 8.90 -3.38
CA PHE A 194 18.58 8.42 -4.46
C PHE A 194 18.62 6.90 -4.47
N LEU A 195 18.66 6.27 -3.30
CA LEU A 195 18.68 4.81 -3.25
C LEU A 195 17.30 4.23 -3.59
N ARG A 196 16.23 4.87 -3.11
CA ARG A 196 14.89 4.48 -3.53
C ARG A 196 14.80 4.45 -5.05
N LEU A 197 15.38 5.45 -5.72
CA LEU A 197 15.37 5.47 -7.18
C LEU A 197 16.26 4.38 -7.76
N VAL A 198 17.48 4.23 -7.24
CA VAL A 198 18.46 3.37 -7.89
C VAL A 198 18.07 1.90 -7.75
N PHE A 199 17.34 1.55 -6.69
CA PHE A 199 16.80 0.20 -6.57
C PHE A 199 15.50 0.04 -7.35
N GLU A 200 15.07 1.08 -8.07
CA GLU A 200 13.81 1.07 -8.80
C GLU A 200 12.65 0.63 -7.91
N ILE A 201 12.58 1.18 -6.71
CA ILE A 201 11.45 0.94 -5.82
C ILE A 201 10.98 2.27 -5.25
N PRO A 202 10.56 3.23 -6.08
CA PRO A 202 10.10 4.51 -5.53
C PRO A 202 8.76 4.35 -4.82
N LEU A 203 8.21 5.46 -4.33
CA LEU A 203 6.92 5.48 -3.61
C LEU A 203 6.84 4.37 -2.58
N PHE A 204 7.95 4.17 -1.87
CA PHE A 204 8.03 3.24 -0.75
C PHE A 204 7.82 4.02 0.54
N SER A 205 6.92 3.53 1.39
CA SER A 205 6.72 4.16 2.68
C SER A 205 8.02 4.18 3.46
N ASP A 206 8.33 5.33 4.06
CA ASP A 206 9.62 5.50 4.72
C ASP A 206 9.83 4.51 5.85
N ALA A 207 8.77 3.84 6.32
CA ALA A 207 8.97 2.83 7.36
C ALA A 207 9.80 1.66 6.85
N ALA A 208 9.58 1.25 5.60
CA ALA A 208 10.36 0.14 5.04
C ALA A 208 11.81 0.54 4.83
N VAL A 209 12.04 1.69 4.18
CA VAL A 209 13.39 2.16 3.95
C VAL A 209 14.13 2.35 5.28
N ARG A 210 13.40 2.79 6.32
CA ARG A 210 14.00 2.88 7.64
C ARG A 210 14.34 1.49 8.18
N HIS A 211 13.47 0.51 7.93
CA HIS A 211 13.76 -0.86 8.35
C HIS A 211 15.02 -1.39 7.68
N PHE A 212 15.31 -0.92 6.46
CA PHE A 212 16.54 -1.33 5.81
C PHE A 212 17.77 -0.82 6.55
N ARG A 213 17.63 0.28 7.28
CA ARG A 213 18.75 0.89 7.98
C ARG A 213 19.15 0.14 9.24
N GLN A 214 18.36 -0.86 9.65
CA GLN A 214 18.64 -1.56 10.90
C GLN A 214 19.84 -2.49 10.75
N ARG A 215 20.40 -2.87 11.89
CA ARG A 215 21.53 -3.78 11.95
C ARG A 215 21.09 -5.11 12.54
N ALA A 216 21.99 -6.10 12.41
CA ALA A 216 21.78 -7.44 12.96
C ALA A 216 20.52 -8.08 12.38
N THR A 217 20.55 -8.29 11.07
CA THR A 217 19.47 -8.96 10.35
C THR A 217 19.89 -10.37 9.98
N VAL A 218 18.91 -11.27 9.95
CA VAL A 218 19.15 -12.70 9.81
C VAL A 218 18.46 -13.21 8.55
N PHE A 219 19.19 -13.96 7.73
CA PHE A 219 18.66 -14.61 6.55
C PHE A 219 18.69 -16.11 6.74
N LEU A 220 17.87 -16.81 5.93
CA LEU A 220 17.81 -18.27 5.98
C LEU A 220 17.51 -18.75 4.56
N VAL A 221 18.56 -19.09 3.83
CA VAL A 221 18.44 -19.52 2.44
C VAL A 221 18.55 -21.04 2.38
N PRO A 222 17.76 -21.72 1.55
CA PRO A 222 18.01 -23.15 1.32
C PRO A 222 19.29 -23.34 0.50
N ARG A 223 19.97 -24.45 0.75
CA ARG A 223 21.20 -24.75 0.02
C ARG A 223 20.93 -24.80 -1.48
N ARG A 224 21.99 -24.55 -2.26
CA ARG A 224 21.98 -24.58 -3.72
C ARG A 224 21.06 -23.53 -4.33
N HIS A 225 20.53 -22.59 -3.53
CA HIS A 225 19.74 -21.50 -4.10
C HIS A 225 20.61 -20.31 -4.47
N GLY A 226 21.80 -20.22 -3.90
CA GLY A 226 22.73 -19.15 -4.22
C GLY A 226 22.88 -18.16 -3.09
N LYS A 227 23.90 -18.36 -2.26
CA LYS A 227 24.22 -17.42 -1.20
C LYS A 227 25.68 -17.02 -1.29
N THR A 228 26.54 -17.96 -1.70
CA THR A 228 27.94 -17.65 -1.92
C THR A 228 28.21 -17.15 -3.33
N TRP A 229 27.31 -17.45 -4.28
CA TRP A 229 27.44 -16.86 -5.61
C TRP A 229 27.22 -15.35 -5.57
N PHE A 230 26.47 -14.86 -4.59
CA PHE A 230 26.17 -13.45 -4.47
C PHE A 230 26.96 -12.73 -3.39
N LEU A 231 27.40 -13.44 -2.35
CA LEU A 231 28.15 -12.79 -1.30
C LEU A 231 29.51 -12.28 -1.78
N VAL A 232 30.28 -13.13 -2.46
CA VAL A 232 31.64 -12.76 -2.82
C VAL A 232 31.65 -11.62 -3.85
N PRO A 233 30.65 -11.47 -4.74
CA PRO A 233 30.61 -10.21 -5.49
C PRO A 233 30.23 -9.04 -4.61
N LEU A 234 29.28 -9.23 -3.69
CA LEU A 234 28.95 -8.18 -2.72
C LEU A 234 30.18 -7.80 -1.91
N ILE A 235 30.92 -8.79 -1.42
CA ILE A 235 32.10 -8.51 -0.61
C ILE A 235 33.15 -7.78 -1.44
N ALA A 236 33.43 -8.28 -2.65
CA ALA A 236 34.45 -7.67 -3.49
C ALA A 236 34.11 -6.22 -3.82
N LEU A 237 32.85 -5.94 -4.15
CA LEU A 237 32.47 -4.60 -4.56
C LEU A 237 32.23 -3.67 -3.39
N SER A 238 31.89 -4.20 -2.21
CA SER A 238 31.88 -3.40 -1.00
C SER A 238 33.29 -3.14 -0.48
N LEU A 239 34.27 -3.89 -0.96
CA LEU A 239 35.67 -3.58 -0.70
C LEU A 239 36.20 -2.52 -1.63
N ALA A 240 36.14 -2.79 -2.95
CA ALA A 240 36.86 -1.99 -3.92
C ALA A 240 36.27 -0.60 -4.11
N SER A 241 34.97 -0.44 -3.86
CA SER A 241 34.32 0.84 -4.09
C SER A 241 34.47 1.77 -2.88
N PHE A 242 33.99 1.34 -1.73
CA PHE A 242 34.16 2.11 -0.51
C PHE A 242 35.63 2.09 -0.09
N ARG A 243 36.01 3.05 0.75
CA ARG A 243 37.38 3.18 1.21
C ARG A 243 37.44 3.12 2.74
N GLY A 244 38.47 2.48 3.26
CA GLY A 244 38.74 2.48 4.68
C GLY A 244 37.76 1.71 5.52
N ILE A 245 36.81 0.99 4.94
CA ILE A 245 35.83 0.23 5.70
C ILE A 245 36.23 -1.24 5.72
N LYS A 246 36.45 -1.79 6.91
CA LYS A 246 36.75 -3.19 7.04
C LYS A 246 35.50 -4.03 6.74
N ILE A 247 35.69 -5.34 6.63
CA ILE A 247 34.58 -6.25 6.43
C ILE A 247 34.83 -7.54 7.21
N GLY A 248 34.04 -7.77 8.25
CA GLY A 248 34.18 -9.00 9.01
C GLY A 248 33.67 -10.20 8.23
N TYR A 249 34.01 -11.38 8.73
CA TYR A 249 33.57 -12.64 8.15
C TYR A 249 33.93 -13.76 9.11
N THR A 250 33.02 -14.70 9.31
CA THR A 250 33.24 -15.81 10.23
C THR A 250 32.48 -17.05 9.76
N ALA A 251 33.09 -18.21 9.95
CA ALA A 251 32.45 -19.49 9.73
C ALA A 251 33.06 -20.51 10.67
N HIS A 252 32.36 -21.63 10.86
CA HIS A 252 32.81 -22.65 11.80
C HIS A 252 33.98 -23.47 11.24
N ILE A 253 33.73 -24.18 10.15
CA ILE A 253 34.76 -25.03 9.57
C ILE A 253 35.67 -24.18 8.68
N ARG A 254 36.93 -24.06 9.10
CA ARG A 254 37.91 -23.27 8.37
C ARG A 254 38.29 -23.95 7.06
N THR A 257 35.69 -21.27 5.30
CA THR A 257 35.81 -19.91 4.79
C THR A 257 36.85 -19.84 3.69
N GLU A 258 37.70 -20.86 3.62
CA GLU A 258 38.74 -20.90 2.59
C GLU A 258 38.19 -20.81 1.16
N PRO A 259 37.11 -21.51 0.79
CA PRO A 259 36.60 -21.34 -0.58
C PRO A 259 36.13 -19.92 -0.87
N VAL A 260 35.35 -19.33 0.03
CA VAL A 260 34.87 -17.96 -0.18
C VAL A 260 36.05 -16.99 -0.22
N PHE A 261 37.03 -17.20 0.65
CA PHE A 261 38.21 -16.34 0.66
C PHE A 261 38.98 -16.41 -0.66
N GLU A 262 39.22 -17.63 -1.15
CA GLU A 262 39.95 -17.76 -2.41
C GLU A 262 39.14 -17.23 -3.58
N GLU A 263 37.81 -17.36 -3.52
CA GLU A 263 36.96 -16.82 -4.60
C GLU A 263 36.98 -15.30 -4.60
N ILE A 264 36.96 -14.69 -3.42
CA ILE A 264 37.07 -13.24 -3.32
C ILE A 264 38.41 -12.79 -3.89
N ASP A 265 39.49 -13.47 -3.50
CA ASP A 265 40.80 -13.17 -4.08
C ASP A 265 40.76 -13.24 -5.60
N ALA A 266 40.19 -14.32 -6.13
CA ALA A 266 40.17 -14.52 -7.57
C ALA A 266 39.41 -13.40 -8.27
N CYS A 267 38.18 -13.11 -7.86
CA CYS A 267 37.39 -12.11 -8.56
C CYS A 267 38.00 -10.72 -8.42
N LEU A 268 38.56 -10.41 -7.24
CA LEU A 268 39.16 -9.10 -7.03
C LEU A 268 40.39 -8.93 -7.93
N ARG A 269 41.24 -9.94 -8.00
CA ARG A 269 42.40 -9.85 -8.89
C ARG A 269 41.97 -9.90 -10.35
N GLY A 270 40.79 -10.44 -10.62
CA GLY A 270 40.31 -10.49 -11.98
C GLY A 270 39.82 -9.14 -12.49
N TRP A 271 38.75 -8.61 -11.88
CA TRP A 271 38.18 -7.35 -12.35
C TRP A 271 38.78 -6.13 -11.64
N PHE A 272 39.96 -6.26 -11.04
CA PHE A 272 40.75 -5.13 -10.58
C PHE A 272 42.22 -5.50 -10.70
N GLY A 273 43.08 -4.50 -10.59
CA GLY A 273 44.51 -4.75 -10.67
C GLY A 273 44.96 -5.68 -9.57
N SER A 274 45.60 -6.78 -9.96
CA SER A 274 46.09 -7.75 -8.98
C SER A 274 47.21 -7.17 -8.14
N ALA A 275 47.80 -6.06 -8.59
CA ALA A 275 48.78 -5.37 -7.76
C ALA A 275 48.13 -4.70 -6.56
N ARG A 276 46.81 -4.48 -6.64
CA ARG A 276 46.12 -3.76 -5.57
C ARG A 276 45.79 -4.67 -4.39
N VAL A 277 45.51 -5.94 -4.67
CA VAL A 277 45.08 -6.88 -3.64
C VAL A 277 46.31 -7.44 -2.93
N ASP A 278 46.21 -7.55 -1.60
CA ASP A 278 47.27 -8.12 -0.78
C ASP A 278 46.64 -8.92 0.34
N HIS A 279 47.05 -10.18 0.49
CA HIS A 279 46.39 -11.06 1.44
C HIS A 279 47.32 -12.17 1.88
N VAL A 280 47.06 -12.67 3.08
CA VAL A 280 47.69 -13.87 3.61
C VAL A 280 46.62 -14.94 3.75
N LYS A 281 46.95 -16.16 3.35
CA LYS A 281 45.96 -17.23 3.23
C LYS A 281 45.13 -17.36 4.50
N GLY A 282 43.81 -17.45 4.32
CA GLY A 282 42.91 -17.62 5.45
C GLY A 282 42.87 -16.48 6.42
N GLU A 283 43.28 -15.29 6.00
CA GLU A 283 43.36 -14.14 6.88
C GLU A 283 43.03 -12.88 6.09
N THR A 284 43.47 -11.74 6.63
CA THR A 284 43.10 -10.44 6.07
C THR A 284 43.38 -10.35 4.58
N ILE A 285 42.35 -9.98 3.82
CA ILE A 285 42.51 -9.51 2.44
C ILE A 285 42.37 -8.01 2.48
N SER A 286 43.19 -7.31 1.70
CA SER A 286 43.17 -5.86 1.65
C SER A 286 43.24 -5.39 0.20
N PHE A 287 42.47 -4.36 -0.12
CA PHE A 287 42.46 -3.78 -1.44
C PHE A 287 43.14 -2.42 -1.38
N SER A 288 44.10 -2.18 -2.27
CA SER A 288 44.85 -0.95 -2.25
C SER A 288 44.05 0.20 -2.84
N PHE A 289 44.64 1.39 -2.79
CA PHE A 289 44.02 2.59 -3.29
C PHE A 289 45.12 3.59 -3.62
N PRO A 290 44.80 4.64 -4.37
CA PRO A 290 45.78 5.74 -4.51
C PRO A 290 46.20 6.31 -3.17
N ASP A 291 45.28 6.40 -2.23
CA ASP A 291 45.60 6.81 -0.87
C ASP A 291 45.99 5.59 -0.03
N GLY A 292 46.07 5.81 1.28
CA GLY A 292 46.34 4.70 2.19
C GLY A 292 45.08 4.16 2.83
N SER A 293 43.98 4.15 2.10
CA SER A 293 42.67 3.70 2.61
C SER A 293 42.79 2.22 2.99
N ARG A 294 43.06 1.31 2.04
CA ARG A 294 43.36 -0.08 2.35
C ARG A 294 42.30 -0.78 3.19
N SER A 295 41.10 -0.96 2.66
CA SER A 295 40.01 -1.64 3.34
C SER A 295 40.29 -3.14 3.38
N THR A 296 39.81 -3.82 4.42
CA THR A 296 40.22 -5.18 4.75
C THR A 296 39.02 -6.10 4.92
N ILE A 297 39.27 -7.41 4.81
CA ILE A 297 38.25 -8.44 4.99
C ILE A 297 38.66 -9.42 6.10
N VAL A 298 39.32 -8.91 7.14
CA VAL A 298 39.90 -9.80 8.15
C VAL A 298 38.91 -10.88 8.56
N PHE A 299 39.35 -12.13 8.43
CA PHE A 299 38.51 -13.30 8.62
C PHE A 299 38.54 -13.74 10.08
N ALA A 300 37.37 -13.83 10.70
CA ALA A 300 37.25 -14.27 12.09
C ALA A 300 36.86 -15.73 12.23
N SER A 301 37.06 -16.54 11.19
CA SER A 301 36.66 -17.95 11.27
C SER A 301 37.59 -18.73 12.18
N SER A 302 38.91 -18.46 12.11
CA SER A 302 39.86 -19.23 12.89
C SER A 302 39.85 -18.81 14.35
N HIS A 303 39.29 -17.64 14.65
CA HIS A 303 39.21 -17.11 16.01
C HIS A 303 40.59 -17.02 16.67
N GLN A 311 37.80 -4.99 16.25
CA GLN A 311 37.78 -3.53 16.15
C GLN A 311 36.51 -3.05 15.45
N ASP A 312 36.67 -2.18 14.46
CA ASP A 312 35.55 -1.66 13.67
C ASP A 312 35.43 -2.46 12.39
N PHE A 313 34.31 -3.16 12.23
CA PHE A 313 34.11 -4.04 11.09
C PHE A 313 33.07 -3.54 10.11
N ASN A 314 31.91 -3.11 10.60
CA ASN A 314 30.84 -2.49 9.82
C ASN A 314 30.09 -3.49 8.94
N LEU A 315 30.58 -4.72 8.79
CA LEU A 315 29.75 -5.72 8.13
C LEU A 315 29.57 -6.99 8.97
N LEU A 316 30.68 -7.63 9.35
CA LEU A 316 30.65 -8.88 10.11
C LEU A 316 29.66 -9.88 9.51
N PHE A 317 29.97 -10.30 8.29
CA PHE A 317 29.14 -11.27 7.57
C PHE A 317 29.27 -12.63 8.24
N VAL A 318 28.37 -12.93 9.16
CA VAL A 318 28.31 -14.26 9.77
C VAL A 318 27.72 -15.21 8.73
N ASP A 319 28.55 -16.07 8.17
CA ASP A 319 28.15 -16.90 7.04
C ASP A 319 27.45 -18.18 7.44
N GLU A 320 27.48 -18.56 8.72
CA GLU A 320 26.79 -19.76 9.19
C GLU A 320 26.40 -19.53 10.64
N ALA A 321 25.10 -19.56 10.92
CA ALA A 321 24.60 -19.21 12.25
C ALA A 321 23.76 -20.29 12.90
N ASN A 322 23.87 -21.54 12.45
CA ASN A 322 23.16 -22.65 13.07
C ASN A 322 24.09 -23.71 13.66
N PHE A 323 25.39 -23.42 13.71
CA PHE A 323 26.37 -24.44 14.10
C PHE A 323 27.44 -23.88 15.02
N ILE A 324 27.21 -22.70 15.62
CA ILE A 324 28.27 -22.01 16.33
C ILE A 324 28.64 -22.75 17.61
N ARG A 325 29.92 -22.69 17.97
CA ARG A 325 30.43 -23.18 19.24
C ARG A 325 30.61 -22.01 20.19
N PRO A 326 30.35 -22.19 21.48
CA PRO A 326 30.58 -21.10 22.45
C PRO A 326 32.03 -20.64 22.43
N ASP A 327 32.25 -19.48 23.04
CA ASP A 327 33.49 -18.71 23.02
C ASP A 327 33.78 -18.14 21.64
N ALA A 328 32.96 -18.45 20.64
CA ALA A 328 32.96 -17.75 19.36
C ALA A 328 31.75 -16.86 19.20
N VAL A 329 30.68 -17.10 19.96
CA VAL A 329 29.53 -16.21 19.97
C VAL A 329 29.84 -14.93 20.72
N GLN A 330 30.94 -14.89 21.46
CA GLN A 330 31.22 -13.73 22.30
C GLN A 330 31.66 -12.53 21.46
N THR A 331 32.45 -12.77 20.41
CA THR A 331 32.82 -11.68 19.52
C THR A 331 31.59 -11.09 18.85
N ILE A 332 30.62 -11.94 18.51
CA ILE A 332 29.40 -11.45 17.86
C ILE A 332 28.53 -10.69 18.85
N MET A 333 28.45 -11.19 20.09
CA MET A 333 27.70 -10.49 21.12
C MET A 333 28.35 -9.17 21.50
N GLY A 334 29.67 -9.06 21.31
CA GLY A 334 30.38 -7.83 21.62
C GLY A 334 30.30 -6.81 20.51
N PHE A 335 30.33 -7.26 19.25
CA PHE A 335 30.23 -6.33 18.14
C PHE A 335 28.86 -5.67 18.08
N LEU A 336 27.84 -6.31 18.65
CA LEU A 336 26.54 -5.65 18.79
C LEU A 336 26.64 -4.37 19.61
N ASN A 337 27.62 -4.27 20.51
CA ASN A 337 27.80 -3.06 21.29
C ASN A 337 28.30 -1.90 20.44
N GLN A 338 28.75 -2.17 19.22
CA GLN A 338 29.20 -1.11 18.33
C GLN A 338 28.01 -0.48 17.60
N ALA A 339 28.23 0.73 17.09
CA ALA A 339 27.19 1.48 16.42
C ALA A 339 27.33 1.50 14.90
N ASN A 340 28.38 0.91 14.35
CA ASN A 340 28.62 0.94 12.92
C ASN A 340 28.62 -0.42 12.25
N CYS A 341 28.40 -1.49 12.99
CA CYS A 341 28.42 -2.84 12.41
C CYS A 341 27.01 -3.36 12.21
N LYS A 342 26.79 -4.04 11.08
CA LYS A 342 25.50 -4.63 10.73
C LYS A 342 25.71 -6.13 10.52
N ILE A 343 25.61 -6.89 11.61
CA ILE A 343 25.89 -8.32 11.56
C ILE A 343 24.83 -9.01 10.72
N ILE A 344 25.20 -9.47 9.53
CA ILE A 344 24.28 -10.16 8.64
C ILE A 344 24.44 -11.66 8.86
N PHE A 345 23.38 -12.30 9.37
CA PHE A 345 23.41 -13.72 9.69
C PHE A 345 22.92 -14.57 8.53
N VAL A 346 23.51 -14.41 7.35
CA VAL A 346 23.11 -15.23 6.21
C VAL A 346 23.58 -16.66 6.48
N SER A 347 22.64 -17.57 6.71
CA SER A 347 22.96 -18.94 7.05
C SER A 347 22.02 -19.89 6.32
N SER A 348 22.58 -20.98 5.82
CA SER A 348 21.84 -21.91 4.98
C SER A 348 20.94 -22.82 5.83
N THR A 349 19.88 -23.32 5.20
CA THR A 349 19.02 -24.33 5.79
C THR A 349 18.93 -25.53 4.86
N ASN A 350 18.25 -26.58 5.31
CA ASN A 350 18.22 -27.83 4.57
C ASN A 350 16.81 -28.38 4.36
N THR A 351 15.85 -27.96 5.19
CA THR A 351 14.49 -28.48 5.29
C THR A 351 14.44 -29.88 5.88
N GLY A 352 15.58 -30.51 6.13
CA GLY A 352 15.64 -31.73 6.93
C GLY A 352 15.94 -31.35 8.36
N LYS A 353 16.50 -30.16 8.54
CA LYS A 353 16.71 -29.54 9.84
C LYS A 353 16.22 -28.10 9.83
N ALA A 354 15.12 -27.85 9.11
CA ALA A 354 14.62 -26.49 8.91
C ALA A 354 14.47 -25.75 10.23
N SER A 355 13.90 -26.40 11.24
CA SER A 355 13.80 -25.81 12.58
C SER A 355 15.17 -25.87 13.24
N THR A 356 16.01 -24.92 12.87
CA THR A 356 17.36 -24.85 13.44
C THR A 356 17.29 -24.49 14.92
N SER A 357 18.04 -25.24 15.72
CA SER A 357 18.06 -24.99 17.16
C SER A 357 18.57 -23.61 17.51
N PHE A 358 19.07 -22.86 16.52
CA PHE A 358 19.68 -21.54 16.84
C PHE A 358 18.93 -20.33 16.26
N LEU A 359 18.21 -20.46 15.15
CA LEU A 359 17.57 -19.27 14.58
C LEU A 359 16.06 -19.39 14.42
N TYR A 360 15.55 -20.53 13.95
CA TYR A 360 14.11 -20.61 13.68
C TYR A 360 13.27 -20.42 14.94
N ASN A 361 13.89 -20.49 16.12
CA ASN A 361 13.18 -20.13 17.35
C ASN A 361 13.09 -18.62 17.52
N LEU A 362 14.01 -17.88 16.89
CA LEU A 362 14.03 -16.43 17.04
C LEU A 362 12.78 -15.78 16.47
N ARG A 363 12.12 -16.42 15.50
CA ARG A 363 10.91 -15.85 14.92
C ARG A 363 9.78 -15.71 15.93
N GLY A 364 9.88 -16.37 17.08
CA GLY A 364 8.89 -16.23 18.12
C GLY A 364 8.81 -14.82 18.66
N ALA A 365 9.88 -14.36 19.31
CA ALA A 365 9.93 -13.03 19.91
C ALA A 365 10.90 -12.17 19.10
N ALA A 366 10.37 -11.56 18.04
CA ALA A 366 11.16 -10.69 17.18
C ALA A 366 10.21 -9.86 16.33
N ASP A 367 10.75 -8.77 15.79
CA ASP A 367 9.97 -7.87 14.95
C ASP A 367 10.85 -7.36 13.82
N GLU A 368 10.60 -7.85 12.61
CA GLU A 368 11.37 -7.46 11.43
C GLU A 368 12.87 -7.67 11.66
N LEU A 369 13.23 -8.87 12.10
CA LEU A 369 14.62 -9.21 12.35
C LEU A 369 15.11 -10.28 11.39
N LEU A 370 14.45 -11.43 11.33
CA LEU A 370 14.87 -12.53 10.47
C LEU A 370 13.86 -12.70 9.35
N ASN A 371 14.34 -13.00 8.16
CA ASN A 371 13.48 -13.26 7.00
C ASN A 371 13.88 -14.59 6.39
N VAL A 372 13.00 -15.57 6.49
CA VAL A 372 13.25 -16.89 5.92
C VAL A 372 13.07 -16.82 4.41
N VAL A 373 13.79 -17.67 3.70
CA VAL A 373 13.59 -17.86 2.27
C VAL A 373 13.02 -19.26 2.12
N THR A 374 11.70 -19.36 2.12
CA THR A 374 11.02 -20.63 2.08
C THR A 374 10.06 -20.67 0.90
N TYR A 375 9.92 -21.86 0.31
CA TYR A 375 9.00 -22.07 -0.79
C TYR A 375 7.86 -23.01 -0.43
N ILE A 376 8.03 -23.83 0.60
CA ILE A 376 6.93 -24.52 1.26
C ILE A 376 6.69 -23.79 2.57
N CYS A 377 5.63 -22.99 2.62
CA CYS A 377 5.40 -22.11 3.77
C CYS A 377 4.83 -22.88 4.96
N ASP A 378 4.24 -22.16 5.91
CA ASP A 378 3.85 -22.71 7.20
C ASP A 378 3.18 -24.08 7.07
N ASP A 379 2.08 -24.14 6.32
CA ASP A 379 1.31 -25.38 6.22
C ASP A 379 2.10 -26.46 5.49
N HIS A 380 1.52 -27.65 5.41
CA HIS A 380 2.16 -28.75 4.71
C HIS A 380 2.28 -28.50 3.21
N MET A 381 1.35 -27.77 2.61
CA MET A 381 1.43 -27.53 1.17
C MET A 381 0.81 -26.21 0.75
N PRO A 382 1.37 -25.07 1.18
CA PRO A 382 1.08 -23.81 0.49
C PRO A 382 2.07 -23.57 -0.64
N ARG A 383 2.79 -24.63 -1.03
CA ARG A 383 3.82 -24.50 -2.06
C ARG A 383 3.27 -23.96 -3.36
N VAL A 384 2.02 -24.29 -3.69
CA VAL A 384 1.41 -23.78 -4.91
C VAL A 384 1.33 -22.26 -4.89
N VAL A 385 1.33 -21.64 -3.71
CA VAL A 385 1.34 -20.17 -3.63
C VAL A 385 2.68 -19.63 -4.11
N THR A 386 3.76 -20.04 -3.44
CA THR A 386 5.10 -19.58 -3.77
C THR A 386 5.75 -20.41 -4.87
N HIS A 387 4.96 -21.11 -5.68
CA HIS A 387 5.53 -22.00 -6.70
C HIS A 387 6.24 -21.20 -7.78
N THR A 388 5.55 -20.24 -8.40
CA THR A 388 6.19 -19.40 -9.41
C THR A 388 7.36 -18.60 -8.85
N ASN A 389 7.43 -18.45 -7.53
CA ASN A 389 8.53 -17.73 -6.90
C ASN A 389 9.81 -18.55 -6.81
N ALA A 390 9.74 -19.85 -7.02
CA ALA A 390 10.93 -20.69 -6.94
C ALA A 390 11.91 -20.33 -8.05
N THR A 391 13.20 -20.55 -7.76
CA THR A 391 14.24 -20.27 -8.73
C THR A 391 14.05 -21.11 -9.99
N ALA A 392 14.32 -20.51 -11.15
CA ALA A 392 14.24 -21.27 -12.40
C ALA A 392 15.52 -22.04 -12.67
N CYS A 393 16.64 -21.60 -12.11
CA CYS A 393 17.89 -22.33 -12.28
C CYS A 393 17.81 -23.71 -11.66
N SER A 394 17.22 -23.81 -10.47
CA SER A 394 17.07 -25.09 -9.76
C SER A 394 15.85 -25.84 -10.28
N CYS A 395 15.86 -26.10 -11.59
CA CYS A 395 14.84 -26.92 -12.24
C CYS A 395 15.48 -27.80 -13.31
N PRO A 439 -6.10 -22.15 7.60
CA PRO A 439 -5.73 -20.89 8.25
C PRO A 439 -6.79 -19.83 8.02
N VAL A 440 -8.05 -20.25 8.12
CA VAL A 440 -9.22 -19.39 7.98
C VAL A 440 -9.24 -18.14 8.87
N LEU A 441 -8.92 -18.31 10.15
CA LEU A 441 -8.82 -17.20 11.09
C LEU A 441 -7.38 -16.70 11.08
N THR A 442 -7.17 -15.39 10.94
CA THR A 442 -5.80 -14.85 10.85
C THR A 442 -5.10 -14.96 12.20
N LYS A 443 -3.77 -15.14 12.14
CA LYS A 443 -2.94 -15.25 13.37
C LYS A 443 -3.10 -13.97 14.18
N SER A 444 -3.07 -12.81 13.52
CA SER A 444 -3.19 -11.52 14.20
C SER A 444 -4.52 -11.53 14.90
N ALA A 445 -5.61 -11.98 14.25
CA ALA A 445 -6.90 -11.97 14.97
C ALA A 445 -6.79 -12.93 16.12
N GLY A 446 -6.20 -14.09 15.95
CA GLY A 446 -6.09 -14.96 17.13
C GLY A 446 -5.26 -14.32 18.24
N GLU A 447 -4.12 -13.70 17.92
CA GLU A 447 -3.26 -13.08 18.95
C GLU A 447 -4.04 -11.97 19.61
N ARG A 448 -4.70 -11.12 18.82
CA ARG A 448 -5.51 -10.00 19.38
C ARG A 448 -6.59 -10.59 20.31
N PHE A 449 -7.26 -11.65 19.86
CA PHE A 449 -8.37 -12.30 20.63
C PHE A 449 -7.89 -12.69 22.03
N LEU A 450 -6.91 -13.59 22.11
CA LEU A 450 -6.36 -14.07 23.41
C LEU A 450 -5.67 -12.90 24.15
N LEU A 451 -4.95 -12.05 23.41
CA LEU A 451 -4.17 -10.93 24.01
C LEU A 451 -5.05 -9.92 24.74
N TYR A 452 -6.20 -9.53 24.18
CA TYR A 452 -7.05 -8.51 24.86
C TYR A 452 -8.41 -9.09 25.25
N ARG A 453 -8.74 -9.04 26.54
CA ARG A 453 -10.04 -9.54 27.06
C ARG A 453 -10.75 -8.41 27.82
N PRO A 454 -12.02 -8.09 27.51
CA PRO A 454 -12.76 -7.03 28.21
C PRO A 454 -13.30 -7.54 29.55
N SER A 455 -13.31 -6.68 30.57
CA SER A 455 -13.80 -7.07 31.87
C SER A 455 -15.33 -6.85 31.90
N THR A 456 -16.09 -7.92 31.81
CA THR A 456 -17.54 -7.82 31.76
C THR A 456 -18.18 -7.50 33.11
N THR A 457 -17.55 -7.88 34.20
CA THR A 457 -18.15 -7.68 35.52
C THR A 457 -18.19 -6.21 35.89
N THR A 458 -17.34 -5.42 35.23
CA THR A 458 -17.27 -3.99 35.49
C THR A 458 -17.66 -3.10 34.31
N ASN A 459 -18.16 -3.70 33.24
CA ASN A 459 -18.65 -2.92 32.11
C ASN A 459 -19.98 -3.45 31.66
N SER A 460 -20.82 -3.73 32.64
CA SER A 460 -22.05 -4.47 32.40
C SER A 460 -23.01 -3.64 31.57
N GLY A 461 -22.88 -2.32 31.64
CA GLY A 461 -23.70 -1.45 30.83
C GLY A 461 -23.50 -1.62 29.33
N LEU A 462 -22.40 -2.24 28.94
CA LEU A 462 -22.10 -2.46 27.54
C LEU A 462 -22.74 -3.74 27.00
N MET A 463 -23.24 -4.58 27.92
CA MET A 463 -23.80 -5.88 27.51
C MET A 463 -25.29 -5.82 27.13
N ALA A 464 -25.69 -6.67 26.20
CA ALA A 464 -27.09 -6.85 25.91
C ALA A 464 -27.72 -7.70 27.03
N PRO A 465 -29.03 -7.53 27.30
CA PRO A 465 -29.62 -8.25 28.45
C PRO A 465 -30.00 -9.71 28.18
N ASP A 466 -29.43 -10.31 27.14
CA ASP A 466 -29.73 -11.71 26.80
C ASP A 466 -28.47 -12.57 26.71
N LEU A 467 -28.52 -13.77 27.29
CA LEU A 467 -27.43 -14.73 27.27
C LEU A 467 -27.85 -15.78 26.26
N TYR A 468 -26.91 -16.29 25.49
CA TYR A 468 -27.22 -17.36 24.55
C TYR A 468 -26.30 -18.50 24.84
N VAL A 469 -26.88 -19.70 25.01
CA VAL A 469 -26.04 -20.88 25.38
C VAL A 469 -26.31 -22.04 24.40
N TYR A 470 -25.24 -22.57 23.80
CA TYR A 470 -25.34 -23.68 22.90
C TYR A 470 -24.63 -24.88 23.51
N VAL A 471 -25.30 -26.04 23.48
CA VAL A 471 -24.75 -27.31 24.02
C VAL A 471 -24.63 -28.32 22.87
N ASP A 472 -23.39 -28.69 22.52
CA ASP A 472 -23.11 -29.63 21.46
C ASP A 472 -22.64 -30.91 22.13
N PRO A 473 -23.58 -31.82 22.43
CA PRO A 473 -23.32 -33.01 23.25
C PRO A 473 -22.69 -34.18 22.50
N ALA A 474 -21.87 -34.94 23.22
CA ALA A 474 -21.37 -36.23 22.77
C ALA A 474 -21.71 -37.21 23.88
N PHE A 475 -22.37 -38.31 23.52
CA PHE A 475 -22.90 -39.23 24.52
C PHE A 475 -22.08 -40.51 24.68
N THR A 476 -20.78 -40.42 24.47
CA THR A 476 -19.88 -41.54 24.74
C THR A 476 -18.81 -41.13 25.75
N ALA A 477 -18.11 -42.13 26.29
CA ALA A 477 -17.01 -41.89 27.20
C ALA A 477 -15.78 -42.59 26.66
N ASN A 478 -14.62 -42.29 27.26
CA ASN A 478 -13.36 -42.94 26.89
C ASN A 478 -13.04 -42.85 25.40
N THR A 479 -13.20 -41.64 24.86
CA THR A 479 -12.86 -41.30 23.49
C THR A 479 -12.43 -39.83 23.50
N ARG A 480 -11.62 -39.42 22.53
CA ARG A 480 -11.14 -38.05 22.46
C ARG A 480 -12.19 -37.12 21.83
N ALA A 481 -13.09 -37.69 21.03
CA ALA A 481 -14.17 -36.93 20.42
C ALA A 481 -15.48 -37.11 21.20
N SER A 482 -15.35 -37.50 22.45
CA SER A 482 -16.52 -37.72 23.30
C SER A 482 -16.81 -36.50 24.19
N GLY A 483 -16.14 -35.38 23.90
CA GLY A 483 -16.34 -34.18 24.68
C GLY A 483 -17.60 -33.44 24.31
N THR A 484 -18.29 -32.91 25.32
CA THR A 484 -19.47 -32.09 25.10
C THR A 484 -19.03 -30.64 25.15
N GLY A 485 -19.40 -29.88 24.12
CA GLY A 485 -19.04 -28.46 24.09
C GLY A 485 -20.19 -27.58 24.56
N VAL A 486 -19.87 -26.59 25.39
CA VAL A 486 -20.86 -25.64 25.86
C VAL A 486 -20.31 -24.24 25.72
N ALA A 487 -21.10 -23.31 25.19
CA ALA A 487 -20.70 -21.90 25.14
C ALA A 487 -21.82 -20.99 25.62
N VAL A 488 -21.47 -19.98 26.41
CA VAL A 488 -22.41 -18.96 26.93
C VAL A 488 -21.92 -17.59 26.43
N VAL A 489 -22.64 -16.97 25.49
CA VAL A 489 -22.19 -15.75 24.87
C VAL A 489 -23.29 -14.71 24.94
N GLY A 490 -22.90 -13.46 24.65
CA GLY A 490 -23.85 -12.36 24.57
C GLY A 490 -23.32 -11.23 23.70
N ARG A 491 -24.12 -10.18 23.53
CA ARG A 491 -23.70 -9.02 22.78
C ARG A 491 -22.97 -8.09 23.73
N TYR A 492 -21.86 -7.53 23.24
CA TYR A 492 -21.06 -6.57 23.98
C TYR A 492 -20.81 -5.43 23.00
N ARG A 493 -21.32 -4.24 23.30
CA ARG A 493 -21.52 -3.21 22.29
C ARG A 493 -22.21 -3.91 21.10
N ASP A 494 -21.66 -3.83 19.90
CA ASP A 494 -22.21 -4.55 18.73
C ASP A 494 -21.37 -5.79 18.41
N ASP A 495 -20.57 -6.22 19.37
CA ASP A 495 -19.69 -7.35 19.16
C ASP A 495 -20.21 -8.54 19.96
N TYR A 496 -19.46 -9.65 19.95
CA TYR A 496 -19.90 -10.82 20.72
C TYR A 496 -18.82 -11.25 21.70
N ILE A 497 -19.22 -11.60 22.91
CA ILE A 497 -18.28 -11.91 23.95
C ILE A 497 -18.62 -13.24 24.56
N ILE A 498 -17.61 -14.05 24.88
CA ILE A 498 -17.86 -15.33 25.49
C ILE A 498 -17.77 -15.25 27.01
N PHE A 499 -18.81 -15.66 27.72
CA PHE A 499 -18.82 -15.65 29.18
C PHE A 499 -18.37 -16.96 29.83
N ALA A 500 -18.55 -18.09 29.14
CA ALA A 500 -18.22 -19.41 29.69
C ALA A 500 -17.98 -20.45 28.60
N LEU A 501 -17.20 -21.48 28.91
CA LEU A 501 -16.83 -22.55 27.97
C LEU A 501 -16.74 -23.83 28.75
N GLU A 502 -17.20 -24.92 28.17
CA GLU A 502 -16.99 -26.21 28.80
C GLU A 502 -16.65 -27.25 27.74
N HIS A 503 -15.76 -28.14 28.10
CA HIS A 503 -15.39 -29.24 27.24
C HIS A 503 -15.47 -30.44 28.15
N PHE A 504 -16.65 -31.04 28.16
CA PHE A 504 -17.06 -31.92 29.23
C PHE A 504 -17.02 -33.37 28.80
N PHE A 505 -16.46 -34.19 29.66
CA PHE A 505 -16.25 -35.62 29.35
C PHE A 505 -17.02 -36.51 30.29
N LEU A 506 -18.06 -37.18 29.79
CA LEU A 506 -18.85 -38.13 30.57
C LEU A 506 -17.98 -39.10 31.37
N ARG A 507 -18.36 -39.36 32.61
CA ARG A 507 -17.80 -40.47 33.38
C ARG A 507 -18.34 -41.75 32.73
N ALA A 508 -17.50 -42.76 32.58
CA ALA A 508 -17.91 -43.98 31.88
C ALA A 508 -19.02 -44.75 32.59
N LEU A 509 -20.04 -45.16 31.83
CA LEU A 509 -21.13 -45.96 32.36
C LEU A 509 -21.87 -45.29 33.52
N THR A 510 -22.04 -43.96 33.45
CA THR A 510 -23.02 -43.29 34.30
C THR A 510 -24.41 -43.72 33.90
N GLY A 511 -25.37 -43.59 34.82
CA GLY A 511 -26.74 -43.94 34.50
C GLY A 511 -27.53 -42.70 34.09
N SER A 512 -26.87 -41.56 34.14
CA SER A 512 -27.50 -40.26 33.97
C SER A 512 -26.68 -39.28 33.12
N ALA A 513 -26.24 -39.71 31.95
CA ALA A 513 -25.47 -38.83 31.07
C ALA A 513 -26.13 -37.46 30.75
N PRO A 514 -27.44 -37.46 30.40
CA PRO A 514 -28.08 -36.15 30.16
C PRO A 514 -28.06 -35.23 31.38
N ALA A 515 -28.32 -35.77 32.56
CA ALA A 515 -28.30 -34.95 33.78
C ALA A 515 -26.87 -34.52 34.15
N ASP A 516 -25.88 -35.33 33.79
CA ASP A 516 -24.49 -34.99 34.08
C ASP A 516 -24.11 -33.80 33.21
N ILE A 517 -24.46 -33.89 31.93
CA ILE A 517 -24.30 -32.78 31.00
C ILE A 517 -25.13 -31.56 31.47
N ALA A 518 -26.37 -31.78 31.92
CA ALA A 518 -27.20 -30.67 32.36
C ALA A 518 -26.60 -30.00 33.57
N ARG A 519 -26.10 -30.82 34.50
CA ARG A 519 -25.49 -30.24 35.70
C ARG A 519 -24.28 -29.43 35.32
N CYS A 520 -23.57 -29.86 34.28
CA CYS A 520 -22.40 -29.10 33.86
C CYS A 520 -22.84 -27.75 33.33
N VAL A 521 -23.84 -27.71 32.45
CA VAL A 521 -24.22 -26.41 31.88
C VAL A 521 -24.87 -25.49 32.89
N VAL A 522 -25.66 -26.04 33.79
CA VAL A 522 -26.30 -25.25 34.85
C VAL A 522 -25.27 -24.61 35.78
N HIS A 523 -24.22 -25.36 36.11
CA HIS A 523 -23.17 -24.84 36.95
C HIS A 523 -22.46 -23.66 36.27
N SER A 524 -22.21 -23.78 34.97
CA SER A 524 -21.61 -22.71 34.17
C SER A 524 -22.46 -21.45 34.16
N LEU A 525 -23.75 -21.62 33.87
CA LEU A 525 -24.68 -20.52 33.79
C LEU A 525 -24.75 -19.75 35.10
N THR A 526 -24.87 -20.52 36.17
CA THR A 526 -25.00 -19.98 37.50
C THR A 526 -23.84 -19.06 37.81
N GLN A 527 -22.64 -19.55 37.53
CA GLN A 527 -21.46 -18.76 37.76
C GLN A 527 -21.50 -17.49 36.94
N VAL A 528 -21.92 -17.59 35.69
CA VAL A 528 -22.02 -16.40 34.85
C VAL A 528 -23.05 -15.41 35.39
N LEU A 529 -24.21 -15.94 35.79
CA LEU A 529 -25.24 -15.13 36.43
C LEU A 529 -24.77 -14.43 37.70
N ALA A 530 -24.09 -15.16 38.58
CA ALA A 530 -23.56 -14.60 39.84
C ALA A 530 -22.50 -13.52 39.65
N LEU A 531 -21.69 -13.67 38.60
CA LEU A 531 -20.66 -12.69 38.26
C LEU A 531 -21.26 -11.39 37.69
N HIS A 532 -22.47 -11.45 37.15
CA HIS A 532 -23.10 -10.24 36.57
C HIS A 532 -24.54 -10.09 37.07
N PRO A 533 -24.75 -9.87 38.38
CA PRO A 533 -26.12 -9.93 38.91
C PRO A 533 -27.05 -8.86 38.39
N GLY A 534 -28.25 -9.26 37.99
CA GLY A 534 -29.24 -8.35 37.47
C GLY A 534 -29.02 -7.90 36.03
N ALA A 535 -27.94 -8.37 35.41
CA ALA A 535 -27.62 -7.99 34.02
C ALA A 535 -28.58 -8.59 33.01
N PHE A 536 -28.98 -9.85 33.21
CA PHE A 536 -29.69 -10.59 32.18
C PHE A 536 -31.21 -10.80 32.44
N ARG A 537 -32.03 -10.47 31.44
CA ARG A 537 -33.47 -10.66 31.51
C ARG A 537 -33.85 -12.00 30.92
N GLY A 538 -33.01 -12.51 30.03
CA GLY A 538 -33.28 -13.76 29.35
C GLY A 538 -32.04 -14.60 29.10
N VAL A 539 -32.21 -15.90 29.26
CA VAL A 539 -31.20 -16.81 28.75
C VAL A 539 -31.88 -17.78 27.82
N ARG A 540 -31.30 -17.92 26.64
CA ARG A 540 -31.85 -18.74 25.60
C ARG A 540 -30.89 -19.89 25.33
N VAL A 541 -31.42 -21.11 25.40
CA VAL A 541 -30.61 -22.30 25.41
C VAL A 541 -30.94 -23.19 24.23
N ALA A 542 -29.91 -23.58 23.47
CA ALA A 542 -30.03 -24.52 22.37
C ALA A 542 -29.19 -25.76 22.65
N VAL A 543 -29.84 -26.92 22.58
CA VAL A 543 -29.18 -28.21 22.75
C VAL A 543 -29.15 -28.94 21.41
N GLU A 544 -27.97 -29.11 20.83
CA GLU A 544 -27.89 -29.73 19.51
C GLU A 544 -28.40 -31.16 19.59
N GLY A 545 -29.27 -31.54 18.65
CA GLY A 545 -29.94 -32.83 18.70
C GLY A 545 -29.53 -33.79 17.61
N ASN A 546 -28.54 -33.42 16.80
CA ASN A 546 -28.08 -34.25 15.69
C ASN A 546 -27.68 -35.65 16.12
N SER A 547 -27.03 -35.74 17.26
CA SER A 547 -26.55 -36.99 17.82
C SER A 547 -27.74 -37.85 18.26
N SER A 548 -28.55 -37.32 19.18
CA SER A 548 -29.73 -38.02 19.64
C SER A 548 -30.78 -37.00 20.03
N GLN A 549 -31.96 -37.08 19.42
CA GLN A 549 -33.00 -36.10 19.72
C GLN A 549 -33.50 -36.29 21.15
N ASP A 550 -33.76 -37.55 21.50
CA ASP A 550 -34.22 -37.91 22.84
C ASP A 550 -33.24 -37.49 23.92
N SER A 551 -31.96 -37.77 23.69
CA SER A 551 -30.93 -37.41 24.66
C SER A 551 -30.80 -35.89 24.77
N ALA A 552 -30.93 -35.19 23.64
CA ALA A 552 -30.93 -33.71 23.67
C ALA A 552 -32.13 -33.18 24.43
N VAL A 553 -33.30 -33.79 24.22
CA VAL A 553 -34.50 -33.38 24.94
C VAL A 553 -34.29 -33.59 26.44
N ALA A 554 -33.72 -34.74 26.81
CA ALA A 554 -33.47 -35.04 28.22
C ALA A 554 -32.54 -34.01 28.88
N ILE A 555 -31.52 -33.57 28.15
CA ILE A 555 -30.63 -32.53 28.65
C ILE A 555 -31.40 -31.24 28.88
N ALA A 556 -32.22 -30.84 27.90
CA ALA A 556 -33.03 -29.62 28.04
C ALA A 556 -33.96 -29.75 29.23
N THR A 557 -34.58 -30.92 29.39
CA THR A 557 -35.49 -31.11 30.53
C THR A 557 -34.77 -30.96 31.87
N HIS A 558 -33.59 -31.58 32.03
CA HIS A 558 -32.82 -31.39 33.26
C HIS A 558 -32.34 -29.96 33.46
N VAL A 559 -31.91 -29.29 32.38
CA VAL A 559 -31.53 -27.88 32.50
C VAL A 559 -32.73 -27.06 32.97
N HIS A 560 -33.88 -27.31 32.35
CA HIS A 560 -35.18 -26.68 32.65
C HIS A 560 -35.49 -26.80 34.13
N THR A 561 -35.42 -28.04 34.64
CA THR A 561 -35.76 -28.31 36.02
C THR A 561 -34.78 -27.74 37.01
N GLU A 562 -33.49 -27.91 36.74
CA GLU A 562 -32.46 -27.46 37.68
C GLU A 562 -32.41 -25.93 37.77
N MET A 563 -32.63 -25.27 36.65
CA MET A 563 -32.62 -23.82 36.59
C MET A 563 -33.81 -23.26 37.37
N HIS A 564 -34.82 -24.10 37.63
CA HIS A 564 -36.02 -23.65 38.34
C HIS A 564 -35.70 -23.22 39.76
N ARG A 565 -34.54 -23.63 40.25
CA ARG A 565 -33.96 -23.05 41.46
C ARG A 565 -32.95 -21.94 41.08
N GLY A 577 -36.39 -12.19 37.99
CA GLY A 577 -35.17 -12.84 37.57
C GLY A 577 -35.19 -13.14 36.10
N PRO A 578 -34.09 -13.71 35.57
CA PRO A 578 -33.99 -14.01 34.13
C PRO A 578 -34.92 -15.13 33.69
N GLU A 579 -35.62 -14.93 32.58
CA GLU A 579 -36.46 -15.99 32.05
C GLU A 579 -35.64 -16.96 31.19
N LEU A 580 -35.94 -18.25 31.30
CA LEU A 580 -35.21 -19.28 30.59
C LEU A 580 -36.01 -19.78 29.40
N LEU A 581 -35.45 -19.62 28.20
CA LEU A 581 -36.17 -20.04 26.96
C LEU A 581 -35.30 -21.00 26.14
N PHE A 582 -35.91 -22.06 25.60
CA PHE A 582 -35.20 -23.05 24.79
C PHE A 582 -35.50 -22.85 23.32
N TYR A 583 -34.50 -23.05 22.47
CA TYR A 583 -34.77 -23.14 21.05
C TYR A 583 -35.55 -24.41 20.80
N HIS A 584 -36.56 -24.31 19.95
CA HIS A 584 -37.41 -25.45 19.65
C HIS A 584 -37.34 -25.78 18.18
N CYS A 585 -37.61 -27.04 17.86
CA CYS A 585 -37.48 -27.51 16.50
C CYS A 585 -38.66 -28.39 16.20
N GLU A 586 -39.23 -28.16 15.03
CA GLU A 586 -40.31 -28.99 14.54
C GLU A 586 -39.70 -29.88 13.46
N PRO A 587 -39.37 -31.12 13.84
CA PRO A 587 -38.68 -32.00 12.88
C PRO A 587 -39.58 -32.24 11.67
N PRO A 588 -38.98 -32.53 10.51
CA PRO A 588 -39.71 -32.75 9.25
C PRO A 588 -40.79 -33.82 9.38
N GLY A 589 -41.99 -33.49 8.89
CA GLY A 589 -43.16 -34.37 9.00
C GLY A 589 -43.85 -34.35 10.37
N SER A 590 -43.33 -33.53 11.27
CA SER A 590 -43.89 -33.47 12.61
C SER A 590 -44.57 -32.15 12.90
N ALA A 591 -45.48 -32.15 13.86
CA ALA A 591 -46.13 -30.92 14.34
C ALA A 591 -45.64 -30.59 15.74
N VAL A 592 -44.70 -31.39 16.25
CA VAL A 592 -44.24 -31.22 17.63
C VAL A 592 -43.07 -30.28 17.69
N LEU A 593 -43.05 -29.41 18.71
CA LEU A 593 -41.91 -28.51 18.93
C LEU A 593 -41.03 -29.00 20.06
N TYR A 594 -39.89 -29.58 19.69
CA TYR A 594 -38.96 -30.15 20.64
C TYR A 594 -37.91 -29.16 21.05
N PRO A 595 -37.45 -29.23 22.32
CA PRO A 595 -36.43 -28.30 22.79
C PRO A 595 -35.05 -28.79 22.44
N PHE A 596 -34.82 -28.99 21.15
CA PHE A 596 -33.47 -29.22 20.67
C PHE A 596 -33.28 -28.43 19.39
N PHE A 597 -32.03 -28.34 18.96
CA PHE A 597 -31.65 -27.60 17.78
C PHE A 597 -31.03 -28.58 16.79
N LEU A 598 -31.47 -28.54 15.54
CA LEU A 598 -30.89 -29.39 14.52
C LEU A 598 -29.96 -28.58 13.60
N LEU A 599 -28.67 -28.94 13.64
CA LEU A 599 -27.63 -28.20 12.87
C LEU A 599 -27.49 -28.76 11.46
N ASN A 600 -27.95 -28.00 10.46
CA ASN A 600 -27.81 -28.41 9.08
C ASN A 600 -27.50 -27.25 8.14
N LYS A 601 -28.55 -26.64 7.61
CA LYS A 601 -28.38 -25.62 6.58
C LYS A 601 -27.79 -24.36 7.15
N GLN A 602 -27.88 -24.20 8.46
CA GLN A 602 -27.46 -22.95 9.06
C GLN A 602 -25.97 -22.95 9.43
N LYS A 603 -25.33 -24.10 9.28
CA LYS A 603 -23.90 -24.23 9.61
C LYS A 603 -23.01 -23.32 8.79
N THR A 604 -23.16 -23.38 7.47
CA THR A 604 -22.32 -22.57 6.59
C THR A 604 -22.49 -21.06 6.80
N PRO A 605 -23.74 -20.55 6.89
CA PRO A 605 -23.88 -19.13 7.24
C PRO A 605 -23.28 -18.76 8.61
N ALA A 606 -23.51 -19.59 9.63
CA ALA A 606 -22.97 -19.36 10.96
C ALA A 606 -21.44 -19.24 10.96
N PHE A 607 -20.78 -20.16 10.26
CA PHE A 607 -19.32 -20.20 10.20
C PHE A 607 -18.75 -19.03 9.42
N GLU A 608 -19.42 -18.74 8.33
CA GLU A 608 -19.03 -17.65 7.47
C GLU A 608 -19.10 -16.31 8.22
N HIS A 609 -20.19 -16.10 8.96
CA HIS A 609 -20.34 -14.85 9.72
C HIS A 609 -19.31 -14.76 10.84
N PHE A 610 -19.07 -15.89 11.51
CA PHE A 610 -18.12 -15.93 12.61
C PHE A 610 -16.72 -15.53 12.17
N ILE A 611 -16.28 -16.16 11.08
CA ILE A 611 -14.96 -15.93 10.52
C ILE A 611 -14.76 -14.45 10.20
N LYS A 612 -15.74 -13.85 9.54
CA LYS A 612 -15.68 -12.43 9.26
C LYS A 612 -15.64 -11.59 10.55
N LYS A 613 -16.48 -11.90 11.53
CA LYS A 613 -16.52 -11.14 12.78
C LYS A 613 -15.24 -11.31 13.57
N PHE A 614 -14.80 -12.56 13.70
CA PHE A 614 -13.59 -12.86 14.46
C PHE A 614 -12.38 -12.15 13.87
N ASN A 615 -12.23 -12.21 12.55
CA ASN A 615 -11.07 -11.61 11.89
C ASN A 615 -11.01 -10.07 11.98
N SER A 616 -12.14 -9.43 12.19
CA SER A 616 -12.17 -7.97 12.26
C SER A 616 -12.11 -7.43 13.69
N GLY A 617 -11.95 -8.33 14.66
CA GLY A 617 -11.84 -8.01 16.07
C GLY A 617 -13.17 -7.98 16.81
N GLY A 618 -14.22 -8.55 16.23
CA GLY A 618 -15.57 -8.45 16.78
C GLY A 618 -16.02 -9.59 17.69
N VAL A 619 -15.17 -10.60 17.88
CA VAL A 619 -15.46 -11.57 18.93
C VAL A 619 -14.37 -11.69 19.98
N MET A 620 -14.76 -11.54 21.24
CA MET A 620 -13.76 -11.58 22.33
C MET A 620 -14.27 -12.44 23.49
N ALA A 621 -13.37 -12.70 24.44
CA ALA A 621 -13.65 -13.47 25.61
C ALA A 621 -13.69 -12.55 26.81
N SER A 622 -14.57 -12.86 27.75
CA SER A 622 -14.60 -12.12 28.99
C SER A 622 -13.29 -12.33 29.77
N GLN A 623 -12.77 -11.27 30.35
CA GLN A 623 -11.65 -11.38 31.27
C GLN A 623 -11.97 -12.32 32.43
N GLU A 624 -13.23 -12.41 32.81
CA GLU A 624 -13.58 -13.34 33.88
C GLU A 624 -14.44 -14.50 33.36
N ILE A 625 -14.06 -15.01 32.20
CA ILE A 625 -14.65 -16.16 31.56
C ILE A 625 -14.63 -17.36 32.49
N VAL A 626 -15.71 -18.12 32.47
CA VAL A 626 -15.93 -19.22 33.39
C VAL A 626 -15.66 -20.55 32.68
N SER A 627 -14.91 -21.44 33.32
CA SER A 627 -14.83 -22.81 32.89
C SER A 627 -14.40 -23.76 34.00
N ALA A 628 -15.28 -24.68 34.36
CA ALA A 628 -14.97 -25.74 35.31
C ALA A 628 -14.17 -26.87 34.67
N THR A 629 -14.43 -27.17 33.41
CA THR A 629 -13.82 -28.35 32.79
C THR A 629 -12.46 -28.05 32.17
N VAL A 630 -12.19 -26.78 31.85
CA VAL A 630 -10.85 -26.43 31.29
C VAL A 630 -10.05 -25.71 32.38
N ARG A 631 -10.10 -26.19 33.62
CA ARG A 631 -9.42 -25.51 34.76
C ARG A 631 -8.29 -26.34 35.40
N LEU A 632 -7.76 -27.37 34.73
CA LEU A 632 -6.71 -28.18 35.41
C LEU A 632 -5.55 -28.53 34.46
N GLN A 633 -5.39 -27.77 33.36
CA GLN A 633 -4.34 -28.04 32.37
C GLN A 633 -4.04 -26.88 31.38
N THR A 634 -5.05 -26.11 30.98
CA THR A 634 -4.82 -25.09 29.96
C THR A 634 -5.80 -23.93 30.13
N ASP A 635 -5.44 -22.77 29.61
CA ASP A 635 -6.31 -21.60 29.65
C ASP A 635 -7.45 -21.81 28.64
N PRO A 636 -8.70 -21.54 29.07
CA PRO A 636 -9.88 -21.91 28.27
C PRO A 636 -9.91 -21.20 26.94
N VAL A 637 -9.52 -19.94 26.95
CA VAL A 637 -9.45 -19.16 25.73
C VAL A 637 -8.33 -19.69 24.81
N GLU A 638 -7.18 -20.00 25.40
CA GLU A 638 -6.10 -20.63 24.65
C GLU A 638 -6.55 -21.97 24.08
N TYR A 639 -7.32 -22.74 24.85
CA TYR A 639 -7.79 -24.03 24.37
C TYR A 639 -8.79 -23.91 23.20
N LEU A 640 -9.74 -23.00 23.33
CA LEU A 640 -10.70 -22.72 22.28
C LEU A 640 -9.99 -22.33 21.00
N LEU A 641 -8.98 -21.47 21.13
CA LEU A 641 -8.25 -20.96 19.98
C LEU A 641 -7.49 -22.08 19.23
N GLU A 642 -7.01 -23.07 19.97
CA GLU A 642 -6.38 -24.23 19.35
C GLU A 642 -7.39 -24.99 18.50
N GLN A 643 -8.61 -25.14 18.99
CA GLN A 643 -9.66 -25.78 18.18
C GLN A 643 -10.03 -24.89 16.98
N LEU A 644 -10.21 -23.59 17.21
CA LEU A 644 -10.56 -22.67 16.13
C LEU A 644 -9.54 -22.65 15.00
N ASN A 645 -8.26 -22.84 15.33
CA ASN A 645 -7.20 -22.80 14.32
C ASN A 645 -7.16 -24.06 13.46
N ASN A 646 -8.15 -24.93 13.63
CA ASN A 646 -8.32 -26.08 12.76
C ASN A 646 -9.28 -25.79 11.62
N LEU A 647 -9.92 -24.62 11.64
CA LEU A 647 -10.83 -24.25 10.56
C LEU A 647 -10.11 -24.21 9.22
N THR A 648 -10.71 -24.81 8.19
CA THR A 648 -10.19 -24.73 6.83
C THR A 648 -11.27 -24.64 5.76
N SER A 668 -11.63 -33.12 17.17
CA SER A 668 -12.61 -32.71 18.20
C SER A 668 -13.03 -31.25 18.01
N ASP A 669 -14.30 -31.04 17.66
CA ASP A 669 -14.77 -29.70 17.32
C ASP A 669 -16.02 -29.22 18.07
N ASP A 670 -16.38 -29.91 19.14
CA ASP A 670 -17.56 -29.62 19.96
C ASP A 670 -17.58 -28.19 20.53
N LEU A 671 -16.42 -27.64 20.93
CA LEU A 671 -16.37 -26.32 21.61
C LEU A 671 -16.43 -25.25 20.52
N MET A 672 -15.72 -25.51 19.43
CA MET A 672 -15.71 -24.58 18.33
C MET A 672 -17.13 -24.43 17.79
N VAL A 673 -17.81 -25.56 17.62
CA VAL A 673 -19.17 -25.58 17.08
C VAL A 673 -20.14 -24.87 18.04
N ALA A 674 -20.03 -25.15 19.33
CA ALA A 674 -20.87 -24.50 20.33
C ALA A 674 -20.66 -23.00 20.35
N VAL A 675 -19.40 -22.57 20.25
CA VAL A 675 -19.08 -21.14 20.28
C VAL A 675 -19.61 -20.45 19.05
N ILE A 676 -19.33 -21.03 17.89
CA ILE A 676 -19.76 -20.43 16.63
C ILE A 676 -21.29 -20.37 16.53
N MET A 677 -21.96 -21.44 16.95
CA MET A 677 -23.43 -21.51 16.96
C MET A 677 -24.10 -20.66 18.05
N ALA A 678 -23.50 -20.57 19.23
CA ALA A 678 -24.07 -19.71 20.25
C ALA A 678 -24.08 -18.28 19.75
N ILE A 679 -22.97 -17.88 19.12
CA ILE A 679 -22.84 -16.54 18.54
C ILE A 679 -23.82 -16.31 17.39
N TYR A 680 -23.98 -17.30 16.54
CA TYR A 680 -24.93 -17.20 15.42
C TYR A 680 -26.33 -16.92 15.96
N LEU A 681 -26.72 -17.62 17.01
CA LEU A 681 -28.00 -17.40 17.68
C LEU A 681 -28.13 -15.98 18.26
N ALA A 682 -27.07 -15.48 18.90
CA ALA A 682 -27.09 -14.13 19.42
C ALA A 682 -27.18 -13.12 18.27
N GLY A 686 -34.93 -16.88 13.40
CA GLY A 686 -36.26 -17.14 13.86
C GLY A 686 -36.35 -17.13 15.37
N PRO A 687 -37.51 -16.81 15.93
CA PRO A 687 -37.63 -16.59 17.37
C PRO A 687 -37.60 -17.89 18.16
N PRO A 688 -36.82 -17.94 19.23
CA PRO A 688 -36.92 -19.01 20.22
C PRO A 688 -37.76 -18.55 21.40
N HIS A 689 -38.31 -19.52 22.13
CA HIS A 689 -39.46 -19.21 22.97
C HIS A 689 -39.37 -19.87 24.35
N THR A 690 -40.49 -19.85 25.07
CA THR A 690 -40.54 -20.22 26.48
C THR A 690 -40.78 -21.71 26.65
N ALA B 1 29.03 23.31 -21.81
CA ALA B 1 28.14 22.76 -20.79
C ALA B 1 26.98 23.70 -20.50
N ALA B 2 26.88 24.77 -21.29
CA ALA B 2 25.81 25.74 -21.08
C ALA B 2 24.45 25.25 -21.56
N PRO B 3 24.26 24.80 -22.80
CA PRO B 3 22.90 24.47 -23.26
C PRO B 3 22.41 23.18 -22.62
N VAL B 4 21.18 23.23 -22.09
CA VAL B 4 20.50 22.06 -21.56
C VAL B 4 19.39 21.69 -22.52
N SER B 5 19.13 20.39 -22.66
CA SER B 5 18.19 19.91 -23.67
C SER B 5 16.81 20.49 -23.45
N GLU B 6 16.26 21.11 -24.50
CA GLU B 6 14.96 21.78 -24.50
C GLU B 6 13.87 20.99 -23.78
N PRO B 7 13.81 19.66 -23.90
CA PRO B 7 12.85 18.93 -23.06
C PRO B 7 13.03 19.17 -21.58
N THR B 8 14.25 19.43 -21.10
CA THR B 8 14.42 19.70 -19.68
C THR B 8 13.80 21.03 -19.27
N VAL B 9 14.00 22.08 -20.08
CA VAL B 9 13.36 23.37 -19.78
C VAL B 9 11.85 23.28 -19.90
N ALA B 10 11.36 22.51 -20.89
CA ALA B 10 9.92 22.32 -21.00
C ALA B 10 9.38 21.56 -19.80
N ARG B 11 10.12 20.59 -19.27
CA ARG B 11 9.67 19.87 -18.09
C ARG B 11 9.68 20.77 -16.87
N GLN B 12 10.68 21.63 -16.73
CA GLN B 12 10.69 22.58 -15.62
C GLN B 12 9.51 23.54 -15.72
N LYS B 13 9.21 24.01 -16.93
CA LYS B 13 8.05 24.87 -17.12
C LYS B 13 6.76 24.14 -16.76
N LEU B 14 6.66 22.87 -17.15
CA LEU B 14 5.48 22.08 -16.80
C LEU B 14 5.38 21.85 -15.29
N LEU B 15 6.51 21.69 -14.61
CA LEU B 15 6.46 21.55 -13.16
C LEU B 15 5.96 22.83 -12.52
N ALA B 16 6.46 23.97 -12.98
CA ALA B 16 5.97 25.25 -12.44
C ALA B 16 4.49 25.40 -12.70
N LEU B 17 4.04 25.05 -13.91
CA LEU B 17 2.61 25.18 -14.24
C LEU B 17 1.76 24.22 -13.42
N LEU B 18 2.27 23.03 -13.14
CA LEU B 18 1.56 22.09 -12.28
C LEU B 18 1.46 22.63 -10.86
N GLY B 19 2.52 23.25 -10.37
CA GLY B 19 2.46 23.86 -9.05
C GLY B 19 1.45 24.98 -8.99
N GLN B 20 1.43 25.84 -10.01
CA GLN B 20 0.46 26.92 -10.05
C GLN B 20 -0.97 26.39 -10.11
N VAL B 21 -1.20 25.36 -10.92
CA VAL B 21 -2.53 24.79 -11.04
C VAL B 21 -2.96 24.14 -9.73
N GLN B 22 -2.02 23.50 -9.03
CA GLN B 22 -2.33 22.93 -7.72
C GLN B 22 -2.70 24.02 -6.73
N THR B 23 -1.95 25.12 -6.73
CA THR B 23 -2.30 26.25 -5.88
C THR B 23 -3.69 26.77 -6.20
N TYR B 24 -4.02 26.86 -7.50
CA TYR B 24 -5.33 27.36 -7.90
C TYR B 24 -6.44 26.42 -7.44
N VAL B 25 -6.24 25.10 -7.57
CA VAL B 25 -7.23 24.15 -7.12
C VAL B 25 -7.29 24.05 -5.60
N PHE B 26 -6.29 24.59 -4.91
CA PHE B 26 -6.40 24.75 -3.47
C PHE B 26 -7.23 25.98 -3.11
N GLN B 27 -6.99 27.10 -3.78
CA GLN B 27 -7.85 28.26 -3.59
C GLN B 27 -9.31 27.91 -3.89
N ILE B 28 -9.53 27.06 -4.90
CA ILE B 28 -10.88 26.64 -5.24
C ILE B 28 -11.49 25.83 -4.10
N GLU B 29 -10.75 24.86 -3.57
CA GLU B 29 -11.28 24.06 -2.48
C GLU B 29 -11.44 24.83 -1.22
N LEU B 30 -10.85 26.02 -1.17
CA LEU B 30 -11.12 26.97 -0.09
C LEU B 30 -12.39 27.77 -0.32
N LEU B 31 -12.55 28.35 -1.51
CA LEU B 31 -13.74 29.13 -1.81
C LEU B 31 -15.01 28.30 -1.86
N ARG B 32 -14.90 26.97 -1.83
CA ARG B 32 -16.08 26.12 -1.74
C ARG B 32 -16.63 26.02 -0.34
N ARG B 33 -15.99 26.67 0.63
CA ARG B 33 -16.43 26.64 2.02
C ARG B 33 -16.53 28.04 2.58
N CYS B 34 -16.03 29.02 1.85
CA CYS B 34 -16.07 30.40 2.30
C CYS B 34 -17.49 30.96 2.19
N ASP B 35 -17.72 32.04 2.91
CA ASP B 35 -19.02 32.69 2.91
C ASP B 35 -19.35 33.21 1.51
N PRO B 36 -20.56 32.99 1.00
CA PRO B 36 -20.90 33.50 -0.33
C PRO B 36 -20.78 35.01 -0.44
N HIS B 37 -21.00 35.75 0.65
CA HIS B 37 -20.82 37.20 0.62
C HIS B 37 -19.36 37.56 0.38
N ILE B 38 -18.45 36.60 0.55
CA ILE B 38 -17.04 36.80 0.25
C ILE B 38 -16.67 36.20 -1.10
N GLY B 39 -17.34 35.10 -1.47
CA GLY B 39 -17.21 34.60 -2.82
C GLY B 39 -17.61 35.62 -3.86
N ARG B 40 -18.64 36.42 -3.55
CA ARG B 40 -19.01 37.50 -4.46
C ARG B 40 -17.93 38.57 -4.56
N GLY B 41 -17.18 38.78 -3.48
CA GLY B 41 -16.06 39.70 -3.53
C GLY B 41 -14.88 39.16 -4.30
N LYS B 42 -14.64 37.85 -4.23
CA LYS B 42 -13.55 37.21 -4.96
C LYS B 42 -13.98 36.69 -6.33
N LEU B 43 -15.20 37.02 -6.74
CA LEU B 43 -15.72 36.66 -8.06
C LEU B 43 -14.84 37.06 -9.23
N PRO B 44 -14.32 38.29 -9.30
CA PRO B 44 -13.48 38.62 -10.47
C PRO B 44 -12.19 37.82 -10.53
N GLN B 45 -11.57 37.56 -9.38
CA GLN B 45 -10.37 36.74 -9.37
C GLN B 45 -10.67 35.32 -9.83
N LEU B 46 -11.78 34.75 -9.37
CA LEU B 46 -12.15 33.40 -9.79
C LEU B 46 -12.47 33.34 -11.27
N LYS B 47 -13.13 34.38 -11.79
CA LYS B 47 -13.43 34.42 -13.22
C LYS B 47 -12.16 34.54 -14.03
N LEU B 48 -11.21 35.38 -13.58
CA LEU B 48 -9.94 35.51 -14.28
C LEU B 48 -9.18 34.20 -14.28
N ASN B 49 -9.17 33.49 -13.14
CA ASN B 49 -8.46 32.22 -13.07
C ASN B 49 -9.14 31.16 -13.94
N ALA B 50 -10.47 31.15 -14.00
CA ALA B 50 -11.15 30.22 -14.88
C ALA B 50 -10.81 30.50 -16.34
N LEU B 51 -10.80 31.77 -16.73
CA LEU B 51 -10.33 32.13 -18.07
C LEU B 51 -8.90 31.67 -18.30
N GLN B 52 -8.05 31.78 -17.28
CA GLN B 52 -6.66 31.37 -17.43
C GLN B 52 -6.55 29.87 -17.66
N VAL B 53 -7.30 29.07 -16.89
CA VAL B 53 -7.25 27.63 -17.08
C VAL B 53 -7.84 27.24 -18.44
N ARG B 54 -8.89 27.92 -18.87
CA ARG B 54 -9.47 27.65 -20.19
C ARG B 54 -8.45 27.93 -21.29
N ALA B 55 -7.84 29.11 -21.29
CA ALA B 55 -6.82 29.43 -22.27
C ALA B 55 -5.56 28.62 -22.09
N LEU B 56 -5.40 27.94 -20.94
CA LEU B 56 -4.22 27.13 -20.72
C LEU B 56 -4.37 25.73 -21.29
N ARG B 57 -5.53 25.10 -21.09
CA ARG B 57 -5.75 23.75 -21.61
C ARG B 57 -6.30 23.89 -23.03
N ARG B 58 -5.70 24.77 -23.81
CA ARG B 58 -5.89 24.82 -25.24
C ARG B 58 -4.53 24.98 -25.92
N ARG B 59 -3.57 25.50 -25.15
CA ARG B 59 -2.19 25.52 -25.62
C ARG B 59 -1.51 24.18 -25.38
N LEU B 60 -2.06 23.39 -24.46
CA LEU B 60 -1.52 22.07 -24.14
C LEU B 60 -2.43 20.93 -24.58
N ARG B 61 -3.61 21.24 -25.12
CA ARG B 61 -4.55 20.20 -25.48
C ARG B 61 -4.02 19.32 -26.62
N PRO B 62 -3.55 19.88 -27.74
CA PRO B 62 -2.95 19.00 -28.76
C PRO B 62 -1.70 18.31 -28.28
N GLY B 63 -0.88 19.00 -27.48
CA GLY B 63 0.30 18.37 -26.91
C GLY B 63 -0.04 17.18 -26.04
N LEU B 64 -0.94 17.37 -25.07
CA LEU B 64 -1.32 16.27 -24.20
C LEU B 64 -2.05 15.17 -24.97
N GLU B 65 -2.77 15.54 -26.02
CA GLU B 65 -3.44 14.53 -26.84
C GLU B 65 -2.43 13.65 -27.55
N ALA B 66 -1.40 14.26 -28.14
CA ALA B 66 -0.33 13.47 -28.77
C ALA B 66 0.45 12.68 -27.72
N GLN B 67 0.56 13.23 -26.50
CA GLN B 67 1.28 12.56 -25.44
C GLN B 67 0.56 11.29 -24.99
N ALA B 68 -0.76 11.38 -24.80
CA ALA B 68 -1.51 10.21 -24.36
C ALA B 68 -1.37 9.05 -25.34
N GLY B 69 -1.30 9.35 -26.63
CA GLY B 69 -1.09 8.33 -27.63
C GLY B 69 0.33 7.89 -27.83
N ALA B 70 1.27 8.43 -27.05
CA ALA B 70 2.67 8.02 -27.16
C ALA B 70 3.32 8.14 -25.79
N PHE B 71 3.34 7.03 -25.04
CA PHE B 71 4.16 6.88 -23.84
C PHE B 71 3.85 7.96 -22.79
N LEU B 72 2.66 7.84 -22.21
CA LEU B 72 2.28 8.64 -21.05
C LEU B 72 3.36 8.60 -19.96
N THR B 73 3.40 9.62 -19.11
CA THR B 73 4.38 9.72 -18.04
C THR B 73 3.70 10.31 -16.81
N PRO B 74 4.14 9.93 -15.61
CA PRO B 74 3.47 10.42 -14.40
C PRO B 74 3.29 11.93 -14.34
N LEU B 75 4.27 12.68 -14.83
CA LEU B 75 4.11 14.13 -14.90
C LEU B 75 2.93 14.51 -15.78
N SER B 76 2.86 13.94 -16.98
CA SER B 76 1.77 14.29 -17.90
C SER B 76 0.42 13.86 -17.36
N VAL B 77 0.35 12.68 -16.74
CA VAL B 77 -0.92 12.19 -16.20
C VAL B 77 -1.39 13.11 -15.06
N THR B 78 -0.47 13.44 -14.14
CA THR B 78 -0.84 14.32 -13.05
C THR B 78 -1.26 15.69 -13.55
N LEU B 79 -0.57 16.20 -14.58
CA LEU B 79 -0.92 17.51 -15.11
C LEU B 79 -2.29 17.48 -15.78
N GLU B 80 -2.57 16.43 -16.55
CA GLU B 80 -3.89 16.30 -17.17
C GLU B 80 -4.99 16.24 -16.11
N LEU B 81 -4.80 15.42 -15.08
CA LEU B 81 -5.80 15.30 -14.03
C LEU B 81 -6.02 16.65 -13.35
N LEU B 82 -4.94 17.35 -13.00
CA LEU B 82 -5.09 18.61 -12.28
C LEU B 82 -5.71 19.68 -13.15
N LEU B 83 -5.31 19.77 -14.42
CA LEU B 83 -5.90 20.75 -15.31
C LEU B 83 -7.38 20.50 -15.50
N GLU B 84 -7.76 19.24 -15.77
CA GLU B 84 -9.16 18.94 -15.99
C GLU B 84 -10.00 19.19 -14.74
N TYR B 85 -9.50 18.77 -13.56
CA TYR B 85 -10.27 18.97 -12.34
C TYR B 85 -10.35 20.46 -11.99
N ALA B 86 -9.29 21.21 -12.24
CA ALA B 86 -9.32 22.64 -11.96
C ALA B 86 -10.32 23.34 -12.87
N TRP B 87 -10.34 22.97 -14.15
CA TRP B 87 -11.34 23.52 -15.07
C TRP B 87 -12.75 23.20 -14.58
N ARG B 88 -12.99 21.93 -14.27
CA ARG B 88 -14.31 21.52 -13.80
C ARG B 88 -14.75 22.31 -12.58
N GLU B 89 -13.90 22.37 -11.56
CA GLU B 89 -14.28 23.03 -10.32
C GLU B 89 -14.37 24.54 -10.48
N GLY B 90 -13.53 25.13 -11.33
CA GLY B 90 -13.66 26.54 -11.61
C GLY B 90 -15.01 26.88 -12.20
N GLU B 91 -15.39 26.17 -13.27
CA GLU B 91 -16.70 26.43 -13.88
C GLU B 91 -17.83 26.18 -12.88
N ARG B 92 -17.74 25.10 -12.09
CA ARG B 92 -18.81 24.77 -11.17
C ARG B 92 -18.93 25.81 -10.05
N LEU B 93 -17.80 26.24 -9.49
CA LEU B 93 -17.82 27.23 -8.42
C LEU B 93 -18.31 28.56 -8.93
N LEU B 94 -17.88 28.97 -10.12
CA LEU B 94 -18.38 30.22 -10.69
C LEU B 94 -19.89 30.16 -10.90
N GLY B 95 -20.38 29.04 -11.44
CA GLY B 95 -21.81 28.89 -11.62
C GLY B 95 -22.58 28.92 -10.31
N SER B 96 -22.01 28.31 -9.26
CA SER B 96 -22.68 28.27 -7.98
C SER B 96 -22.60 29.58 -7.22
N LEU B 97 -21.60 30.41 -7.50
CA LEU B 97 -21.54 31.73 -6.90
C LEU B 97 -22.42 32.73 -7.64
N GLU B 98 -22.60 32.53 -8.95
CA GLU B 98 -23.51 33.40 -9.69
C GLU B 98 -24.97 32.97 -9.52
N THR B 99 -25.21 31.70 -9.20
CA THR B 99 -26.54 31.30 -8.76
C THR B 99 -26.90 32.00 -7.47
N PHE B 100 -25.97 32.04 -6.51
CA PHE B 100 -26.09 32.94 -5.38
C PHE B 100 -26.15 34.38 -5.88
N ALA B 101 -26.74 35.25 -5.07
CA ALA B 101 -27.16 36.62 -5.35
C ALA B 101 -28.42 36.64 -6.21
N THR B 102 -28.90 35.50 -6.68
CA THR B 102 -30.26 35.36 -7.18
C THR B 102 -31.19 34.78 -6.13
N ALA B 103 -30.71 33.81 -5.35
CA ALA B 103 -31.43 33.30 -4.18
C ALA B 103 -31.02 34.00 -2.90
N GLY B 104 -29.77 34.41 -2.77
CA GLY B 104 -29.30 35.02 -1.54
C GLY B 104 -29.21 34.07 -0.38
N ASP B 105 -29.21 32.76 -0.64
CA ASP B 105 -29.22 31.74 0.40
C ASP B 105 -27.82 31.17 0.57
N VAL B 106 -27.38 31.06 1.82
CA VAL B 106 -26.09 30.46 2.10
C VAL B 106 -26.18 28.94 2.21
N ALA B 107 -27.13 28.42 2.98
CA ALA B 107 -27.27 26.98 3.14
C ALA B 107 -27.47 26.29 1.80
N ALA B 108 -28.22 26.93 0.90
CA ALA B 108 -28.40 26.36 -0.43
C ALA B 108 -27.09 26.32 -1.19
N PHE B 109 -26.31 27.40 -1.13
CA PHE B 109 -25.03 27.45 -1.81
C PHE B 109 -24.08 26.37 -1.27
N PHE B 110 -24.15 26.11 0.04
CA PHE B 110 -23.27 25.10 0.62
C PHE B 110 -23.71 23.70 0.26
N THR B 111 -25.03 23.44 0.26
CA THR B 111 -25.53 22.15 -0.18
C THR B 111 -25.24 21.92 -1.66
N GLU B 112 -25.03 23.01 -2.41
CA GLU B 112 -24.68 22.86 -3.82
C GLU B 112 -23.19 22.59 -3.99
N THR B 113 -22.34 23.50 -3.52
CA THR B 113 -20.90 23.38 -3.78
C THR B 113 -20.29 22.15 -3.12
N MET B 114 -20.40 22.06 -1.80
CA MET B 114 -19.80 20.94 -1.06
C MET B 114 -20.45 19.62 -1.44
N GLY B 115 -21.50 19.67 -2.27
CA GLY B 115 -22.13 18.45 -2.75
C GLY B 115 -22.86 17.69 -1.67
N LEU B 116 -23.89 18.29 -1.08
CA LEU B 116 -24.63 17.61 -0.03
C LEU B 116 -25.88 16.94 -0.58
N ALA B 117 -26.28 17.32 -1.80
CA ALA B 117 -27.46 16.75 -2.44
C ALA B 117 -27.13 16.08 -3.78
N ARG B 118 -25.87 16.03 -4.17
CA ARG B 118 -25.50 15.40 -5.42
C ARG B 118 -25.73 13.89 -5.32
N PRO B 119 -26.04 13.21 -6.42
CA PRO B 119 -26.32 11.76 -6.37
C PRO B 119 -25.09 10.88 -6.53
N CYS B 120 -24.14 11.01 -5.61
CA CYS B 120 -22.97 10.14 -5.53
C CYS B 120 -22.21 10.04 -6.85
N PRO B 121 -21.46 11.08 -7.24
CA PRO B 121 -20.79 11.08 -8.54
C PRO B 121 -19.56 10.18 -8.59
N TYR B 122 -19.41 9.30 -7.61
CA TYR B 122 -18.24 8.43 -7.50
C TYR B 122 -18.56 7.00 -7.93
N HIS B 123 -19.41 6.84 -8.94
CA HIS B 123 -19.69 5.54 -9.55
C HIS B 123 -19.31 5.58 -11.01
N GLN B 124 -18.86 4.45 -11.54
CA GLN B 124 -18.40 4.40 -12.91
C GLN B 124 -18.41 2.95 -13.40
N ARG B 125 -18.52 2.78 -14.70
CA ARG B 125 -18.44 1.48 -15.35
C ARG B 125 -17.27 1.47 -16.32
N VAL B 126 -16.75 0.27 -16.61
CA VAL B 126 -15.54 0.10 -17.40
C VAL B 126 -15.79 -0.69 -18.68
N ARG B 127 -16.34 -1.90 -18.55
CA ARG B 127 -16.56 -2.80 -19.69
C ARG B 127 -15.25 -3.12 -20.40
N LEU B 128 -14.40 -3.87 -19.67
CA LEU B 128 -13.06 -4.20 -20.11
C LEU B 128 -13.02 -4.69 -21.55
N ASP B 129 -13.96 -5.56 -21.93
CA ASP B 129 -14.12 -6.03 -23.31
C ASP B 129 -12.87 -6.77 -23.80
N THR B 130 -12.58 -7.89 -23.16
CA THR B 130 -11.50 -8.77 -23.57
C THR B 130 -11.97 -9.66 -24.72
N TYR B 131 -11.11 -10.59 -25.14
CA TYR B 131 -11.60 -11.68 -25.97
C TYR B 131 -12.35 -12.68 -25.11
N GLY B 132 -13.06 -13.60 -25.76
CA GLY B 132 -13.78 -14.63 -25.03
C GLY B 132 -14.68 -14.11 -23.94
N GLY B 133 -15.47 -13.08 -24.24
CA GLY B 133 -16.34 -12.49 -23.25
C GLY B 133 -15.84 -11.14 -22.76
N THR B 134 -16.76 -10.28 -22.33
CA THR B 134 -16.44 -8.93 -21.89
C THR B 134 -16.83 -8.79 -20.42
N VAL B 135 -15.83 -8.85 -19.54
CA VAL B 135 -16.09 -8.70 -18.11
C VAL B 135 -16.13 -7.21 -17.77
N HIS B 136 -17.18 -6.81 -17.07
CA HIS B 136 -17.35 -5.42 -16.65
C HIS B 136 -17.52 -5.33 -15.14
N MET B 137 -16.70 -4.48 -14.53
CA MET B 137 -16.77 -4.19 -13.10
C MET B 137 -17.19 -2.73 -12.91
N GLU B 138 -17.17 -2.28 -11.65
CA GLU B 138 -17.68 -0.95 -11.31
C GLU B 138 -16.72 -0.28 -10.35
N LEU B 139 -16.07 0.78 -10.81
CA LEU B 139 -15.17 1.55 -9.97
C LEU B 139 -15.98 2.37 -8.98
N CYS B 140 -15.74 2.17 -7.69
CA CYS B 140 -16.35 3.00 -6.67
C CYS B 140 -15.31 3.72 -5.82
N PHE B 141 -14.31 3.00 -5.31
CA PHE B 141 -13.30 3.54 -4.43
C PHE B 141 -12.01 3.78 -5.22
N LEU B 142 -10.94 4.14 -4.50
CA LEU B 142 -9.63 4.28 -5.14
C LEU B 142 -8.94 2.94 -5.31
N HIS B 143 -8.93 2.14 -4.24
CA HIS B 143 -8.38 0.80 -4.34
C HIS B 143 -9.09 -0.02 -5.41
N ASP B 144 -10.33 0.33 -5.76
CA ASP B 144 -10.99 -0.35 -6.86
C ASP B 144 -10.36 0.02 -8.19
N VAL B 145 -9.99 1.29 -8.38
CA VAL B 145 -9.27 1.68 -9.59
C VAL B 145 -7.92 0.98 -9.64
N GLU B 146 -7.25 0.88 -8.50
CA GLU B 146 -5.97 0.19 -8.46
C GLU B 146 -6.13 -1.29 -8.83
N ASN B 147 -7.15 -1.94 -8.26
CA ASN B 147 -7.40 -3.34 -8.56
C ASN B 147 -7.74 -3.53 -10.03
N PHE B 148 -8.53 -2.62 -10.61
CA PHE B 148 -8.85 -2.76 -12.03
C PHE B 148 -7.62 -2.58 -12.90
N LEU B 149 -6.75 -1.64 -12.55
CA LEU B 149 -5.54 -1.45 -13.34
C LEU B 149 -4.63 -2.65 -13.27
N LYS B 150 -4.50 -3.24 -12.08
CA LYS B 150 -3.71 -4.46 -11.96
C LYS B 150 -4.38 -5.61 -12.71
N GLN B 151 -5.71 -5.70 -12.69
CA GLN B 151 -6.42 -6.72 -13.45
C GLN B 151 -6.22 -6.58 -14.93
N LEU B 152 -6.21 -5.35 -15.44
CA LEU B 152 -5.93 -5.10 -16.85
C LEU B 152 -4.49 -5.44 -17.22
N ASN B 153 -3.53 -5.08 -16.37
CA ASN B 153 -2.15 -5.49 -16.62
C ASN B 153 -2.03 -7.02 -16.65
N TYR B 154 -2.73 -7.69 -15.74
CA TYR B 154 -2.69 -9.15 -15.72
C TYR B 154 -3.29 -9.74 -16.99
N CYS B 155 -4.56 -9.44 -17.26
CA CYS B 155 -5.19 -9.88 -18.50
C CYS B 155 -4.90 -8.87 -19.61
N HIS B 156 -3.64 -8.49 -19.78
CA HIS B 156 -3.24 -7.65 -20.90
C HIS B 156 -3.03 -8.45 -22.17
N LEU B 157 -2.73 -9.74 -22.09
CA LEU B 157 -2.40 -10.54 -23.25
C LEU B 157 -3.64 -11.08 -23.95
N ILE B 158 -4.83 -10.63 -23.58
CA ILE B 158 -6.07 -11.02 -24.24
C ILE B 158 -6.86 -9.82 -24.71
N THR B 159 -6.97 -8.78 -23.88
CA THR B 159 -7.75 -7.61 -24.27
C THR B 159 -7.09 -6.93 -25.48
N PRO B 160 -7.87 -6.46 -26.44
CA PRO B 160 -7.28 -5.77 -27.60
C PRO B 160 -6.82 -4.38 -27.24
N SER B 161 -6.28 -3.66 -28.22
CA SER B 161 -5.82 -2.29 -27.96
C SER B 161 -6.99 -1.35 -27.67
N ARG B 162 -7.91 -1.23 -28.64
CA ARG B 162 -8.94 -0.20 -28.55
C ARG B 162 -9.86 -0.41 -27.35
N GLY B 163 -10.17 -1.66 -27.01
CA GLY B 163 -10.92 -1.92 -25.79
C GLY B 163 -10.19 -1.44 -24.55
N ALA B 164 -8.87 -1.65 -24.52
CA ALA B 164 -8.09 -1.19 -23.39
C ALA B 164 -8.06 0.33 -23.32
N THR B 165 -7.94 1.01 -24.47
CA THR B 165 -7.94 2.46 -24.46
C THR B 165 -9.30 3.01 -24.02
N ALA B 166 -10.39 2.35 -24.41
CA ALA B 166 -11.71 2.78 -23.97
C ALA B 166 -11.86 2.61 -22.47
N ALA B 167 -11.47 1.45 -21.94
CA ALA B 167 -11.55 1.23 -20.50
C ALA B 167 -10.66 2.22 -19.75
N LEU B 168 -9.49 2.53 -20.30
CA LEU B 168 -8.57 3.44 -19.63
C LEU B 168 -9.10 4.87 -19.66
N GLU B 169 -9.79 5.25 -20.72
CA GLU B 169 -10.45 6.55 -20.73
C GLU B 169 -11.56 6.62 -19.70
N ARG B 170 -12.36 5.55 -19.58
CA ARG B 170 -13.44 5.57 -18.60
C ARG B 170 -12.90 5.43 -17.17
N VAL B 171 -11.64 5.04 -17.02
CA VAL B 171 -11.01 5.05 -15.70
C VAL B 171 -10.41 6.41 -15.40
N ARG B 172 -9.78 7.04 -16.38
CA ARG B 172 -9.25 8.38 -16.19
C ARG B 172 -10.37 9.39 -15.92
N GLU B 173 -11.54 9.18 -16.51
CA GLU B 173 -12.67 10.05 -16.22
C GLU B 173 -13.13 9.94 -14.77
N PHE B 174 -12.90 8.79 -14.13
CA PHE B 174 -13.19 8.68 -12.71
C PHE B 174 -12.07 9.25 -11.86
N MET B 175 -10.83 9.03 -12.29
CA MET B 175 -9.69 9.57 -11.57
C MET B 175 -9.73 11.09 -11.55
N VAL B 176 -10.23 11.71 -12.61
CA VAL B 176 -10.41 13.17 -12.64
C VAL B 176 -11.30 13.63 -11.49
N GLY B 177 -12.27 12.82 -11.10
CA GLY B 177 -13.17 13.19 -10.03
C GLY B 177 -12.70 12.76 -8.66
N ALA B 178 -11.90 11.70 -8.60
CA ALA B 178 -11.37 11.21 -7.33
C ALA B 178 -9.98 11.77 -7.04
N VAL B 179 -9.04 11.57 -7.95
CA VAL B 179 -7.65 11.99 -7.76
C VAL B 179 -7.49 13.41 -8.26
N GLY B 180 -8.60 14.00 -8.72
CA GLY B 180 -8.55 15.35 -9.25
C GLY B 180 -8.23 16.40 -8.22
N SER B 181 -8.82 16.29 -7.03
CA SER B 181 -8.48 17.23 -5.96
C SER B 181 -7.00 17.15 -5.61
N GLY B 182 -6.45 15.94 -5.56
CA GLY B 182 -5.05 15.73 -5.29
C GLY B 182 -4.58 16.18 -3.93
N LEU B 183 -5.47 16.65 -3.06
CA LEU B 183 -5.05 17.22 -1.79
C LEU B 183 -5.84 16.75 -0.58
N ILE B 184 -7.09 16.27 -0.72
CA ILE B 184 -7.86 16.00 0.48
C ILE B 184 -8.53 14.63 0.46
N VAL B 185 -8.62 14.00 -0.71
CA VAL B 185 -9.09 12.62 -0.90
C VAL B 185 -10.30 12.32 -0.02
N PRO B 186 -11.49 12.80 -0.39
CA PRO B 186 -12.68 12.68 0.48
C PRO B 186 -12.87 11.25 0.98
N PRO B 187 -13.27 11.08 2.24
CA PRO B 187 -13.28 9.74 2.84
C PRO B 187 -14.29 8.79 2.23
N GLU B 188 -15.21 9.27 1.39
CA GLU B 188 -16.16 8.37 0.75
C GLU B 188 -15.46 7.34 -0.13
N LEU B 189 -14.28 7.66 -0.65
CA LEU B 189 -13.51 6.74 -1.49
C LEU B 189 -12.11 6.60 -0.91
N SER B 190 -12.00 5.75 0.11
CA SER B 190 -10.70 5.33 0.65
C SER B 190 -10.91 4.16 1.58
N ASP B 191 -10.21 3.05 1.34
CA ASP B 191 -10.27 1.89 2.22
C ASP B 191 -8.84 1.44 2.49
N PRO B 192 -8.16 2.10 3.43
CA PRO B 192 -6.73 1.79 3.66
C PRO B 192 -6.48 0.35 4.04
N SER B 193 -7.48 -0.39 4.50
CA SER B 193 -7.25 -1.80 4.84
C SER B 193 -6.93 -2.63 3.61
N HIS B 194 -7.21 -2.11 2.42
CA HIS B 194 -6.91 -2.81 1.18
C HIS B 194 -5.50 -2.46 0.68
N PRO B 195 -4.56 -3.40 0.74
CA PRO B 195 -3.19 -3.09 0.31
C PRO B 195 -3.09 -2.95 -1.20
N CYS B 196 -2.36 -1.93 -1.62
CA CYS B 196 -2.21 -1.61 -3.04
C CYS B 196 -1.08 -2.44 -3.63
N ALA B 197 -0.67 -2.13 -4.86
CA ALA B 197 0.34 -2.92 -5.55
C ALA B 197 1.71 -2.82 -4.92
N VAL B 198 1.99 -1.74 -4.18
CA VAL B 198 3.31 -1.55 -3.60
C VAL B 198 3.42 -2.11 -2.19
N CYS B 199 2.31 -2.30 -1.49
CA CYS B 199 2.37 -2.99 -0.21
C CYS B 199 2.86 -4.42 -0.40
N PHE B 200 2.44 -5.07 -1.47
CA PHE B 200 2.94 -6.41 -1.74
C PHE B 200 4.41 -6.38 -2.12
N GLU B 201 4.82 -5.39 -2.91
CA GLU B 201 6.22 -5.33 -3.34
C GLU B 201 7.15 -4.97 -2.19
N GLU B 202 6.62 -4.32 -1.15
CA GLU B 202 7.44 -4.00 0.02
C GLU B 202 7.23 -4.97 1.16
N LEU B 203 6.29 -5.89 1.04
CA LEU B 203 6.17 -7.01 1.97
C LEU B 203 6.94 -8.23 1.50
N CYS B 204 7.06 -8.45 0.20
CA CYS B 204 7.96 -9.47 -0.30
C CYS B 204 9.40 -9.14 0.06
N VAL B 205 9.72 -7.86 0.15
CA VAL B 205 11.12 -7.44 0.24
C VAL B 205 11.56 -7.32 1.68
N THR B 206 10.70 -6.80 2.56
CA THR B 206 11.07 -6.63 3.96
C THR B 206 11.11 -8.00 4.65
N ALA B 207 11.38 -8.00 5.95
CA ALA B 207 11.52 -9.25 6.68
C ALA B 207 10.18 -9.96 6.79
N ASN B 208 10.23 -11.30 6.75
CA ASN B 208 9.04 -12.12 6.90
C ASN B 208 9.40 -13.31 7.80
N GLN B 209 9.17 -13.16 9.10
CA GLN B 209 9.50 -14.21 10.06
C GLN B 209 8.48 -15.32 9.89
N GLY B 210 8.83 -16.31 9.07
CA GLY B 210 7.80 -17.25 8.62
C GLY B 210 6.72 -16.45 7.94
N ALA B 211 5.47 -16.67 8.37
CA ALA B 211 4.38 -15.75 8.11
C ALA B 211 4.23 -15.47 6.60
N THR B 212 3.85 -16.52 5.89
CA THR B 212 3.61 -16.44 4.45
C THR B 212 2.87 -15.15 4.10
N ILE B 213 3.33 -14.50 3.02
CA ILE B 213 2.93 -13.13 2.73
C ILE B 213 1.41 -12.99 2.65
N ALA B 214 0.71 -14.05 2.28
CA ALA B 214 -0.75 -14.00 2.28
C ALA B 214 -1.32 -13.79 3.67
N SER B 215 -0.52 -14.06 4.72
CA SER B 215 -0.98 -13.87 6.08
C SER B 215 -0.60 -12.51 6.65
N ARG B 216 0.11 -11.68 5.88
CA ARG B 216 0.47 -10.34 6.34
C ARG B 216 -0.35 -9.24 5.67
N LEU B 217 -0.94 -9.53 4.50
CA LEU B 217 -1.73 -8.54 3.78
C LEU B 217 -3.09 -8.31 4.42
N ALA B 218 -3.35 -8.86 5.61
CA ALA B 218 -4.62 -8.65 6.29
C ALA B 218 -4.55 -7.57 7.36
N ASP B 219 -3.35 -7.26 7.86
CA ASP B 219 -3.18 -6.30 8.94
C ASP B 219 -2.67 -4.95 8.47
N ARG B 220 -2.34 -4.81 7.20
CA ARG B 220 -1.67 -3.60 6.72
C ARG B 220 -2.67 -2.50 6.39
N ILE B 221 -2.29 -1.26 6.69
CA ILE B 221 -3.11 -0.09 6.40
C ILE B 221 -2.69 0.59 5.10
N CYS B 222 -1.59 0.15 4.50
CA CYS B 222 -1.19 0.36 3.11
C CYS B 222 -0.72 1.76 2.76
N ASN B 223 -1.02 2.76 3.59
CA ASN B 223 -0.23 3.98 3.75
C ASN B 223 0.34 4.60 2.47
N HIS B 224 -0.16 4.22 1.30
CA HIS B 224 0.45 4.67 0.05
C HIS B 224 -0.50 5.36 -0.90
N VAL B 225 -1.72 4.84 -1.05
CA VAL B 225 -2.68 5.49 -1.93
C VAL B 225 -3.32 6.69 -1.26
N THR B 226 -3.26 6.78 0.07
CA THR B 226 -3.73 7.94 0.83
C THR B 226 -2.73 8.19 1.94
N GLN B 227 -1.87 9.20 1.77
CA GLN B 227 -0.83 9.49 2.74
C GLN B 227 -1.38 10.29 3.92
N GLN B 228 -0.50 10.84 4.76
CA GLN B 228 -0.97 11.46 5.99
C GLN B 228 -0.57 12.92 6.14
N ALA B 229 0.60 13.31 5.64
CA ALA B 229 0.99 14.71 5.44
C ALA B 229 1.28 15.45 6.74
N GLN B 230 1.00 14.84 7.89
CA GLN B 230 1.44 15.29 9.22
C GLN B 230 1.30 16.81 9.36
N VAL B 231 0.06 17.26 9.42
CA VAL B 231 -0.24 18.69 9.59
C VAL B 231 -0.08 19.05 11.06
N ARG B 232 0.55 20.19 11.33
CA ARG B 232 0.74 20.68 12.68
C ARG B 232 0.29 22.14 12.77
N LEU B 233 -0.36 22.48 13.87
CA LEU B 233 -0.97 23.79 14.02
C LEU B 233 -0.73 24.29 15.44
N ASP B 234 -0.18 25.50 15.55
CA ASP B 234 0.18 26.07 16.84
C ASP B 234 -1.06 26.36 17.68
N ALA B 235 -0.83 26.76 18.93
CA ALA B 235 -1.95 27.04 19.83
C ALA B 235 -2.51 28.44 19.61
N ASN B 236 -1.68 29.47 19.83
CA ASN B 236 -2.08 30.86 19.60
C ASN B 236 -1.74 31.21 18.16
N GLU B 237 -2.49 30.64 17.23
CA GLU B 237 -2.15 30.77 15.83
C GLU B 237 -2.45 32.16 15.28
N LEU B 238 -3.70 32.61 15.40
CA LEU B 238 -4.04 33.89 14.80
C LEU B 238 -3.40 35.06 15.53
N ARG B 239 -3.22 34.95 16.85
CA ARG B 239 -2.56 36.03 17.58
C ARG B 239 -1.13 36.23 17.12
N ARG B 240 -0.47 35.17 16.67
CA ARG B 240 0.87 35.31 16.10
C ARG B 240 0.85 36.04 14.76
N TYR B 241 -0.28 36.03 14.07
CA TYR B 241 -0.33 36.42 12.66
C TYR B 241 -1.15 37.67 12.39
N LEU B 242 -1.79 38.18 13.44
CA LEU B 242 -2.73 39.34 13.34
C LEU B 242 -1.95 40.65 13.34
N PRO B 243 -0.83 40.76 14.08
CA PRO B 243 -0.02 41.99 14.09
C PRO B 243 0.53 42.25 12.68
N HIS B 244 0.95 41.19 12.00
CA HIS B 244 1.53 41.30 10.63
C HIS B 244 0.53 40.87 9.55
N ALA B 245 -0.76 41.24 9.68
CA ALA B 245 -1.70 40.92 8.62
C ALA B 245 -1.49 41.84 7.42
N ALA B 246 -1.98 41.41 6.27
CA ALA B 246 -1.76 42.11 5.01
C ALA B 246 -2.94 43.04 4.72
N GLY B 247 -2.64 44.29 4.41
CA GLY B 247 -3.67 45.24 4.01
C GLY B 247 -4.61 45.66 5.11
N LEU B 248 -4.08 45.90 6.31
CA LEU B 248 -4.87 46.33 7.45
C LEU B 248 -4.32 47.65 7.98
N SER B 249 -5.22 48.61 8.20
CA SER B 249 -4.82 49.88 8.79
C SER B 249 -4.34 49.66 10.22
N ASP B 250 -3.32 50.43 10.63
CA ASP B 250 -2.71 50.23 11.93
C ASP B 250 -3.70 50.45 13.06
N ALA B 251 -4.61 51.41 12.90
CA ALA B 251 -5.64 51.63 13.92
C ALA B 251 -6.57 50.43 14.02
N ASP B 252 -7.03 49.92 12.88
CA ASP B 252 -7.90 48.76 12.89
C ASP B 252 -7.18 47.54 13.45
N ARG B 253 -5.91 47.35 13.07
CA ARG B 253 -5.15 46.22 13.59
C ARG B 253 -4.97 46.34 15.10
N ALA B 254 -4.72 47.55 15.60
CA ALA B 254 -4.53 47.74 17.03
C ALA B 254 -5.81 47.46 17.80
N ARG B 255 -6.93 48.01 17.34
CA ARG B 255 -8.19 47.76 18.04
C ARG B 255 -8.62 46.30 17.91
N ALA B 256 -8.20 45.63 16.82
CA ALA B 256 -8.49 44.22 16.69
C ALA B 256 -7.70 43.39 17.68
N LEU B 257 -6.41 43.70 17.84
CA LEU B 257 -5.61 43.02 18.86
C LEU B 257 -6.17 43.30 20.25
N SER B 258 -6.69 44.51 20.47
CA SER B 258 -7.32 44.84 21.75
C SER B 258 -8.56 43.97 21.98
N VAL B 259 -9.42 43.86 20.97
CA VAL B 259 -10.62 43.03 21.10
C VAL B 259 -10.23 41.57 21.32
N LEU B 260 -9.15 41.12 20.68
CA LEU B 260 -8.67 39.76 20.88
C LEU B 260 -8.23 39.54 22.31
N ASP B 261 -7.36 40.41 22.82
CA ASP B 261 -6.91 40.31 24.21
C ASP B 261 -8.09 40.34 25.17
N HIS B 262 -9.11 41.15 24.87
CA HIS B 262 -10.26 41.25 25.76
C HIS B 262 -11.10 39.97 25.72
N ALA B 263 -11.33 39.43 24.53
CA ALA B 263 -12.13 38.22 24.40
C ALA B 263 -11.40 36.97 24.89
N LEU B 264 -10.07 37.02 25.00
CA LEU B 264 -9.33 35.93 25.61
C LEU B 264 -9.40 35.96 27.13
N ALA B 265 -10.01 36.98 27.71
CA ALA B 265 -10.16 37.07 29.15
C ALA B 265 -11.57 36.64 29.57
N TYR B 305 -17.17 18.51 21.57
CA TYR B 305 -17.13 17.08 21.85
C TYR B 305 -18.35 16.62 22.63
N ALA B 306 -18.38 15.34 22.99
CA ALA B 306 -19.53 14.73 23.63
C ALA B 306 -19.08 13.88 24.83
N ILE B 307 -18.23 14.48 25.67
CA ILE B 307 -17.60 13.81 26.80
C ILE B 307 -18.62 13.01 27.62
N SER B 308 -19.84 13.55 27.74
CA SER B 308 -20.89 12.87 28.49
C SER B 308 -21.16 11.46 27.98
N GLU B 309 -20.89 11.19 26.71
CA GLU B 309 -21.11 9.88 26.13
C GLU B 309 -19.89 8.97 26.25
N LEU B 310 -19.00 9.24 27.21
CA LEU B 310 -17.87 8.34 27.42
C LEU B 310 -18.24 7.17 28.33
N GLN B 311 -19.12 7.40 29.31
CA GLN B 311 -19.49 6.34 30.24
C GLN B 311 -20.17 5.17 29.55
N PHE B 312 -20.71 5.38 28.35
CA PHE B 312 -21.29 4.28 27.60
C PHE B 312 -20.26 3.39 26.93
N TRP B 313 -19.01 3.82 26.88
CA TRP B 313 -17.95 3.02 26.28
C TRP B 313 -17.55 1.88 27.22
N LEU B 314 -17.10 0.78 26.64
CA LEU B 314 -16.68 -0.38 27.42
C LEU B 314 -15.35 -0.09 28.11
N ALA B 315 -15.40 0.36 29.35
CA ALA B 315 -14.21 0.72 30.12
C ALA B 315 -14.05 -0.29 31.24
N SER B 316 -13.09 -1.21 31.08
CA SER B 316 -12.79 -2.20 32.09
C SER B 316 -11.86 -1.61 33.15
N GLY B 317 -11.31 -2.47 34.00
CA GLY B 317 -10.44 -2.01 35.06
C GLY B 317 -11.21 -1.37 36.19
N ASP B 318 -10.46 -0.87 37.17
CA ASP B 318 -11.07 -0.24 38.33
C ASP B 318 -11.96 0.92 37.91
N ARG B 319 -13.11 1.05 38.55
CA ARG B 319 -14.09 2.08 38.20
C ARG B 319 -13.84 3.38 38.95
N ALA B 320 -13.44 3.30 40.21
CA ALA B 320 -13.21 4.46 41.06
C ALA B 320 -11.71 4.70 41.18
N GLY B 321 -11.27 5.90 40.83
CA GLY B 321 -9.86 6.25 40.89
C GLY B 321 -9.34 6.79 39.58
N GLN B 322 -8.06 7.15 39.56
CA GLN B 322 -7.43 7.64 38.33
C GLN B 322 -7.36 6.49 37.34
N THR B 323 -8.19 6.56 36.31
CA THR B 323 -8.23 5.58 35.24
C THR B 323 -7.83 6.25 33.93
N THR B 324 -7.79 5.47 32.85
CA THR B 324 -7.39 6.01 31.56
C THR B 324 -8.56 6.64 30.81
N MET B 325 -9.78 6.14 31.02
CA MET B 325 -10.93 6.76 30.36
C MET B 325 -11.20 8.15 30.90
N ASP B 326 -11.03 8.35 32.21
CA ASP B 326 -11.20 9.68 32.77
C ASP B 326 -10.10 10.62 32.31
N ALA B 327 -8.87 10.10 32.16
CA ALA B 327 -7.79 10.93 31.65
C ALA B 327 -8.05 11.33 30.20
N PHE B 328 -8.55 10.40 29.39
CA PHE B 328 -8.92 10.73 28.02
C PHE B 328 -10.06 11.74 27.98
N ALA B 329 -11.01 11.62 28.90
CA ALA B 329 -12.09 12.60 28.99
C ALA B 329 -11.55 13.97 29.33
N SER B 330 -10.60 14.05 30.26
CA SER B 330 -10.03 15.34 30.64
C SER B 330 -9.23 15.94 29.48
N ASN B 331 -8.47 15.11 28.76
CA ASN B 331 -7.73 15.61 27.61
C ASN B 331 -8.67 16.14 26.54
N LEU B 332 -9.76 15.41 26.28
CA LEU B 332 -10.71 15.86 25.27
C LEU B 332 -11.43 17.13 25.72
N THR B 333 -11.69 17.26 27.03
CA THR B 333 -12.30 18.48 27.53
C THR B 333 -11.35 19.67 27.38
N ALA B 334 -10.06 19.45 27.62
CA ALA B 334 -9.09 20.52 27.42
C ALA B 334 -9.01 20.93 25.95
N LEU B 335 -9.05 19.94 25.05
CA LEU B 335 -9.02 20.25 23.62
C LEU B 335 -10.28 20.99 23.19
N ALA B 336 -11.44 20.59 23.74
CA ALA B 336 -12.68 21.31 23.45
C ALA B 336 -12.61 22.74 23.96
N ARG B 337 -12.06 22.94 25.16
CA ARG B 337 -11.89 24.29 25.68
C ARG B 337 -11.02 25.12 24.76
N ARG B 338 -9.90 24.56 24.31
CA ARG B 338 -9.03 25.30 23.39
C ARG B 338 -9.74 25.67 22.10
N GLU B 339 -10.47 24.71 21.52
CA GLU B 339 -11.13 24.99 20.25
C GLU B 339 -12.24 26.02 20.40
N LEU B 340 -13.03 25.92 21.48
CA LEU B 340 -14.09 26.90 21.70
C LEU B 340 -13.53 28.28 21.98
N GLN B 341 -12.43 28.35 22.73
CA GLN B 341 -11.78 29.64 22.96
C GLN B 341 -11.28 30.25 21.66
N GLN B 342 -10.65 29.44 20.81
CA GLN B 342 -10.18 29.94 19.52
C GLN B 342 -11.36 30.41 18.66
N GLU B 343 -12.47 29.68 18.70
CA GLU B 343 -13.63 30.07 17.90
C GLU B 343 -14.22 31.39 18.39
N THR B 344 -14.35 31.56 19.71
CA THR B 344 -14.86 32.80 20.24
C THR B 344 -13.93 33.97 19.90
N ALA B 345 -12.62 33.75 20.02
CA ALA B 345 -11.66 34.79 19.67
C ALA B 345 -11.76 35.16 18.19
N ALA B 346 -11.96 34.16 17.33
CA ALA B 346 -12.07 34.43 15.90
C ALA B 346 -13.34 35.21 15.58
N VAL B 347 -14.46 34.84 16.19
CA VAL B 347 -15.69 35.59 15.98
C VAL B 347 -15.53 37.03 16.44
N ALA B 348 -14.89 37.23 17.60
CA ALA B 348 -14.71 38.58 18.12
C ALA B 348 -13.80 39.41 17.21
N VAL B 349 -12.69 38.81 16.74
CA VAL B 349 -11.77 39.58 15.92
C VAL B 349 -12.35 39.85 14.54
N GLU B 350 -13.23 38.97 14.05
CA GLU B 350 -13.91 39.25 12.79
C GLU B 350 -14.95 40.35 12.97
N LEU B 351 -15.64 40.37 14.11
CA LEU B 351 -16.56 41.46 14.41
C LEU B 351 -15.81 42.78 14.56
N ALA B 352 -14.55 42.72 14.99
CA ALA B 352 -13.76 43.93 15.16
C ALA B 352 -13.18 44.44 13.85
N LEU B 353 -12.59 43.56 13.04
CA LEU B 353 -11.92 43.97 11.82
C LEU B 353 -12.90 44.33 10.71
N PHE B 354 -13.70 43.37 10.28
CA PHE B 354 -14.64 43.59 9.19
C PHE B 354 -16.03 44.00 9.67
N GLY B 355 -16.41 43.59 10.87
CA GLY B 355 -17.71 43.92 11.42
C GLY B 355 -18.80 42.92 11.12
N ARG B 356 -18.49 41.84 10.40
CA ARG B 356 -19.47 40.83 10.02
C ARG B 356 -18.98 39.47 10.49
N ARG B 357 -19.84 38.76 11.23
CA ARG B 357 -19.53 37.39 11.63
C ARG B 357 -19.69 36.50 10.41
N ALA B 358 -18.58 36.22 9.73
CA ALA B 358 -18.63 35.42 8.52
C ALA B 358 -19.22 34.04 8.80
N GLU B 359 -19.84 33.46 7.79
CA GLU B 359 -20.50 32.15 7.90
C GLU B 359 -19.83 31.20 6.93
N HIS B 360 -18.90 30.40 7.42
CA HIS B 360 -18.24 29.36 6.64
C HIS B 360 -19.01 28.06 6.81
N PHE B 361 -18.45 26.97 6.27
CA PHE B 361 -19.16 25.70 6.28
C PHE B 361 -19.17 25.03 7.65
N ASP B 362 -18.46 25.57 8.64
CA ASP B 362 -18.54 25.05 10.00
C ASP B 362 -19.37 25.92 10.92
N ARG B 363 -19.72 27.13 10.49
CA ARG B 363 -20.61 28.00 11.25
C ARG B 363 -22.00 28.10 10.64
N ALA B 364 -22.14 27.87 9.34
CA ALA B 364 -23.46 27.82 8.71
C ALA B 364 -24.12 26.46 8.87
N PHE B 365 -23.36 25.42 9.20
CA PHE B 365 -23.90 24.10 9.47
C PHE B 365 -23.60 23.66 10.89
N GLY B 366 -23.43 24.62 11.80
CA GLY B 366 -23.24 24.31 13.20
C GLY B 366 -24.43 23.61 13.83
N SER B 367 -25.61 23.69 13.22
CA SER B 367 -26.76 22.95 13.70
C SER B 367 -26.55 21.45 13.52
N HIS B 368 -26.15 21.03 12.31
CA HIS B 368 -25.83 19.63 12.08
C HIS B 368 -24.60 19.20 12.86
N LEU B 369 -23.70 20.13 13.14
CA LEU B 369 -22.56 19.88 14.00
C LEU B 369 -22.98 20.06 15.46
N ALA B 370 -22.05 19.81 16.38
CA ALA B 370 -22.25 19.99 17.81
C ALA B 370 -23.32 19.05 18.36
N ALA B 371 -23.89 18.21 17.49
CA ALA B 371 -24.86 17.20 17.89
C ALA B 371 -24.36 15.79 17.62
N LEU B 372 -23.12 15.64 17.13
CA LEU B 372 -22.58 14.34 16.78
C LEU B 372 -22.06 13.63 18.01
N ASP B 373 -21.99 12.31 17.93
CA ASP B 373 -21.54 11.50 19.05
C ASP B 373 -20.04 11.70 19.27
N MET B 374 -19.50 10.97 20.23
CA MET B 374 -18.07 11.07 20.54
C MET B 374 -17.23 10.66 19.34
N VAL B 375 -17.57 9.53 18.70
CA VAL B 375 -16.77 9.03 17.60
C VAL B 375 -16.94 9.91 16.36
N ASP B 376 -18.17 10.37 16.11
CA ASP B 376 -18.39 11.22 14.96
C ASP B 376 -17.82 12.61 15.16
N ALA B 377 -17.48 12.97 16.40
CA ALA B 377 -16.77 14.22 16.65
C ALA B 377 -15.27 14.02 16.70
N LEU B 378 -14.80 12.79 16.92
CA LEU B 378 -13.38 12.50 16.86
C LEU B 378 -12.91 12.37 15.42
N ILE B 379 -13.69 11.66 14.60
CA ILE B 379 -13.32 11.46 13.20
C ILE B 379 -13.23 12.80 12.48
N ILE B 380 -14.27 13.63 12.63
CA ILE B 380 -14.32 14.96 12.03
C ILE B 380 -14.45 15.96 13.16
N GLY B 381 -13.59 16.96 13.16
CA GLY B 381 -13.62 17.99 14.18
C GLY B 381 -12.25 18.60 14.39
N GLY B 382 -12.21 19.62 15.22
CA GLY B 382 -10.96 20.29 15.53
C GLY B 382 -10.44 21.19 14.43
N GLN B 383 -11.17 22.27 14.13
CA GLN B 383 -10.68 23.27 13.21
C GLN B 383 -9.59 24.15 13.82
N ALA B 384 -9.46 24.14 15.15
CA ALA B 384 -8.42 24.89 15.84
C ALA B 384 -7.32 24.01 16.40
N THR B 385 -7.54 22.71 16.50
CA THR B 385 -6.52 21.73 16.82
C THR B 385 -6.12 21.01 15.54
N SER B 386 -5.36 19.93 15.70
CA SER B 386 -4.96 19.09 14.58
C SER B 386 -5.15 17.64 14.98
N PRO B 387 -5.34 16.74 14.02
CA PRO B 387 -5.49 15.31 14.36
C PRO B 387 -4.32 14.81 15.19
N ASP B 388 -3.15 15.39 14.99
CA ASP B 388 -2.00 15.05 15.84
C ASP B 388 -2.24 15.47 17.27
N ASP B 389 -2.97 16.57 17.49
CA ASP B 389 -3.30 16.96 18.86
C ASP B 389 -4.27 15.96 19.49
N GLN B 390 -5.19 15.39 18.71
CA GLN B 390 -6.06 14.35 19.26
C GLN B 390 -5.27 13.08 19.57
N ILE B 391 -4.35 12.69 18.68
CA ILE B 391 -3.50 11.53 18.96
C ILE B 391 -2.72 11.74 20.24
N GLU B 392 -2.11 12.92 20.40
CA GLU B 392 -1.33 13.17 21.61
C GLU B 392 -2.21 13.27 22.84
N ALA B 393 -3.44 13.77 22.70
CA ALA B 393 -4.35 13.84 23.84
C ALA B 393 -4.80 12.46 24.27
N LEU B 394 -4.85 11.51 23.33
CA LEU B 394 -5.15 10.13 23.71
C LEU B 394 -3.93 9.44 24.33
N ILE B 395 -2.74 9.69 23.78
CA ILE B 395 -1.58 8.93 24.20
C ILE B 395 -1.01 9.46 25.51
N ARG B 396 -1.15 10.76 25.77
CA ARG B 396 -0.79 11.30 27.08
C ARG B 396 -1.70 10.78 28.17
N ALA B 397 -2.84 10.20 27.80
CA ALA B 397 -3.73 9.55 28.76
C ALA B 397 -3.48 8.06 28.87
N CYS B 398 -3.13 7.39 27.77
CA CYS B 398 -2.82 5.96 27.84
C CYS B 398 -1.51 5.71 28.57
N TYR B 399 -0.41 6.23 28.04
CA TYR B 399 0.93 5.94 28.55
C TYR B 399 1.22 6.86 29.73
N ASP B 400 1.01 6.34 30.94
CA ASP B 400 1.30 7.10 32.15
C ASP B 400 1.66 6.17 33.30
N HIS B 401 2.78 6.48 33.96
CA HIS B 401 3.17 5.89 35.25
C HIS B 401 3.18 4.36 35.21
N HIS B 402 3.28 3.78 34.02
CA HIS B 402 3.38 2.33 33.86
C HIS B 402 2.24 1.58 34.55
N PRO B 406 9.84 -2.39 31.04
CA PRO B 406 9.11 -3.66 30.90
C PRO B 406 8.32 -3.74 29.60
N LEU B 407 7.18 -3.03 29.55
CA LEU B 407 6.40 -2.99 28.32
C LEU B 407 6.63 -1.69 27.58
N LEU B 408 6.70 -0.58 28.32
CA LEU B 408 6.96 0.72 27.70
C LEU B 408 8.34 0.75 27.04
N ARG B 409 9.30 0.00 27.60
CA ARG B 409 10.61 -0.06 26.99
C ARG B 409 10.55 -0.73 25.62
N ARG B 410 9.81 -1.83 25.51
CA ARG B 410 9.63 -2.46 24.22
C ARG B 410 8.89 -1.54 23.26
N LEU B 411 7.93 -0.77 23.78
CA LEU B 411 7.14 0.11 22.91
C LEU B 411 7.99 1.23 22.34
N VAL B 412 8.77 1.91 23.19
CA VAL B 412 9.47 3.12 22.77
C VAL B 412 10.56 2.82 21.77
N SER B 413 11.24 1.67 21.91
CA SER B 413 12.36 1.32 21.06
C SER B 413 12.35 -0.18 20.79
N PRO B 414 11.64 -0.62 19.75
CA PRO B 414 11.63 -2.07 19.45
C PRO B 414 12.95 -2.57 18.93
N GLU B 415 13.82 -1.67 18.45
CA GLU B 415 15.12 -2.09 17.96
C GLU B 415 15.96 -2.72 19.06
N GLN B 416 16.03 -2.05 20.21
CA GLN B 416 16.76 -2.62 21.34
C GLN B 416 16.10 -3.91 21.82
N CYS B 417 14.78 -4.03 21.64
CA CYS B 417 14.09 -5.25 22.02
C CYS B 417 14.53 -6.42 21.15
N ASP B 418 14.54 -6.24 19.83
CA ASP B 418 15.02 -7.32 18.96
C ASP B 418 16.51 -7.56 19.19
N GLU B 419 17.25 -6.51 19.59
CA GLU B 419 18.66 -6.70 19.89
C GLU B 419 18.86 -7.60 21.10
N GLU B 420 18.12 -7.36 22.18
CA GLU B 420 18.24 -8.22 23.36
C GLU B 420 17.71 -9.62 23.06
N ALA B 421 16.71 -9.73 22.18
CA ALA B 421 16.25 -11.05 21.75
C ALA B 421 17.35 -11.81 21.03
N LEU B 422 18.05 -11.14 20.12
CA LEU B 422 19.15 -11.79 19.42
C LEU B 422 20.29 -12.14 20.37
N ARG B 423 20.55 -11.27 21.36
CA ARG B 423 21.57 -11.56 22.36
C ARG B 423 21.21 -12.81 23.16
N ARG B 424 19.94 -12.92 23.55
CA ARG B 424 19.50 -14.08 24.32
C ARG B 424 19.57 -15.36 23.47
N VAL B 425 19.25 -15.24 22.18
CA VAL B 425 19.32 -16.42 21.31
C VAL B 425 20.77 -16.85 21.10
N LEU B 426 21.66 -15.89 20.89
CA LEU B 426 23.07 -16.23 20.69
C LEU B 426 23.69 -16.80 21.95
N ALA B 427 23.31 -16.26 23.12
CA ALA B 427 23.85 -16.78 24.37
C ALA B 427 23.37 -18.20 24.64
N ARG B 428 22.13 -18.49 24.27
CA ARG B 428 21.58 -19.83 24.49
C ARG B 428 21.80 -20.72 23.27
N TRP B 484 -25.93 -23.36 45.58
CA TRP B 484 -25.80 -22.06 44.93
C TRP B 484 -24.74 -21.22 45.62
N GLY B 485 -24.64 -21.36 46.94
CA GLY B 485 -23.59 -20.64 47.66
C GLY B 485 -22.21 -21.11 47.27
N ASP B 486 -21.99 -22.42 47.27
CA ASP B 486 -20.69 -22.95 46.87
C ASP B 486 -20.38 -22.59 45.42
N ILE B 487 -21.40 -22.56 44.57
CA ILE B 487 -21.20 -22.11 43.19
C ILE B 487 -20.64 -20.70 43.16
N ALA B 488 -21.25 -19.78 43.93
CA ALA B 488 -20.80 -18.40 43.92
C ALA B 488 -19.39 -18.26 44.48
N THR B 489 -19.09 -18.95 45.58
CA THR B 489 -17.77 -18.82 46.18
C THR B 489 -16.68 -19.40 45.27
N GLN B 490 -16.92 -20.59 44.71
CA GLN B 490 -15.94 -21.17 43.81
C GLN B 490 -15.80 -20.34 42.54
N ALA B 491 -16.88 -19.68 42.12
CA ALA B 491 -16.80 -18.80 40.96
C ALA B 491 -15.90 -17.61 41.25
N ALA B 492 -16.08 -16.98 42.41
CA ALA B 492 -15.22 -15.87 42.80
C ALA B 492 -13.78 -16.33 42.89
N ALA B 493 -13.53 -17.51 43.46
CA ALA B 493 -12.17 -17.99 43.63
C ALA B 493 -11.50 -18.27 42.30
N ASP B 494 -12.20 -18.95 41.39
CA ASP B 494 -11.58 -19.28 40.11
C ASP B 494 -11.42 -18.04 39.25
N VAL B 495 -12.35 -17.08 39.34
CA VAL B 495 -12.18 -15.85 38.58
C VAL B 495 -11.01 -15.04 39.14
N ARG B 496 -10.77 -15.12 40.45
CA ARG B 496 -9.60 -14.47 41.04
C ARG B 496 -8.32 -15.12 40.52
N GLU B 497 -8.23 -16.44 40.61
CA GLU B 497 -7.03 -17.15 40.19
C GLU B 497 -6.85 -17.21 38.68
N ARG B 498 -7.86 -16.81 37.91
CA ARG B 498 -7.72 -16.69 36.46
C ARG B 498 -7.48 -15.26 35.99
N ARG B 499 -7.89 -14.26 36.76
CA ARG B 499 -7.44 -12.90 36.51
C ARG B 499 -5.97 -12.75 36.88
N ARG B 500 -5.55 -13.37 37.98
CA ARG B 500 -4.14 -13.32 38.35
C ARG B 500 -3.27 -13.97 37.28
N LEU B 501 -3.67 -15.14 36.79
CA LEU B 501 -2.89 -15.82 35.75
C LEU B 501 -2.89 -15.02 34.46
N TYR B 502 -4.01 -14.38 34.13
CA TYR B 502 -4.08 -13.57 32.92
C TYR B 502 -3.16 -12.36 33.01
N ALA B 503 -3.15 -11.67 34.15
CA ALA B 503 -2.23 -10.56 34.32
C ALA B 503 -0.78 -11.05 34.31
N ASP B 504 -0.53 -12.22 34.88
CA ASP B 504 0.83 -12.76 34.87
C ASP B 504 1.29 -13.04 33.45
N ARG B 505 0.40 -13.57 32.60
CA ARG B 505 0.74 -13.72 31.19
C ARG B 505 0.99 -12.37 30.53
N LEU B 506 0.12 -11.38 30.81
CA LEU B 506 0.26 -10.08 30.16
C LEU B 506 1.51 -9.33 30.59
N THR B 507 2.09 -9.66 31.74
CA THR B 507 3.36 -9.04 32.15
C THR B 507 4.58 -9.86 31.80
N LYS B 508 4.49 -11.19 31.76
CA LYS B 508 5.66 -12.02 31.53
C LYS B 508 5.82 -12.41 30.06
N ARG B 509 4.85 -13.12 29.51
CA ARG B 509 4.93 -13.64 28.15
C ARG B 509 4.09 -12.78 27.20
N SER B 510 3.98 -13.24 25.96
CA SER B 510 3.10 -12.63 24.95
C SER B 510 3.52 -11.19 24.62
N LEU B 511 4.69 -10.77 25.11
CA LEU B 511 5.12 -9.39 24.86
C LEU B 511 5.34 -9.11 23.39
N ALA B 512 5.74 -10.10 22.60
CA ALA B 512 5.78 -9.91 21.16
C ALA B 512 4.40 -9.58 20.61
N SER B 513 3.40 -10.38 20.98
CA SER B 513 2.04 -10.16 20.50
C SER B 513 1.49 -8.84 21.03
N LEU B 514 1.80 -8.51 22.29
CA LEU B 514 1.31 -7.26 22.86
C LEU B 514 1.91 -6.05 22.13
N GLY B 515 3.23 -6.08 21.91
CA GLY B 515 3.85 -4.99 21.17
C GLY B 515 3.28 -4.84 19.77
N ARG B 516 3.16 -5.97 19.04
CA ARG B 516 2.61 -5.90 17.69
C ARG B 516 1.19 -5.37 17.69
N CYS B 517 0.34 -5.83 18.62
CA CYS B 517 -1.04 -5.38 18.65
C CYS B 517 -1.15 -3.92 19.02
N VAL B 518 -0.34 -3.44 19.97
CA VAL B 518 -0.40 -2.03 20.35
C VAL B 518 0.08 -1.15 19.20
N ARG B 519 1.16 -1.56 18.52
CA ARG B 519 1.62 -0.80 17.37
C ARG B 519 0.56 -0.75 16.28
N GLU B 520 -0.10 -1.87 16.01
CA GLU B 520 -1.10 -1.90 14.95
C GLU B 520 -2.32 -1.07 15.32
N GLN B 521 -2.72 -1.09 16.60
CA GLN B 521 -3.83 -0.25 17.03
C GLN B 521 -3.48 1.23 16.89
N ARG B 522 -2.26 1.60 17.28
CA ARG B 522 -1.83 2.99 17.13
C ARG B 522 -1.82 3.40 15.66
N GLY B 523 -1.40 2.50 14.78
CA GLY B 523 -1.42 2.81 13.36
C GLY B 523 -2.83 2.96 12.82
N GLU B 524 -3.74 2.09 13.24
CA GLU B 524 -5.13 2.19 12.81
C GLU B 524 -5.78 3.45 13.34
N LEU B 525 -5.30 3.97 14.48
CA LEU B 525 -5.78 5.26 14.97
C LEU B 525 -5.24 6.41 14.12
N GLU B 526 -3.91 6.45 13.96
CA GLU B 526 -3.29 7.56 13.25
C GLU B 526 -3.80 7.65 11.80
N LYS B 527 -3.95 6.51 11.12
CA LYS B 527 -4.44 6.55 9.76
C LYS B 527 -5.87 7.07 9.68
N MET B 528 -6.64 6.89 10.75
CA MET B 528 -8.02 7.36 10.75
C MET B 528 -8.11 8.84 11.07
N LEU B 529 -7.29 9.31 12.02
CA LEU B 529 -7.42 10.70 12.45
C LEU B 529 -6.68 11.66 11.52
N ARG B 530 -5.41 11.37 11.23
CA ARG B 530 -4.59 12.30 10.44
C ARG B 530 -5.21 12.58 9.08
N VAL B 531 -4.91 13.76 8.54
CA VAL B 531 -5.54 14.22 7.31
C VAL B 531 -4.95 13.48 6.11
N SER B 532 -5.74 12.59 5.52
CA SER B 532 -5.32 11.90 4.31
C SER B 532 -5.31 12.89 3.15
N VAL B 533 -4.19 13.03 2.46
CA VAL B 533 -4.11 14.01 1.40
C VAL B 533 -4.34 13.36 0.04
N HIS B 534 -3.51 12.38 -0.32
CA HIS B 534 -3.58 11.60 -1.58
C HIS B 534 -2.38 10.67 -1.60
N GLY B 535 -2.29 9.95 -2.70
CA GLY B 535 -1.14 9.11 -2.96
C GLY B 535 -0.62 9.30 -4.38
N GLU B 536 0.56 8.73 -4.62
CA GLU B 536 1.20 8.75 -5.92
C GLU B 536 1.21 7.37 -6.57
N VAL B 537 0.28 6.50 -6.20
CA VAL B 537 0.26 5.16 -6.78
C VAL B 537 -0.62 5.12 -8.01
N LEU B 538 -1.79 5.79 -7.95
CA LEU B 538 -2.75 5.68 -9.03
C LEU B 538 -2.23 6.24 -10.34
N PRO B 539 -1.71 7.47 -10.42
CA PRO B 539 -1.17 7.93 -11.72
C PRO B 539 0.02 7.12 -12.18
N ALA B 540 0.85 6.63 -11.25
CA ALA B 540 1.99 5.80 -11.66
C ALA B 540 1.52 4.53 -12.36
N THR B 541 0.59 3.80 -11.75
CA THR B 541 0.12 2.56 -12.37
C THR B 541 -0.67 2.85 -13.64
N PHE B 542 -1.47 3.91 -13.64
CA PHE B 542 -2.22 4.26 -14.84
C PHE B 542 -1.30 4.53 -16.01
N ALA B 543 -0.24 5.31 -15.77
CA ALA B 543 0.74 5.57 -16.82
C ALA B 543 1.45 4.30 -17.23
N ALA B 544 1.80 3.44 -16.27
CA ALA B 544 2.55 2.24 -16.60
C ALA B 544 1.73 1.27 -17.45
N VAL B 545 0.41 1.25 -17.28
CA VAL B 545 -0.42 0.35 -18.08
C VAL B 545 -0.78 0.97 -19.43
N ALA B 546 -1.20 2.24 -19.42
CA ALA B 546 -1.51 2.91 -20.67
C ALA B 546 -0.30 2.98 -21.58
N ASN B 547 0.91 3.03 -21.00
CA ASN B 547 2.11 3.04 -21.83
C ASN B 547 2.21 1.76 -22.65
N GLY B 548 2.05 0.61 -22.00
CA GLY B 548 2.14 -0.65 -22.73
C GLY B 548 1.06 -0.77 -23.78
N PHE B 549 -0.18 -0.40 -23.43
CA PHE B 549 -1.27 -0.58 -24.40
C PHE B 549 -1.13 0.38 -25.58
N ALA B 550 -0.83 1.65 -25.30
CA ALA B 550 -0.61 2.61 -26.39
C ALA B 550 0.62 2.25 -27.19
N ALA B 551 1.60 1.57 -26.59
CA ALA B 551 2.77 1.15 -27.35
C ALA B 551 2.41 0.02 -28.32
N ARG B 552 1.57 -0.92 -27.86
CA ARG B 552 1.08 -1.95 -28.77
C ARG B 552 0.30 -1.33 -29.92
N ALA B 553 -0.58 -0.37 -29.62
CA ALA B 553 -1.34 0.28 -30.68
C ALA B 553 -0.44 1.06 -31.62
N ARG B 554 0.56 1.75 -31.07
CA ARG B 554 1.45 2.55 -31.90
C ARG B 554 2.34 1.69 -32.77
N PHE B 555 2.73 0.51 -32.30
CA PHE B 555 3.48 -0.38 -33.17
C PHE B 555 2.59 -0.96 -34.25
N CYS B 556 1.34 -1.29 -33.90
CA CYS B 556 0.41 -1.78 -34.92
C CYS B 556 0.19 -0.74 -36.00
N ALA B 557 0.14 0.54 -35.62
CA ALA B 557 -0.13 1.59 -36.61
C ALA B 557 1.12 2.04 -37.34
N LEU B 558 2.29 1.91 -36.71
CA LEU B 558 3.53 2.48 -37.21
C LEU B 558 4.24 1.58 -38.21
N THR B 559 4.13 0.26 -38.07
CA THR B 559 4.68 -0.65 -39.06
C THR B 559 3.74 -0.87 -40.24
N ALA B 560 2.74 0.00 -40.40
CA ALA B 560 1.78 -0.16 -41.50
C ALA B 560 2.47 -0.18 -42.84
N GLY B 561 3.25 0.86 -43.16
CA GLY B 561 3.91 0.93 -44.44
C GLY B 561 5.42 0.93 -44.34
N ALA B 562 6.04 1.97 -44.92
CA ALA B 562 7.47 2.20 -44.88
C ALA B 562 8.25 1.23 -45.76
N GLY B 563 7.57 0.25 -46.33
CA GLY B 563 8.24 -0.69 -47.21
C GLY B 563 7.31 -1.76 -47.73
N THR B 564 7.84 -2.97 -47.88
CA THR B 564 6.97 -4.08 -48.24
C THR B 564 6.27 -4.61 -46.99
N VAL B 565 4.96 -4.81 -47.13
CA VAL B 565 4.08 -5.12 -46.03
C VAL B 565 3.51 -6.52 -46.29
N ILE B 566 4.36 -7.41 -46.82
CA ILE B 566 3.89 -8.65 -47.43
C ILE B 566 3.09 -9.44 -46.41
N ASP B 567 1.80 -9.54 -46.66
CA ASP B 567 0.85 -10.07 -45.70
C ASP B 567 0.62 -11.55 -45.93
N ASN B 568 0.50 -12.32 -44.85
CA ASN B 568 0.20 -13.74 -44.94
C ASN B 568 -1.10 -14.10 -44.24
N ARG B 569 -1.93 -13.10 -43.90
CA ARG B 569 -3.26 -13.37 -43.40
C ARG B 569 -4.23 -13.65 -44.55
N SER B 570 -4.00 -13.05 -45.71
CA SER B 570 -4.69 -13.40 -46.94
C SER B 570 -3.88 -14.50 -47.62
N ALA B 571 -4.44 -15.70 -47.68
CA ALA B 571 -3.70 -16.89 -48.06
C ALA B 571 -3.95 -17.28 -49.51
N PRO B 572 -3.04 -16.94 -50.44
CA PRO B 572 -3.18 -17.49 -51.80
C PRO B 572 -2.86 -18.97 -51.85
N GLY B 573 -1.67 -19.36 -51.39
CA GLY B 573 -1.29 -20.74 -51.27
C GLY B 573 -0.44 -20.99 -50.04
N VAL B 574 -0.51 -20.06 -49.08
CA VAL B 574 0.41 -20.10 -47.94
C VAL B 574 0.26 -21.39 -47.14
N PHE B 575 -0.83 -22.12 -47.34
CA PHE B 575 -0.91 -23.47 -46.80
C PHE B 575 0.27 -24.33 -47.24
N ASP B 576 0.62 -24.24 -48.53
CA ASP B 576 1.65 -25.10 -49.09
C ASP B 576 3.00 -24.87 -48.42
N ALA B 577 3.31 -23.62 -48.06
CA ALA B 577 4.57 -23.30 -47.41
C ALA B 577 4.45 -23.27 -45.89
N HIS B 578 3.24 -23.37 -45.34
CA HIS B 578 3.06 -23.38 -43.90
C HIS B 578 3.10 -24.81 -43.35
N ARG B 579 2.34 -25.71 -44.00
CA ARG B 579 2.32 -27.10 -43.54
C ARG B 579 3.70 -27.74 -43.68
N PHE B 580 4.47 -27.35 -44.70
CA PHE B 580 5.81 -27.87 -44.87
C PHE B 580 6.71 -27.47 -43.70
N MET B 581 6.69 -26.18 -43.34
CA MET B 581 7.51 -25.74 -42.21
C MET B 581 7.04 -26.37 -40.91
N ARG B 582 5.72 -26.52 -40.74
CA ARG B 582 5.21 -27.17 -39.53
C ARG B 582 5.72 -28.59 -39.42
N ALA B 583 5.63 -29.37 -40.50
CA ALA B 583 6.17 -30.72 -40.49
C ALA B 583 7.68 -30.74 -40.34
N SER B 584 8.37 -29.68 -40.78
CA SER B 584 9.81 -29.63 -40.63
C SER B 584 10.25 -29.27 -39.20
N LEU B 585 9.37 -28.63 -38.43
CA LEU B 585 9.68 -28.28 -37.06
C LEU B 585 9.06 -29.22 -36.04
N LEU B 586 7.99 -29.92 -36.41
CA LEU B 586 7.40 -30.94 -35.54
C LEU B 586 8.20 -32.23 -35.53
N ARG B 587 9.40 -32.20 -36.09
CA ARG B 587 10.24 -33.38 -36.22
C ARG B 587 11.30 -33.50 -35.14
N HIS B 588 11.81 -32.37 -34.63
CA HIS B 588 12.94 -32.39 -33.72
C HIS B 588 12.49 -32.37 -32.27
N GLN B 589 13.44 -32.63 -31.37
CA GLN B 589 13.19 -32.67 -29.94
C GLN B 589 13.49 -31.32 -29.32
N VAL B 590 12.86 -31.07 -28.17
CA VAL B 590 13.00 -29.78 -27.49
C VAL B 590 14.39 -29.55 -26.91
N ASP B 591 15.21 -30.61 -26.82
CA ASP B 591 16.57 -30.52 -26.29
C ASP B 591 16.56 -29.87 -24.91
N PRO B 592 16.16 -30.60 -23.87
CA PRO B 592 15.91 -29.98 -22.55
C PRO B 592 17.08 -29.20 -21.98
N ALA B 593 18.24 -29.23 -22.64
CA ALA B 593 19.32 -28.32 -22.29
C ALA B 593 18.98 -26.87 -22.59
N LEU B 594 17.85 -26.61 -23.24
CA LEU B 594 17.41 -25.26 -23.56
C LEU B 594 16.24 -24.78 -22.70
N LEU B 595 15.59 -25.69 -21.98
CA LEU B 595 14.45 -25.31 -21.14
C LEU B 595 14.73 -24.16 -20.18
N PRO B 596 15.92 -24.01 -19.58
CA PRO B 596 16.17 -22.80 -18.78
C PRO B 596 16.14 -21.50 -19.57
N SER B 597 15.99 -21.55 -20.89
CA SER B 597 15.82 -20.34 -21.68
C SER B 597 14.38 -20.15 -22.14
N ILE B 598 13.70 -21.25 -22.46
CA ILE B 598 12.28 -21.17 -22.80
C ILE B 598 11.46 -20.76 -21.57
N THR B 599 11.79 -21.32 -20.40
CA THR B 599 11.07 -20.98 -19.19
C THR B 599 11.24 -19.52 -18.79
N HIS B 600 12.25 -18.84 -19.33
CA HIS B 600 12.41 -17.42 -19.08
C HIS B 600 11.79 -16.56 -20.17
N ARG B 601 11.99 -16.91 -21.44
CA ARG B 601 11.38 -16.17 -22.52
C ARG B 601 9.89 -16.47 -22.68
N PHE B 602 9.33 -17.30 -21.81
CA PHE B 602 7.89 -17.49 -21.75
C PHE B 602 7.26 -16.57 -20.72
N PHE B 603 7.81 -16.57 -19.50
CA PHE B 603 7.35 -15.61 -18.50
C PHE B 603 7.68 -14.17 -18.87
N GLU B 604 8.66 -13.95 -19.77
CA GLU B 604 8.90 -12.60 -20.24
C GLU B 604 7.84 -12.12 -21.22
N LEU B 605 6.97 -13.02 -21.69
CA LEU B 605 5.87 -12.66 -22.57
C LEU B 605 4.50 -12.75 -21.91
N VAL B 606 4.31 -13.72 -21.02
CA VAL B 606 3.05 -13.83 -20.29
C VAL B 606 2.91 -12.71 -19.26
N ASN B 607 4.00 -12.01 -18.95
CA ASN B 607 3.96 -10.95 -17.96
C ASN B 607 3.20 -9.75 -18.50
N GLY B 608 3.12 -8.69 -17.69
CA GLY B 608 2.44 -7.48 -18.09
C GLY B 608 3.38 -6.31 -18.18
N PRO B 609 2.89 -5.17 -18.67
CA PRO B 609 3.75 -3.99 -18.79
C PRO B 609 3.91 -3.23 -17.49
N LEU B 610 3.10 -3.50 -16.46
CA LEU B 610 3.18 -2.74 -15.22
C LEU B 610 4.42 -3.15 -14.42
N PHE B 611 4.47 -4.40 -14.00
CA PHE B 611 5.59 -4.89 -13.18
C PHE B 611 6.75 -5.21 -14.10
N ASP B 612 7.75 -4.33 -14.13
CA ASP B 612 8.91 -4.63 -14.96
C ASP B 612 9.79 -5.70 -14.31
N HIS B 613 10.46 -5.34 -13.22
CA HIS B 613 11.14 -6.26 -12.31
C HIS B 613 12.09 -7.20 -13.03
N SER B 614 12.33 -6.95 -14.31
CA SER B 614 13.27 -7.71 -15.12
C SER B 614 14.10 -6.80 -16.01
N THR B 615 13.84 -5.51 -15.98
CA THR B 615 14.61 -4.49 -16.69
C THR B 615 14.97 -3.35 -15.74
N HIS B 616 15.19 -3.68 -14.48
CA HIS B 616 15.47 -2.69 -13.44
C HIS B 616 16.95 -2.32 -13.34
N SER B 617 17.83 -3.01 -14.07
CA SER B 617 19.28 -2.92 -13.97
C SER B 617 19.74 -3.59 -12.67
N PHE B 618 18.78 -3.94 -11.83
CA PHE B 618 18.95 -4.87 -10.72
C PHE B 618 17.94 -5.98 -10.96
N ALA B 619 17.88 -6.43 -12.21
CA ALA B 619 16.78 -7.24 -12.69
C ALA B 619 16.62 -8.51 -11.87
N GLN B 620 15.37 -8.87 -11.63
CA GLN B 620 15.00 -10.17 -11.10
C GLN B 620 14.49 -11.04 -12.24
N PRO B 621 14.54 -12.36 -12.10
CA PRO B 621 14.13 -13.23 -13.19
C PRO B 621 12.65 -13.03 -13.51
N PRO B 622 12.22 -13.40 -14.71
CA PRO B 622 10.79 -13.29 -15.03
C PRO B 622 9.89 -14.07 -14.09
N ASN B 623 10.43 -15.04 -13.36
CA ASN B 623 9.65 -15.77 -12.36
C ASN B 623 8.99 -14.83 -11.39
N THR B 624 9.79 -14.03 -10.66
CA THR B 624 9.23 -13.10 -9.68
C THR B 624 8.54 -11.92 -10.36
N ALA B 625 9.07 -11.46 -11.50
CA ALA B 625 8.43 -10.39 -12.24
C ALA B 625 7.00 -10.75 -12.64
N LEU B 626 6.71 -12.04 -12.83
CA LEU B 626 5.36 -12.50 -13.10
C LEU B 626 4.63 -12.92 -11.83
N TYR B 627 5.35 -13.37 -10.80
CA TYR B 627 4.73 -13.69 -9.53
C TYR B 627 4.10 -12.46 -8.91
N TYR B 628 4.71 -11.29 -9.11
CA TYR B 628 4.10 -10.05 -8.65
C TYR B 628 2.79 -9.79 -9.40
N SER B 629 2.85 -9.70 -10.72
CA SER B 629 1.67 -9.39 -11.51
C SER B 629 0.61 -10.47 -11.45
N VAL B 630 0.93 -11.64 -10.91
CA VAL B 630 -0.03 -12.73 -10.81
C VAL B 630 -0.60 -12.88 -9.41
N GLU B 631 0.20 -12.70 -8.36
CA GLU B 631 -0.31 -12.82 -7.01
C GLU B 631 -1.05 -11.57 -6.56
N ASN B 632 -0.65 -10.39 -7.04
CA ASN B 632 -1.36 -9.17 -6.71
C ASN B 632 -2.83 -9.27 -7.10
N VAL B 633 -3.09 -9.57 -8.37
CA VAL B 633 -4.46 -9.89 -8.80
C VAL B 633 -4.76 -11.32 -8.34
N GLY B 634 -5.48 -11.44 -7.23
CA GLY B 634 -5.66 -12.72 -6.58
C GLY B 634 -6.05 -13.83 -7.52
N LEU B 635 -5.14 -14.76 -7.74
CA LEU B 635 -5.31 -15.84 -8.69
C LEU B 635 -5.55 -17.14 -7.95
N LEU B 636 -6.39 -17.99 -8.51
CA LEU B 636 -6.69 -19.28 -7.90
C LEU B 636 -5.43 -20.11 -7.84
N PRO B 637 -5.07 -20.68 -6.68
CA PRO B 637 -3.83 -21.46 -6.59
C PRO B 637 -3.78 -22.61 -7.58
N HIS B 638 -4.91 -23.14 -8.02
CA HIS B 638 -4.91 -24.17 -9.06
C HIS B 638 -4.59 -23.60 -10.43
N LEU B 639 -4.35 -22.29 -10.53
CA LEU B 639 -3.84 -21.67 -11.75
C LEU B 639 -2.41 -21.20 -11.62
N LYS B 640 -1.94 -20.93 -10.40
CA LYS B 640 -0.58 -20.44 -10.21
C LYS B 640 0.45 -21.51 -10.51
N GLU B 641 0.11 -22.79 -10.32
CA GLU B 641 1.07 -23.83 -10.66
C GLU B 641 1.11 -24.09 -12.16
N GLU B 642 0.02 -23.80 -12.87
CA GLU B 642 -0.02 -23.97 -14.31
C GLU B 642 0.71 -22.85 -15.05
N LEU B 643 1.25 -21.88 -14.33
CA LEU B 643 2.19 -20.94 -14.92
C LEU B 643 3.61 -21.51 -14.86
N ALA B 644 4.02 -21.97 -13.68
CA ALA B 644 5.37 -22.49 -13.51
C ALA B 644 5.57 -23.77 -14.30
N ARG B 645 4.61 -24.70 -14.21
CA ARG B 645 4.74 -26.02 -14.82
C ARG B 645 4.10 -26.09 -16.20
N PHE B 646 4.10 -25.00 -16.95
CA PHE B 646 3.48 -24.98 -18.27
C PHE B 646 4.45 -25.28 -19.39
N ILE B 647 5.74 -25.47 -19.09
CA ILE B 647 6.72 -25.84 -20.11
C ILE B 647 7.34 -27.20 -19.84
N MET B 648 7.15 -27.77 -18.66
CA MET B 648 7.70 -29.09 -18.37
C MET B 648 6.86 -30.15 -19.09
N GLY B 649 6.98 -30.21 -20.41
CA GLY B 649 6.23 -31.15 -21.21
C GLY B 649 6.17 -30.75 -22.66
N GLY B 654 3.81 -35.93 -30.83
CA GLY B 654 4.26 -34.71 -31.50
C GLY B 654 3.25 -33.59 -31.43
N ALA B 655 2.92 -33.16 -30.22
CA ALA B 655 1.93 -32.12 -30.00
C ALA B 655 2.43 -31.24 -28.86
N ASP B 656 1.53 -30.38 -28.35
CA ASP B 656 1.79 -29.49 -27.21
C ASP B 656 2.70 -28.33 -27.58
N TRP B 657 3.23 -28.33 -28.81
CA TRP B 657 3.82 -27.14 -29.37
C TRP B 657 3.37 -26.93 -30.81
N ALA B 658 2.23 -27.52 -31.18
CA ALA B 658 1.59 -27.30 -32.47
C ALA B 658 0.09 -27.12 -32.28
N VAL B 659 -0.32 -26.55 -31.14
CA VAL B 659 -1.72 -26.45 -30.78
C VAL B 659 -2.50 -25.46 -31.63
N SER B 660 -1.85 -24.74 -32.53
CA SER B 660 -2.54 -23.78 -33.37
C SER B 660 -3.07 -24.45 -34.61
N GLU B 661 -4.21 -23.94 -35.10
CA GLU B 661 -4.73 -24.38 -36.38
C GLU B 661 -3.98 -23.66 -37.50
N PHE B 662 -4.40 -23.86 -38.74
CA PHE B 662 -3.67 -23.30 -39.88
C PHE B 662 -3.64 -21.77 -39.84
N GLN B 663 -4.80 -21.14 -39.96
CA GLN B 663 -4.87 -19.69 -40.04
C GLN B 663 -5.15 -19.02 -38.70
N ARG B 664 -5.77 -19.74 -37.77
CA ARG B 664 -6.17 -19.16 -36.49
C ARG B 664 -5.14 -19.52 -35.43
N PHE B 665 -4.10 -18.69 -35.32
CA PHE B 665 -3.12 -18.87 -34.26
C PHE B 665 -3.52 -18.05 -33.02
N TYR B 666 -3.63 -16.73 -33.18
CA TYR B 666 -4.10 -15.88 -32.09
C TYR B 666 -5.57 -15.54 -32.34
N CYS B 667 -6.42 -16.53 -32.12
CA CYS B 667 -7.86 -16.39 -32.37
C CYS B 667 -8.61 -17.20 -31.34
N PHE B 668 -9.45 -16.54 -30.55
CA PHE B 668 -10.24 -17.18 -29.50
C PHE B 668 -11.73 -17.16 -29.84
N ASP B 669 -12.05 -17.45 -31.10
CA ASP B 669 -13.45 -17.41 -31.53
C ASP B 669 -14.30 -18.45 -30.80
N GLY B 670 -13.73 -19.61 -30.49
CA GLY B 670 -14.50 -20.70 -29.91
C GLY B 670 -14.74 -20.59 -28.42
N ILE B 671 -13.75 -20.09 -27.69
CA ILE B 671 -13.77 -20.14 -26.24
C ILE B 671 -14.28 -18.82 -25.67
N SER B 672 -14.72 -18.88 -24.41
CA SER B 672 -15.25 -17.72 -23.72
C SER B 672 -14.91 -17.83 -22.23
N GLY B 673 -14.62 -16.69 -21.64
CA GLY B 673 -14.23 -16.61 -20.23
C GLY B 673 -12.94 -15.84 -20.06
N ILE B 674 -12.50 -15.76 -18.82
CA ILE B 674 -11.25 -15.09 -18.49
C ILE B 674 -10.13 -16.07 -18.13
N THR B 675 -10.45 -17.24 -17.58
CA THR B 675 -9.43 -18.26 -17.35
C THR B 675 -9.14 -19.06 -18.60
N PRO B 676 -10.14 -19.58 -19.32
CA PRO B 676 -9.81 -20.35 -20.55
C PRO B 676 -9.22 -19.49 -21.64
N THR B 677 -9.59 -18.21 -21.74
CA THR B 677 -8.95 -17.34 -22.70
C THR B 677 -7.47 -17.18 -22.38
N GLN B 678 -7.14 -17.03 -21.10
CA GLN B 678 -5.74 -16.95 -20.70
C GLN B 678 -5.02 -18.26 -20.97
N ARG B 679 -5.69 -19.40 -20.77
CA ARG B 679 -5.05 -20.68 -21.05
C ARG B 679 -4.74 -20.83 -22.53
N ALA B 680 -5.68 -20.46 -23.40
CA ALA B 680 -5.39 -20.50 -24.83
C ALA B 680 -4.28 -19.52 -25.20
N ALA B 681 -4.24 -18.36 -24.55
CA ALA B 681 -3.15 -17.42 -24.79
C ALA B 681 -1.81 -18.02 -24.39
N TRP B 682 -1.76 -18.70 -23.25
CA TRP B 682 -0.53 -19.35 -22.83
C TRP B 682 -0.13 -20.45 -23.80
N ARG B 683 -1.10 -21.21 -24.31
CA ARG B 683 -0.80 -22.24 -25.29
C ARG B 683 -0.20 -21.63 -26.54
N TYR B 684 -0.80 -20.55 -27.05
CA TYR B 684 -0.30 -19.93 -28.26
C TYR B 684 1.09 -19.31 -28.06
N ILE B 685 1.33 -18.71 -26.90
CA ILE B 685 2.64 -18.12 -26.64
C ILE B 685 3.72 -19.18 -26.47
N ARG B 686 3.42 -20.25 -25.73
CA ARG B 686 4.36 -21.36 -25.63
C ARG B 686 4.64 -21.95 -27.00
N GLU B 687 3.62 -22.08 -27.84
CA GLU B 687 3.81 -22.56 -29.19
C GLU B 687 4.73 -21.66 -29.98
N LEU B 688 4.53 -20.35 -29.92
CA LEU B 688 5.42 -19.42 -30.61
C LEU B 688 6.86 -19.55 -30.12
N ILE B 689 7.05 -19.65 -28.80
CA ILE B 689 8.40 -19.71 -28.25
C ILE B 689 9.09 -21.00 -28.68
N ILE B 690 8.42 -22.14 -28.52
CA ILE B 690 9.03 -23.41 -28.89
C ILE B 690 9.29 -23.46 -30.39
N ALA B 691 8.40 -22.88 -31.19
CA ALA B 691 8.62 -22.84 -32.63
C ALA B 691 9.86 -22.01 -32.96
N THR B 692 10.02 -20.85 -32.32
CA THR B 692 11.21 -20.04 -32.57
C THR B 692 12.48 -20.77 -32.14
N THR B 693 12.44 -21.44 -30.99
CA THR B 693 13.62 -22.16 -30.51
C THR B 693 13.99 -23.30 -31.45
N LEU B 694 13.00 -24.05 -31.94
CA LEU B 694 13.29 -25.13 -32.88
C LEU B 694 13.78 -24.58 -34.21
N PHE B 695 13.22 -23.45 -34.66
CA PHE B 695 13.68 -22.85 -35.89
C PHE B 695 15.13 -22.38 -35.78
N ALA B 696 15.53 -21.92 -34.60
CA ALA B 696 16.93 -21.56 -34.40
C ALA B 696 17.81 -22.80 -34.32
N SER B 697 17.31 -23.87 -33.69
CA SER B 697 18.11 -25.07 -33.50
C SER B 697 18.18 -25.94 -34.77
N VAL B 698 17.37 -25.64 -35.78
CA VAL B 698 17.42 -26.36 -37.04
C VAL B 698 18.05 -25.54 -38.15
N TYR B 699 17.63 -24.29 -38.30
CA TYR B 699 18.14 -23.40 -39.33
C TYR B 699 19.07 -22.37 -38.70
N ARG B 700 20.21 -22.12 -39.36
CA ARG B 700 21.18 -21.13 -38.90
C ARG B 700 21.14 -19.86 -39.74
N CYS B 701 19.97 -19.49 -40.26
CA CYS B 701 19.88 -18.30 -41.10
C CYS B 701 20.25 -17.04 -40.33
N GLY B 702 19.49 -16.72 -39.28
CA GLY B 702 19.76 -15.53 -38.49
C GLY B 702 19.17 -15.68 -37.11
N GLU B 703 19.02 -14.55 -36.43
CA GLU B 703 18.43 -14.50 -35.10
C GLU B 703 17.02 -13.93 -35.17
N LEU B 704 16.17 -14.33 -34.22
CA LEU B 704 14.82 -13.82 -34.12
C LEU B 704 14.59 -13.08 -32.81
N GLU B 705 15.06 -13.65 -31.70
CA GLU B 705 15.11 -12.99 -30.39
C GLU B 705 13.73 -12.74 -29.79
N LEU B 706 12.68 -12.99 -30.56
CA LEU B 706 11.30 -13.05 -30.09
C LEU B 706 10.96 -11.87 -29.16
N ARG B 707 11.03 -10.68 -29.72
CA ARG B 707 10.83 -9.47 -28.94
C ARG B 707 9.35 -9.13 -28.81
N ARG B 708 9.07 -8.12 -28.01
CA ARG B 708 7.73 -7.63 -27.71
C ARG B 708 7.64 -6.14 -28.03
N PRO B 709 6.46 -5.66 -28.43
CA PRO B 709 6.32 -4.23 -28.74
C PRO B 709 6.20 -3.35 -27.51
N ASP B 710 5.90 -3.96 -26.36
CA ASP B 710 5.81 -3.18 -25.12
C ASP B 710 7.14 -2.55 -24.74
N CYS B 711 8.24 -3.07 -25.27
CA CYS B 711 9.56 -2.47 -25.07
C CYS B 711 9.76 -1.29 -26.01
N SER B 712 11.00 -0.84 -26.15
CA SER B 712 11.36 0.27 -27.05
C SER B 712 10.70 1.57 -26.61
N ARG B 713 11.11 2.02 -25.42
CA ARG B 713 10.67 3.31 -24.92
C ARG B 713 11.19 4.41 -25.84
N PRO B 714 10.44 5.50 -26.01
CA PRO B 714 10.89 6.56 -26.92
C PRO B 714 12.10 7.29 -26.37
N THR B 715 12.90 7.82 -27.30
CA THR B 715 14.09 8.58 -26.96
C THR B 715 13.72 10.00 -26.61
N SER B 716 14.71 10.91 -26.60
CA SER B 716 14.48 12.29 -26.21
C SER B 716 13.32 12.92 -26.98
N GLU B 717 13.10 12.49 -28.23
CA GLU B 717 11.97 13.03 -28.99
C GLU B 717 11.54 12.03 -30.06
N GLY B 718 10.28 11.61 -29.99
CA GLY B 718 9.55 10.96 -31.06
C GLY B 718 10.26 9.89 -31.87
N ARG B 719 11.26 9.22 -31.30
CA ARG B 719 12.01 8.19 -31.98
C ARG B 719 11.87 6.88 -31.22
N TYR B 720 11.70 5.79 -31.95
CA TYR B 720 11.36 4.52 -31.32
C TYR B 720 12.31 3.39 -31.67
N ARG B 721 12.82 3.35 -32.90
CA ARG B 721 13.83 2.39 -33.35
C ARG B 721 13.49 0.95 -32.95
N TYR B 722 12.39 0.47 -33.51
CA TYR B 722 12.00 -0.92 -33.35
C TYR B 722 13.06 -1.84 -33.94
N PRO B 723 13.75 -2.64 -33.14
CA PRO B 723 14.84 -3.48 -33.66
C PRO B 723 14.29 -4.65 -34.44
N PRO B 724 15.13 -5.31 -35.24
CA PRO B 724 14.66 -6.46 -36.02
C PRO B 724 14.33 -7.66 -35.15
N GLY B 725 13.42 -8.50 -35.66
CA GLY B 725 12.96 -9.67 -34.94
C GLY B 725 11.49 -9.95 -35.17
N VAL B 726 10.97 -11.02 -34.59
CA VAL B 726 9.57 -11.41 -34.75
C VAL B 726 8.83 -11.06 -33.47
N TYR B 727 7.82 -10.20 -33.58
CA TYR B 727 7.11 -9.69 -32.41
C TYR B 727 5.83 -10.46 -32.19
N LEU B 728 5.25 -10.27 -31.00
CA LEU B 728 4.02 -10.97 -30.63
C LEU B 728 2.77 -10.12 -30.80
N THR B 729 2.82 -8.86 -30.34
CA THR B 729 1.84 -7.82 -30.69
C THR B 729 0.43 -8.09 -30.15
N TYR B 730 0.17 -9.30 -29.64
CA TYR B 730 -1.04 -9.62 -28.89
C TYR B 730 -2.33 -9.22 -29.62
N ASP B 731 -2.27 -9.01 -30.93
CA ASP B 731 -3.40 -8.50 -31.69
C ASP B 731 -4.01 -9.62 -32.52
N SER B 732 -5.26 -10.00 -32.20
CA SER B 732 -5.91 -11.09 -32.92
C SER B 732 -6.14 -10.78 -34.39
N ASP B 733 -5.93 -9.54 -34.83
CA ASP B 733 -6.11 -9.17 -36.22
C ASP B 733 -4.82 -9.26 -37.03
N CYS B 734 -3.67 -9.18 -36.37
CA CYS B 734 -2.37 -9.25 -37.01
C CYS B 734 -1.34 -9.63 -35.95
N PRO B 735 -1.38 -10.86 -35.44
CA PRO B 735 -0.53 -11.21 -34.30
C PRO B 735 0.95 -11.14 -34.61
N LEU B 736 1.43 -11.89 -35.59
CA LEU B 736 2.87 -12.00 -35.81
C LEU B 736 3.32 -10.96 -36.82
N VAL B 737 4.31 -10.17 -36.44
CA VAL B 737 4.91 -9.15 -37.30
C VAL B 737 6.41 -9.39 -37.25
N ALA B 738 6.98 -9.80 -38.38
CA ALA B 738 8.41 -10.07 -38.44
C ALA B 738 9.12 -8.93 -39.16
N ILE B 739 9.96 -8.21 -38.43
CA ILE B 739 10.83 -7.18 -39.00
C ILE B 739 12.14 -7.88 -39.37
N VAL B 740 12.30 -8.21 -40.65
CA VAL B 740 13.49 -8.94 -41.08
C VAL B 740 14.69 -8.00 -41.08
N GLU B 741 14.52 -6.78 -41.56
CA GLU B 741 15.57 -5.76 -41.51
C GLU B 741 14.92 -4.39 -41.55
N SER B 742 15.21 -3.55 -40.56
CA SER B 742 14.54 -2.27 -40.45
C SER B 742 15.32 -1.13 -41.08
N ALA B 743 16.53 -0.86 -40.58
CA ALA B 743 17.30 0.31 -41.01
C ALA B 743 18.67 0.33 -40.35
N PRO B 744 19.63 1.06 -40.92
CA PRO B 744 20.92 1.23 -40.22
C PRO B 744 20.79 1.92 -38.89
N ASP B 745 19.80 2.81 -38.74
CA ASP B 745 19.60 3.54 -37.49
C ASP B 745 18.68 2.81 -36.51
N GLY B 746 17.69 2.09 -37.01
CA GLY B 746 16.81 1.32 -36.15
C GLY B 746 15.34 1.59 -36.37
N CYS B 747 15.00 2.84 -36.67
CA CYS B 747 13.60 3.20 -36.87
C CYS B 747 13.07 2.61 -38.17
N ILE B 748 11.76 2.38 -38.19
CA ILE B 748 11.11 1.78 -39.35
C ILE B 748 11.07 2.82 -40.46
N GLY B 749 11.95 2.68 -41.44
CA GLY B 749 12.09 3.64 -42.50
C GLY B 749 11.77 3.05 -43.85
N PRO B 750 12.27 3.68 -44.92
CA PRO B 750 11.91 3.23 -46.28
C PRO B 750 12.43 1.85 -46.62
N ARG B 751 13.45 1.35 -45.90
CA ARG B 751 14.00 0.02 -46.14
C ARG B 751 13.68 -0.95 -45.01
N SER B 752 12.47 -0.90 -44.47
CA SER B 752 12.12 -1.65 -43.27
C SER B 752 11.07 -2.71 -43.55
N VAL B 753 11.25 -3.49 -44.61
CA VAL B 753 10.32 -4.54 -45.00
C VAL B 753 9.93 -5.42 -43.83
N VAL B 754 8.63 -5.50 -43.57
CA VAL B 754 8.07 -6.31 -42.49
C VAL B 754 7.12 -7.33 -43.08
N VAL B 755 6.79 -8.35 -42.30
CA VAL B 755 5.90 -9.42 -42.73
C VAL B 755 4.82 -9.63 -41.69
N TYR B 756 3.59 -9.24 -41.99
CA TYR B 756 2.44 -9.59 -41.16
C TYR B 756 2.10 -11.05 -41.39
N ASP B 757 1.50 -11.69 -40.38
CA ASP B 757 0.93 -13.02 -40.53
C ASP B 757 0.13 -13.39 -39.31
N ARG B 758 -0.96 -14.12 -39.54
CA ARG B 758 -1.68 -14.81 -38.47
C ARG B 758 -1.04 -16.14 -38.12
N ASP B 759 -0.21 -16.69 -39.00
CA ASP B 759 0.26 -18.07 -38.90
C ASP B 759 1.72 -18.07 -38.48
N VAL B 760 2.01 -18.69 -37.33
CA VAL B 760 3.36 -18.64 -36.77
C VAL B 760 4.36 -19.27 -37.73
N PHE B 761 4.04 -20.45 -38.26
CA PHE B 761 4.97 -21.13 -39.16
C PHE B 761 5.10 -20.39 -40.49
N SER B 762 4.06 -19.67 -40.91
CA SER B 762 4.19 -18.83 -42.09
C SER B 762 5.21 -17.72 -41.85
N ILE B 763 5.22 -17.15 -40.65
CA ILE B 763 6.25 -16.17 -40.30
C ILE B 763 7.63 -16.82 -40.29
N LEU B 764 7.73 -18.01 -39.69
CA LEU B 764 9.01 -18.68 -39.61
C LEU B 764 9.54 -19.09 -40.99
N TYR B 765 8.66 -19.24 -41.97
CA TYR B 765 9.10 -19.51 -43.34
C TYR B 765 9.41 -18.23 -44.11
N SER B 766 8.63 -17.18 -43.89
CA SER B 766 8.87 -15.93 -44.59
C SER B 766 10.16 -15.27 -44.10
N VAL B 767 10.49 -15.43 -42.82
CA VAL B 767 11.77 -14.95 -42.31
C VAL B 767 12.91 -15.65 -43.03
N LEU B 768 12.84 -16.97 -43.16
CA LEU B 768 13.88 -17.72 -43.85
C LEU B 768 13.98 -17.30 -45.31
N GLN B 769 12.84 -17.11 -45.97
CA GLN B 769 12.86 -16.70 -47.37
C GLN B 769 13.47 -15.32 -47.54
N HIS B 770 13.14 -14.38 -46.65
CA HIS B 770 13.72 -13.04 -46.69
C HIS B 770 15.07 -12.96 -46.00
N LEU B 771 15.53 -14.05 -45.37
CA LEU B 771 16.81 -14.06 -44.68
C LEU B 771 17.40 -15.47 -44.66
N LEU C 1 3.41 40.40 -24.19
CA LEU C 1 3.38 39.63 -22.94
C LEU C 1 2.40 40.25 -21.94
N ARG C 2 1.42 40.99 -22.46
CA ARG C 2 0.43 41.63 -21.61
C ARG C 2 -0.38 40.59 -20.86
N ASP C 3 -0.61 40.82 -19.58
CA ASP C 3 -1.25 39.82 -18.74
C ASP C 3 -2.76 39.87 -18.87
N THR C 4 -3.41 38.75 -18.53
CA THR C 4 -4.85 38.63 -18.75
C THR C 4 -5.65 39.51 -17.81
N ILE C 5 -5.16 39.72 -16.59
CA ILE C 5 -5.90 40.53 -15.62
C ILE C 5 -5.90 41.99 -16.05
N PRO C 6 -4.79 42.57 -16.60
CA PRO C 6 -4.86 43.88 -17.26
C PRO C 6 -5.26 43.77 -18.74
N ASP C 7 -6.20 42.88 -19.04
CA ASP C 7 -6.74 42.79 -20.39
C ASP C 7 -8.24 43.06 -20.37
N CYS C 8 -8.95 42.41 -19.45
CA CYS C 8 -10.40 42.55 -19.33
C CYS C 8 -10.76 42.89 -17.89
N ALA C 9 -11.45 44.02 -17.70
CA ALA C 9 -11.90 44.42 -16.37
C ALA C 9 -13.22 45.18 -16.49
N LEU C 10 -14.32 44.45 -16.28
CA LEU C 10 -15.64 45.04 -16.41
C LEU C 10 -16.73 44.16 -15.80
N ARG C 11 -17.98 44.50 -16.08
CA ARG C 11 -19.18 43.94 -15.43
C ARG C 11 -19.28 42.45 -15.77
N SER C 12 -20.32 41.79 -15.23
CA SER C 12 -20.43 40.34 -15.14
C SER C 12 -19.98 39.62 -16.41
N GLN C 13 -20.67 39.84 -17.53
CA GLN C 13 -20.24 39.29 -18.81
C GLN C 13 -19.94 37.80 -18.70
N THR C 14 -20.99 36.99 -18.53
CA THR C 14 -20.87 35.59 -18.17
C THR C 14 -19.71 34.90 -18.87
N LEU C 15 -19.01 34.05 -18.11
CA LEU C 15 -17.69 33.53 -18.45
C LEU C 15 -17.53 33.12 -19.91
N GLU C 16 -18.53 32.46 -20.49
CA GLU C 16 -18.43 32.05 -21.90
C GLU C 16 -18.29 33.22 -22.85
N SER C 17 -18.92 34.36 -22.55
CA SER C 17 -18.74 35.54 -23.38
C SER C 17 -17.29 36.00 -23.37
N LEU C 18 -16.65 35.99 -22.20
CA LEU C 18 -15.25 36.38 -22.10
C LEU C 18 -14.37 35.40 -22.86
N ASP C 19 -14.62 34.10 -22.70
CA ASP C 19 -13.89 33.09 -23.45
C ASP C 19 -14.01 33.33 -24.96
N ALA C 20 -15.22 33.69 -25.40
CA ALA C 20 -15.44 33.94 -26.83
C ALA C 20 -14.70 35.19 -27.30
N ARG C 21 -14.69 36.24 -26.50
CA ARG C 21 -14.20 37.54 -26.96
C ARG C 21 -12.69 37.71 -26.80
N TYR C 22 -12.07 37.03 -25.83
CA TYR C 22 -10.69 37.37 -25.48
C TYR C 22 -9.70 36.25 -25.78
N VAL C 23 -10.00 35.01 -25.42
CA VAL C 23 -9.00 33.95 -25.49
C VAL C 23 -9.27 32.93 -26.58
N SER C 24 -10.53 32.68 -26.95
CA SER C 24 -10.80 31.74 -28.03
C SER C 24 -10.48 32.32 -29.40
N ARG C 25 -10.33 33.64 -29.49
CA ARG C 25 -9.96 34.27 -30.76
C ARG C 25 -8.61 33.72 -31.22
N ASP C 26 -8.55 33.34 -32.50
CA ASP C 26 -7.34 32.75 -33.05
C ASP C 26 -6.24 33.78 -33.28
N GLY C 27 -6.58 35.07 -33.38
CA GLY C 27 -5.59 36.10 -33.58
C GLY C 27 -4.78 36.45 -32.34
N ALA C 28 -5.02 35.77 -31.22
CA ALA C 28 -4.31 36.04 -29.99
C ALA C 28 -3.00 35.25 -29.93
N HIS C 29 -2.16 35.61 -28.95
CA HIS C 29 -0.86 34.98 -28.77
C HIS C 29 -0.80 34.04 -27.57
N ASP C 30 -1.68 34.24 -26.59
CA ASP C 30 -1.80 33.35 -25.42
C ASP C 30 -0.50 33.32 -24.62
N ALA C 31 -0.08 34.49 -24.17
CA ALA C 31 0.98 34.63 -23.17
C ALA C 31 0.34 34.74 -21.80
N ALA C 32 1.10 35.19 -20.80
CA ALA C 32 0.55 35.55 -19.50
C ALA C 32 -0.09 34.39 -18.76
N VAL C 33 0.72 33.45 -18.28
CA VAL C 33 0.22 32.29 -17.55
C VAL C 33 0.19 32.61 -16.06
N TRP C 34 0.22 33.90 -15.72
CA TRP C 34 0.13 34.33 -14.33
C TRP C 34 -1.27 34.10 -13.80
N PHE C 35 -1.40 33.25 -12.79
CA PHE C 35 -2.66 33.08 -12.08
C PHE C 35 -2.90 34.28 -11.16
N GLU C 36 -3.98 34.22 -10.39
CA GLU C 36 -4.30 35.26 -9.43
C GLU C 36 -4.34 34.67 -8.03
N ASP C 37 -4.70 35.51 -7.06
CA ASP C 37 -4.82 35.11 -5.67
C ASP C 37 -6.28 35.17 -5.27
N MET C 38 -6.90 34.00 -5.08
CA MET C 38 -8.32 33.91 -4.84
C MET C 38 -8.70 33.72 -3.38
N THR C 39 -7.74 33.40 -2.52
CA THR C 39 -8.15 33.24 -1.13
C THR C 39 -8.38 34.60 -0.48
N PRO C 40 -9.48 34.79 0.22
CA PRO C 40 -9.82 36.11 0.74
C PRO C 40 -9.00 36.50 1.96
N ALA C 41 -9.33 37.65 2.55
CA ALA C 41 -8.70 38.09 3.80
C ALA C 41 -9.45 37.62 5.03
N GLU C 42 -10.78 37.55 4.96
CA GLU C 42 -11.56 37.03 6.09
C GLU C 42 -11.30 35.56 6.34
N LEU C 43 -10.64 34.87 5.41
CA LEU C 43 -10.26 33.47 5.60
C LEU C 43 -8.80 33.30 5.99
N GLU C 44 -8.04 34.39 6.07
CA GLU C 44 -6.66 34.33 6.51
C GLU C 44 -6.46 34.82 7.93
N VAL C 45 -7.35 35.67 8.44
CA VAL C 45 -7.25 36.13 9.82
C VAL C 45 -7.52 34.98 10.77
N VAL C 46 -8.43 34.07 10.41
CA VAL C 46 -8.78 32.96 11.27
C VAL C 46 -7.98 31.68 10.97
N PHE C 47 -7.50 31.51 9.74
CA PHE C 47 -6.68 30.36 9.37
C PHE C 47 -5.38 30.88 8.76
N PRO C 48 -4.49 31.45 9.57
CA PRO C 48 -3.33 32.12 9.02
C PRO C 48 -2.12 31.22 8.78
N THR C 49 -2.33 30.07 8.14
CA THR C 49 -1.25 29.14 7.88
C THR C 49 -1.76 28.09 6.91
N THR C 50 -0.93 27.72 5.94
CA THR C 50 -1.32 26.64 5.03
C THR C 50 -1.63 25.35 5.78
N ASP C 51 -0.97 25.13 6.92
CA ASP C 51 -1.31 23.98 7.75
C ASP C 51 -2.70 24.11 8.34
N ALA C 52 -3.00 25.26 8.94
CA ALA C 52 -4.32 25.45 9.52
C ALA C 52 -5.40 25.49 8.45
N LYS C 53 -5.12 26.12 7.32
CA LYS C 53 -6.08 26.13 6.22
C LYS C 53 -6.34 24.72 5.72
N LEU C 54 -5.29 23.90 5.61
CA LEU C 54 -5.48 22.53 5.15
C LEU C 54 -6.25 21.71 6.17
N ASN C 55 -5.99 21.92 7.46
CA ASN C 55 -6.73 21.20 8.49
C ASN C 55 -8.20 21.55 8.47
N TYR C 56 -8.51 22.84 8.27
CA TYR C 56 -9.91 23.25 8.20
C TYR C 56 -10.58 22.71 6.93
N LEU C 57 -9.84 22.75 5.82
CA LEU C 57 -10.34 22.19 4.56
C LEU C 57 -10.60 20.69 4.67
N SER C 58 -9.83 19.99 5.50
CA SER C 58 -10.07 18.57 5.71
C SER C 58 -11.20 18.32 6.70
N ARG C 59 -11.34 19.15 7.72
CA ARG C 59 -12.44 18.99 8.66
C ARG C 59 -13.78 19.16 7.97
N THR C 60 -13.93 20.23 7.19
CA THR C 60 -15.18 20.43 6.48
C THR C 60 -15.44 19.33 5.47
N GLN C 61 -14.38 18.78 4.86
CA GLN C 61 -14.58 17.66 3.94
C GLN C 61 -15.08 16.43 4.67
N ARG C 62 -14.49 16.12 5.83
CA ARG C 62 -14.94 14.98 6.61
C ARG C 62 -16.34 15.19 7.16
N LEU C 63 -16.77 16.43 7.34
CA LEU C 63 -18.16 16.68 7.76
C LEU C 63 -19.13 16.53 6.60
N ALA C 64 -18.80 17.12 5.45
CA ALA C 64 -19.65 16.96 4.27
C ALA C 64 -19.80 15.49 3.89
N SER C 65 -18.71 14.73 3.95
CA SER C 65 -18.78 13.31 3.64
C SER C 65 -19.55 12.51 4.68
N LEU C 66 -20.07 13.17 5.71
CA LEU C 66 -20.97 12.57 6.67
C LEU C 66 -22.41 13.04 6.50
N LEU C 67 -22.59 14.30 6.08
CA LEU C 67 -23.94 14.82 5.91
C LEU C 67 -24.64 14.22 4.69
N THR C 68 -23.89 13.93 3.62
CA THR C 68 -24.52 13.39 2.42
C THR C 68 -24.99 11.96 2.60
N TYR C 69 -24.42 11.23 3.55
CA TYR C 69 -24.75 9.83 3.80
C TYR C 69 -25.37 9.64 5.17
N ALA C 70 -26.25 10.55 5.55
CA ALA C 70 -26.95 10.46 6.83
C ALA C 70 -28.45 10.67 6.63
N THR C 84 -35.20 9.16 -4.62
CA THR C 84 -34.56 9.58 -3.38
C THR C 84 -34.05 8.42 -2.48
N PRO C 85 -34.86 7.36 -2.27
CA PRO C 85 -34.39 6.29 -1.38
C PRO C 85 -33.30 5.42 -1.99
N ASP C 86 -32.11 6.00 -2.20
CA ASP C 86 -30.96 5.17 -2.55
C ASP C 86 -30.73 4.10 -1.49
N THR C 87 -30.49 4.54 -0.26
CA THR C 87 -30.63 3.74 0.95
C THR C 87 -29.52 2.70 1.07
N ALA C 88 -28.72 2.52 0.01
CA ALA C 88 -27.53 1.69 0.12
C ALA C 88 -26.27 2.51 -0.11
N CYS C 89 -26.10 3.11 -1.29
CA CYS C 89 -25.01 4.04 -1.57
C CYS C 89 -23.68 3.53 -1.02
N VAL C 90 -23.16 2.45 -1.58
CA VAL C 90 -22.13 1.62 -0.94
C VAL C 90 -21.03 2.44 -0.28
N HIS C 91 -20.80 3.66 -0.77
CA HIS C 91 -19.96 4.60 -0.03
C HIS C 91 -20.50 4.85 1.37
N GLY C 92 -21.82 4.94 1.50
CA GLY C 92 -22.40 5.11 2.83
C GLY C 92 -22.15 3.93 3.73
N GLU C 93 -22.26 2.71 3.20
CA GLU C 93 -21.97 1.53 4.00
C GLU C 93 -20.50 1.46 4.37
N LEU C 94 -19.61 1.86 3.47
CA LEU C 94 -18.19 1.93 3.80
C LEU C 94 -17.94 2.95 4.91
N LEU C 95 -18.58 4.12 4.82
CA LEU C 95 -18.36 5.15 5.83
C LEU C 95 -18.99 4.78 7.17
N ALA C 96 -20.01 3.94 7.18
CA ALA C 96 -20.53 3.45 8.45
C ALA C 96 -19.65 2.34 9.02
N ARG C 97 -19.13 1.46 8.16
CA ARG C 97 -18.24 0.40 8.62
C ARG C 97 -16.96 0.97 9.18
N LYS C 98 -16.42 2.01 8.53
CA LYS C 98 -15.19 2.63 9.00
C LYS C 98 -15.38 3.26 10.38
N ARG C 99 -16.53 3.93 10.58
CA ARG C 99 -16.80 4.54 11.87
C ARG C 99 -17.00 3.48 12.95
N GLU C 100 -17.78 2.43 12.65
CA GLU C 100 -18.00 1.37 13.63
C GLU C 100 -16.77 0.53 13.88
N ARG C 101 -15.77 0.58 12.99
CA ARG C 101 -14.50 -0.06 13.26
C ARG C 101 -13.61 0.82 14.12
N PHE C 102 -13.56 2.11 13.80
CA PHE C 102 -12.72 3.03 14.56
C PHE C 102 -13.20 3.15 16.00
N ALA C 103 -14.52 3.12 16.21
CA ALA C 103 -15.04 3.17 17.58
C ALA C 103 -14.53 2.00 18.40
N ALA C 104 -14.69 0.79 17.90
CA ALA C 104 -14.21 -0.39 18.61
C ALA C 104 -12.71 -0.35 18.80
N VAL C 105 -11.97 0.13 17.79
CA VAL C 105 -10.52 0.11 17.87
C VAL C 105 -10.03 1.10 18.94
N ILE C 106 -10.60 2.29 18.98
CA ILE C 106 -10.18 3.25 20.01
C ILE C 106 -10.61 2.78 21.39
N ASN C 107 -11.79 2.14 21.49
CA ASN C 107 -12.22 1.65 22.80
C ASN C 107 -11.30 0.55 23.30
N ARG C 108 -10.88 -0.35 22.43
CA ARG C 108 -9.97 -1.42 22.85
C ARG C 108 -8.58 -0.89 23.11
N PHE C 109 -8.14 0.13 22.35
CA PHE C 109 -6.84 0.73 22.61
C PHE C 109 -6.80 1.39 23.99
N LEU C 110 -7.91 1.99 24.42
CA LEU C 110 -7.97 2.52 25.78
C LEU C 110 -8.06 1.41 26.80
N ASP C 111 -8.91 0.40 26.54
CA ASP C 111 -9.16 -0.64 27.53
C ASP C 111 -7.92 -1.49 27.79
N LEU C 112 -7.15 -1.76 26.73
CA LEU C 112 -5.96 -2.61 26.89
C LEU C 112 -4.93 -1.95 27.79
N HIS C 113 -4.72 -0.65 27.63
CA HIS C 113 -3.80 0.07 28.51
C HIS C 113 -4.39 0.33 29.87
N GLN C 114 -5.73 0.30 30.00
CA GLN C 114 -6.31 0.24 31.33
C GLN C 114 -5.98 -1.08 32.01
N ILE C 115 -5.91 -2.17 31.24
CA ILE C 115 -5.68 -3.49 31.82
C ILE C 115 -4.19 -3.70 32.11
N LEU C 116 -3.31 -3.13 31.29
CA LEU C 116 -1.87 -3.34 31.46
C LEU C 116 -1.36 -2.90 32.84
N ARG C 117 -2.11 -2.08 33.56
CA ARG C 117 -1.70 -1.65 34.89
C ARG C 117 -2.02 -2.72 35.93
#